data_7DEA
#
_entry.id   7DEA
#
_cell.length_a   189.413
_cell.length_b   109.367
_cell.length_c   135.913
_cell.angle_alpha   90.00
_cell.angle_beta   90.02
_cell.angle_gamma   90.00
#
_symmetry.space_group_name_H-M   'C 1 2 1'
#
loop_
_entity.id
_entity.type
_entity.pdbx_description
1 polymer Hemagglutinin
2 polymer Hemagglutinin
3 branched 2-acetamido-2-deoxy-beta-D-glucopyranose-(1-4)-2-acetamido-2-deoxy-beta-D-glucopyranose
4 non-polymer 2-acetamido-2-deoxy-beta-D-glucopyranose
5 water water
#
loop_
_entity_poly.entity_id
_entity_poly.type
_entity_poly.pdbx_seq_one_letter_code
_entity_poly.pdbx_strand_id
1 'polypeptide(L)'
;DQICIGYHANNSTEQVDTIMEKNVTVTHAQDILEKTHNGKLCDLNGVKPLILKDCSVAGWLLGNPMCDEFIRVPEWSYIV
ERANPANDLCYPGNLNDYEELKHLLSRINHFEKTQIIPKSSWPNHTSSGVSAACPYQGMPSFFRNVVWLTKKNDAYPTIR
MSYNNTNREDLLILWGIHHSNNAEEQTNLYKNPTTYVSVGTSTLNQRLVPKIATRSQVNGQRGRMDFFWTILRPNDAIHF
ESNGNFIAPEYAYKIIKTGDSTIMKSEMEYGNCNTKCQTPIGAINSSMPFHNIHPLTIGECPKYVKSNKLVLATGLRNN
;
A,E,C
2 'polypeptide(L)'
;LFGAIAGFIEGGWQGMVDGWYGYHHSNEQGSGYAADRESTQKAIDGVTNKVNSIIDKMNTQFEAVGREFNNLERRIENLN
KKMEDGFLDVWTYNAELLVLMENERTLDFHDSNVKNLYDKVRLQLRDNAKELGNGCFEFYHKCDNECMESVRNGTYDYPQ
YSEEARLKREE
;
F,D,B
#
# COMPACT_ATOMS: atom_id res chain seq x y z
N ASP A 1 -47.21 43.62 -7.76
CA ASP A 1 -47.88 42.35 -7.78
C ASP A 1 -46.71 41.42 -8.18
N GLN A 2 -46.24 40.56 -7.27
CA GLN A 2 -44.92 39.98 -7.42
C GLN A 2 -44.86 38.53 -6.98
N ILE A 3 -43.95 37.76 -7.58
CA ILE A 3 -43.59 36.43 -7.09
C ILE A 3 -42.11 36.18 -7.30
N CYS A 4 -41.45 35.60 -6.31
CA CYS A 4 -40.01 35.43 -6.34
C CYS A 4 -39.61 33.98 -6.07
N ILE A 5 -38.43 33.63 -6.58
CA ILE A 5 -37.78 32.35 -6.30
C ILE A 5 -36.64 32.57 -5.31
N GLY A 6 -36.59 31.77 -4.26
CA GLY A 6 -35.55 31.88 -3.26
C GLY A 6 -35.22 30.56 -2.61
N TYR A 7 -34.31 30.60 -1.63
CA TYR A 7 -33.80 29.40 -1.00
C TYR A 7 -33.63 29.61 0.50
N HIS A 8 -33.46 28.49 1.20
CA HIS A 8 -33.36 28.45 2.65
C HIS A 8 -32.14 29.23 3.16
N ALA A 9 -32.31 29.86 4.32
CA ALA A 9 -31.21 30.36 5.14
C ALA A 9 -31.63 30.24 6.59
N ASN A 10 -30.66 30.11 7.49
CA ASN A 10 -30.98 29.94 8.92
C ASN A 10 -29.79 30.37 9.77
N ASN A 11 -29.87 30.08 11.07
CA ASN A 11 -28.86 30.50 12.04
C ASN A 11 -27.58 29.69 11.93
N SER A 12 -27.63 28.51 11.30
CA SER A 12 -26.52 27.56 11.22
C SER A 12 -25.16 28.23 11.06
N THR A 13 -24.19 27.74 11.83
CA THR A 13 -22.80 28.17 11.72
C THR A 13 -21.91 27.08 11.12
N GLU A 14 -22.47 25.90 10.84
CA GLU A 14 -21.75 24.76 10.26
C GLU A 14 -20.92 25.14 9.04
N GLN A 15 -19.60 25.02 9.15
CA GLN A 15 -18.70 25.24 8.04
C GLN A 15 -18.32 23.92 7.39
N VAL A 16 -18.12 23.96 6.07
CA VAL A 16 -17.55 22.86 5.30
C VAL A 16 -16.47 23.45 4.42
N ASP A 17 -15.68 22.56 3.81
CA ASP A 17 -14.59 22.99 2.96
C ASP A 17 -14.72 22.38 1.58
N THR A 18 -14.06 23.02 0.61
CA THR A 18 -14.03 22.61 -0.79
C THR A 18 -12.62 22.84 -1.28
N ILE A 19 -12.35 22.45 -2.53
CA ILE A 19 -11.01 22.68 -3.06
C ILE A 19 -10.79 24.15 -3.31
N MET A 20 -11.85 24.88 -3.70
CA MET A 20 -11.73 26.30 -4.04
C MET A 20 -11.83 27.20 -2.82
N GLU A 21 -12.70 26.87 -1.87
CA GLU A 21 -13.00 27.77 -0.77
C GLU A 21 -13.06 26.99 0.54
N LYS A 22 -12.39 27.50 1.56
CA LYS A 22 -12.41 26.92 2.89
C LYS A 22 -13.32 27.74 3.80
N ASN A 23 -13.73 27.13 4.90
CA ASN A 23 -14.50 27.79 5.94
C ASN A 23 -15.77 28.42 5.35
N VAL A 24 -16.60 27.57 4.74
CA VAL A 24 -17.81 27.98 4.02
C VAL A 24 -19.01 27.60 4.87
N THR A 25 -19.71 28.61 5.40
CA THR A 25 -20.93 28.35 6.16
C THR A 25 -22.01 27.75 5.27
N VAL A 26 -22.67 26.71 5.77
CA VAL A 26 -23.76 26.06 5.05
C VAL A 26 -24.95 25.89 6.01
N THR A 27 -26.11 25.61 5.43
CA THR A 27 -27.32 25.49 6.24
C THR A 27 -27.43 24.13 6.92
N HIS A 28 -26.92 23.07 6.29
CA HIS A 28 -27.09 21.70 6.77
C HIS A 28 -25.80 20.94 6.50
N ALA A 29 -25.00 20.72 7.53
CA ALA A 29 -23.82 19.86 7.43
C ALA A 29 -24.15 18.45 7.94
N GLN A 30 -23.12 17.60 7.92
CA GLN A 30 -23.19 16.32 8.63
C GLN A 30 -21.77 15.88 8.95
N ASP A 31 -21.48 15.75 10.24
CA ASP A 31 -20.18 15.23 10.67
C ASP A 31 -20.13 13.72 10.46
N ILE A 32 -18.97 13.24 10.03
CA ILE A 32 -18.79 11.81 9.82
C ILE A 32 -17.48 11.35 10.46
N LEU A 33 -16.93 12.16 11.36
CA LEU A 33 -15.69 11.84 12.05
C LEU A 33 -15.95 11.77 13.55
N GLU A 34 -15.79 10.59 14.13
CA GLU A 34 -15.86 10.42 15.58
C GLU A 34 -14.51 10.75 16.18
N LYS A 35 -14.48 11.70 17.13
CA LYS A 35 -13.22 12.16 17.70
C LYS A 35 -13.15 12.02 19.22
N THR A 36 -14.04 11.26 19.84
CA THR A 36 -14.08 11.15 21.29
C THR A 36 -14.07 9.69 21.71
N HIS A 37 -13.29 9.38 22.73
CA HIS A 37 -13.24 8.07 23.35
C HIS A 37 -13.38 8.22 24.86
N ASN A 38 -13.65 7.12 25.54
CA ASN A 38 -13.91 7.16 26.97
C ASN A 38 -12.68 6.91 27.82
N GLY A 39 -11.49 6.83 27.21
CA GLY A 39 -10.26 6.71 27.98
C GLY A 39 -10.18 5.51 28.91
N LYS A 40 -10.86 4.42 28.57
CA LYS A 40 -10.95 3.25 29.44
C LYS A 40 -10.91 1.98 28.61
N LEU A 41 -10.51 0.88 29.25
CA LEU A 41 -10.54 -0.44 28.64
C LEU A 41 -11.79 -1.16 29.12
N CYS A 42 -12.56 -1.72 28.19
CA CYS A 42 -13.89 -2.23 28.48
C CYS A 42 -14.00 -3.68 28.05
N ASP A 43 -15.13 -4.29 28.42
CA ASP A 43 -15.54 -5.54 27.80
C ASP A 43 -15.71 -5.33 26.29
N LEU A 44 -15.88 -6.45 25.58
CA LEU A 44 -16.12 -6.42 24.14
C LEU A 44 -17.27 -7.37 23.86
N ASN A 45 -18.47 -6.82 23.70
CA ASN A 45 -19.72 -7.58 23.70
C ASN A 45 -19.82 -8.40 24.98
N GLY A 46 -19.57 -7.73 26.10
CA GLY A 46 -19.71 -8.37 27.40
C GLY A 46 -18.68 -9.43 27.74
N VAL A 47 -17.55 -9.44 27.04
CA VAL A 47 -16.47 -10.40 27.30
C VAL A 47 -15.25 -9.62 27.80
N LYS A 48 -14.86 -9.88 29.04
CA LYS A 48 -13.82 -9.08 29.67
C LYS A 48 -12.45 -9.42 29.07
N PRO A 49 -11.61 -8.41 28.84
CA PRO A 49 -10.25 -8.70 28.37
C PRO A 49 -9.39 -9.30 29.47
N LEU A 50 -8.34 -10.00 29.04
CA LEU A 50 -7.30 -10.47 29.93
C LEU A 50 -6.26 -9.38 30.07
N ILE A 51 -6.18 -8.78 31.24
CA ILE A 51 -5.26 -7.70 31.47
C ILE A 51 -4.14 -8.15 32.34
N LEU A 52 -2.97 -8.35 31.79
CA LEU A 52 -1.84 -8.79 32.55
C LEU A 52 -1.10 -7.62 33.09
N LYS A 53 -1.66 -6.99 34.10
CA LYS A 53 -1.01 -5.85 34.66
C LYS A 53 0.25 -6.35 35.27
N ASP A 54 1.38 -5.77 34.89
CA ASP A 54 2.69 -6.11 35.43
C ASP A 54 3.30 -7.49 35.20
N CYS A 55 2.66 -8.31 34.39
CA CYS A 55 3.17 -9.60 34.06
C CYS A 55 3.18 -9.57 32.53
N SER A 56 4.27 -9.95 31.91
CA SER A 56 4.38 -10.08 30.48
C SER A 56 3.73 -11.40 30.04
N VAL A 57 3.69 -11.63 28.73
CA VAL A 57 3.13 -12.88 28.22
C VAL A 57 4.01 -14.07 28.58
N ALA A 58 5.33 -13.91 28.48
CA ALA A 58 6.24 -14.97 28.89
C ALA A 58 6.06 -15.32 30.36
N GLY A 59 6.03 -14.30 31.22
CA GLY A 59 5.82 -14.54 32.64
C GLY A 59 4.52 -15.26 32.93
N TRP A 60 3.46 -14.89 32.21
CA TRP A 60 2.18 -15.58 32.35
C TRP A 60 2.29 -17.04 31.92
N LEU A 61 2.78 -17.28 30.70
CA LEU A 61 2.72 -18.63 30.12
C LEU A 61 3.64 -19.60 30.83
N LEU A 62 4.84 -19.14 31.23
CA LEU A 62 5.75 -20.00 31.96
C LEU A 62 5.40 -20.10 33.43
N GLY A 63 4.66 -19.13 33.97
CA GLY A 63 4.27 -19.16 35.36
C GLY A 63 5.27 -18.53 36.30
N ASN A 64 5.65 -17.28 36.02
CA ASN A 64 6.36 -16.48 37.00
C ASN A 64 5.61 -16.49 38.33
N PRO A 65 6.28 -16.72 39.45
CA PRO A 65 5.56 -16.79 40.74
C PRO A 65 4.90 -15.47 41.14
N MET A 66 5.28 -14.36 40.52
CA MET A 66 4.58 -13.09 40.71
C MET A 66 3.35 -12.96 39.81
N CYS A 67 3.09 -13.95 38.96
CA CYS A 67 1.99 -13.92 38.01
C CYS A 67 0.84 -14.84 38.43
N ASP A 68 0.73 -15.09 39.73
CA ASP A 68 -0.23 -16.08 40.23
C ASP A 68 -1.69 -15.74 39.96
N GLU A 69 -2.05 -14.50 39.54
CA GLU A 69 -3.46 -14.26 39.22
C GLU A 69 -3.86 -15.05 38.00
N PHE A 70 -2.89 -15.45 37.19
CA PHE A 70 -3.19 -16.00 35.87
C PHE A 70 -2.97 -17.50 35.84
N ILE A 71 -3.13 -18.15 36.99
CA ILE A 71 -3.10 -19.60 37.06
C ILE A 71 -4.22 -20.19 36.21
N ARG A 72 -5.45 -19.68 36.38
CA ARG A 72 -6.59 -20.19 35.63
C ARG A 72 -7.38 -18.99 35.08
N VAL A 73 -6.94 -18.47 33.94
CA VAL A 73 -7.59 -17.31 33.34
C VAL A 73 -8.86 -17.78 32.62
N PRO A 74 -9.94 -17.01 32.70
CA PRO A 74 -11.13 -17.32 31.91
C PRO A 74 -11.03 -16.74 30.51
N GLU A 75 -11.90 -17.24 29.64
CA GLU A 75 -11.96 -16.79 28.25
C GLU A 75 -11.90 -15.28 28.14
N TRP A 76 -11.14 -14.79 27.17
CA TRP A 76 -10.94 -13.36 26.98
C TRP A 76 -11.37 -12.96 25.58
N SER A 77 -11.51 -11.65 25.40
CA SER A 77 -11.81 -11.03 24.12
C SER A 77 -10.57 -10.48 23.45
N TYR A 78 -9.74 -9.78 24.23
CA TYR A 78 -8.40 -9.38 23.81
C TYR A 78 -7.49 -9.44 25.03
N ILE A 79 -6.20 -9.26 24.79
CA ILE A 79 -5.19 -9.31 25.84
C ILE A 79 -4.56 -7.95 25.92
N VAL A 80 -4.35 -7.45 27.15
CA VAL A 80 -3.72 -6.15 27.36
C VAL A 80 -2.40 -6.39 28.10
N GLU A 81 -1.31 -6.03 27.44
CA GLU A 81 0.03 -6.12 28.01
C GLU A 81 0.60 -4.72 28.17
N ARG A 82 1.33 -4.50 29.26
CA ARG A 82 1.90 -3.18 29.51
C ARG A 82 3.19 -2.98 28.71
N ALA A 83 3.72 -1.75 28.78
CA ALA A 83 4.86 -1.39 27.95
C ALA A 83 6.15 -2.06 28.43
N ASN A 84 6.37 -2.11 29.74
CA ASN A 84 7.57 -2.73 30.31
C ASN A 84 7.16 -3.43 31.59
N PRO A 85 6.54 -4.59 31.50
CA PRO A 85 6.08 -5.28 32.71
C PRO A 85 7.26 -5.76 33.52
N ALA A 86 7.06 -5.80 34.84
CA ALA A 86 8.16 -6.13 35.73
C ALA A 86 8.42 -7.64 35.79
N ASN A 87 7.35 -8.43 35.80
CA ASN A 87 7.45 -9.87 36.00
C ASN A 87 7.50 -10.55 34.65
N ASP A 88 8.70 -10.92 34.22
CA ASP A 88 8.93 -11.57 32.94
C ASP A 88 10.26 -12.25 32.98
N LEU A 89 10.28 -13.54 32.92
CA LEU A 89 11.51 -14.34 32.98
C LEU A 89 12.36 -13.93 34.18
N CYS A 90 11.91 -14.33 35.36
CA CYS A 90 12.66 -14.04 36.58
C CYS A 90 14.07 -14.59 36.49
N TYR A 91 14.21 -15.88 36.18
CA TYR A 91 15.51 -16.41 35.80
C TYR A 91 15.82 -15.95 34.38
N PRO A 92 16.92 -15.23 34.15
CA PRO A 92 17.13 -14.60 32.85
C PRO A 92 17.31 -15.61 31.73
N GLY A 93 16.99 -15.16 30.51
CA GLY A 93 17.13 -16.00 29.34
C GLY A 93 16.28 -15.56 28.18
N ASN A 94 15.68 -16.52 27.46
CA ASN A 94 14.92 -16.24 26.26
C ASN A 94 13.74 -17.20 26.16
N LEU A 95 12.62 -16.69 25.67
CA LEU A 95 11.52 -17.52 25.20
C LEU A 95 11.62 -17.49 23.68
N ASN A 96 12.19 -18.54 23.10
CA ASN A 96 12.53 -18.51 21.67
C ASN A 96 11.28 -18.49 20.81
N ASP A 97 11.40 -17.80 19.67
CA ASP A 97 10.26 -17.57 18.78
C ASP A 97 9.10 -16.92 19.53
N TYR A 98 9.45 -15.96 20.39
CA TYR A 98 8.46 -15.27 21.22
C TYR A 98 7.45 -14.50 20.38
N GLU A 99 7.93 -13.76 19.37
CA GLU A 99 7.04 -12.93 18.57
C GLU A 99 6.04 -13.79 17.80
N GLU A 100 6.49 -14.93 17.27
CA GLU A 100 5.58 -15.84 16.59
C GLU A 100 4.56 -16.42 17.56
N LEU A 101 4.97 -16.65 18.81
CA LEU A 101 4.04 -17.12 19.83
C LEU A 101 2.99 -16.06 20.15
N LYS A 102 3.40 -14.80 20.27
CA LYS A 102 2.42 -13.73 20.50
C LYS A 102 1.46 -13.61 19.33
N HIS A 103 1.96 -13.83 18.11
CA HIS A 103 1.09 -13.77 16.95
C HIS A 103 0.10 -14.94 16.95
N LEU A 104 0.55 -16.12 17.39
CA LEU A 104 -0.35 -17.25 17.56
C LEU A 104 -1.38 -16.98 18.66
N LEU A 105 -0.92 -16.33 19.69
CA LEU A 105 -1.73 -16.05 20.83
C LEU A 105 -2.76 -15.01 20.59
N SER A 106 -2.70 -14.36 19.46
CA SER A 106 -3.66 -13.33 19.16
C SER A 106 -4.84 -13.86 18.37
N ARG A 107 -4.85 -15.16 18.16
CA ARG A 107 -5.92 -15.81 17.48
C ARG A 107 -6.47 -16.88 18.42
N ILE A 108 -6.29 -16.69 19.72
CA ILE A 108 -6.74 -17.64 20.70
C ILE A 108 -7.47 -16.89 21.75
N ASN A 109 -8.62 -17.38 22.13
CA ASN A 109 -9.47 -16.75 23.12
C ASN A 109 -9.56 -17.50 24.43
N HIS A 110 -9.24 -18.79 24.44
CA HIS A 110 -9.35 -19.53 25.70
C HIS A 110 -8.37 -20.69 25.75
N PHE A 111 -7.52 -20.66 26.78
CA PHE A 111 -6.67 -21.76 27.23
C PHE A 111 -7.33 -22.47 28.40
N GLU A 112 -7.16 -23.79 28.47
CA GLU A 112 -7.38 -24.53 29.70
C GLU A 112 -6.09 -25.30 29.99
N LYS A 113 -5.34 -24.86 30.98
CA LYS A 113 -4.09 -25.52 31.29
C LYS A 113 -4.35 -26.88 31.87
N THR A 114 -3.41 -27.80 31.66
CA THR A 114 -3.56 -29.17 32.07
C THR A 114 -2.20 -29.75 32.44
N GLN A 115 -2.20 -30.66 33.41
CA GLN A 115 -0.96 -31.22 33.94
C GLN A 115 -0.59 -32.44 33.11
N ILE A 116 0.35 -32.28 32.19
CA ILE A 116 0.74 -33.38 31.33
C ILE A 116 1.80 -34.28 31.99
N ILE A 117 2.66 -33.72 32.83
CA ILE A 117 3.76 -34.47 33.45
C ILE A 117 3.89 -34.05 34.91
N PRO A 118 3.21 -34.71 35.84
CA PRO A 118 3.28 -34.30 37.23
C PRO A 118 4.67 -34.50 37.81
N LYS A 119 5.02 -33.65 38.78
CA LYS A 119 6.27 -33.82 39.52
C LYS A 119 6.40 -35.22 40.10
N SER A 120 5.27 -35.85 40.44
CA SER A 120 5.24 -37.24 40.88
C SER A 120 5.97 -38.19 39.91
N SER A 121 6.26 -37.75 38.69
CA SER A 121 6.73 -38.63 37.63
C SER A 121 8.25 -38.73 37.52
N TRP A 122 9.00 -38.22 38.50
CA TRP A 122 10.46 -38.18 38.43
C TRP A 122 11.08 -38.89 39.63
N PRO A 123 10.83 -40.19 39.75
CA PRO A 123 11.32 -40.99 40.87
C PRO A 123 12.83 -40.97 41.06
N ASN A 124 13.59 -40.94 39.99
CA ASN A 124 15.04 -40.96 40.07
C ASN A 124 15.75 -39.63 39.95
N HIS A 125 15.00 -38.55 40.10
CA HIS A 125 15.58 -37.21 39.98
C HIS A 125 15.00 -36.27 41.02
N THR A 126 15.70 -35.18 41.26
CA THR A 126 15.18 -34.16 42.17
C THR A 126 14.40 -33.13 41.37
N SER A 127 13.16 -32.86 41.81
CA SER A 127 12.28 -31.94 41.10
C SER A 127 11.93 -30.71 41.93
N SER A 128 12.70 -30.43 42.98
CA SER A 128 12.43 -29.33 43.89
C SER A 128 13.27 -28.10 43.59
N GLY A 129 13.82 -28.01 42.37
CA GLY A 129 14.72 -26.92 42.05
C GLY A 129 14.06 -25.55 42.18
N VAL A 130 14.87 -24.58 42.61
CA VAL A 130 14.37 -23.31 43.10
C VAL A 130 15.49 -22.28 42.95
N SER A 131 15.12 -21.03 42.66
CA SER A 131 16.14 -20.01 42.41
C SER A 131 15.79 -18.72 43.15
N ALA A 132 16.84 -18.04 43.61
CA ALA A 132 16.72 -16.70 44.17
C ALA A 132 16.29 -15.68 43.14
N ALA A 133 16.54 -15.94 41.85
CA ALA A 133 16.09 -15.04 40.79
C ALA A 133 14.58 -14.96 40.71
N CYS A 134 13.87 -15.94 41.27
CA CYS A 134 12.41 -16.01 41.22
C CYS A 134 11.84 -16.00 42.63
N PRO A 135 11.89 -14.86 43.32
CA PRO A 135 11.35 -14.79 44.67
C PRO A 135 9.84 -14.98 44.69
N TYR A 136 9.35 -15.64 45.74
CA TYR A 136 7.93 -15.68 46.04
C TYR A 136 7.79 -15.58 47.56
N GLN A 137 7.17 -14.49 48.03
CA GLN A 137 6.98 -14.24 49.45
C GLN A 137 8.30 -14.36 50.21
N GLY A 138 9.33 -13.71 49.68
CA GLY A 138 10.61 -13.57 50.34
C GLY A 138 11.54 -14.77 50.28
N MET A 139 11.11 -15.86 49.68
CA MET A 139 11.93 -17.07 49.57
C MET A 139 12.12 -17.43 48.11
N PRO A 140 13.20 -18.15 47.77
CA PRO A 140 13.45 -18.45 46.36
C PRO A 140 12.44 -19.43 45.82
N SER A 141 12.09 -19.26 44.55
CA SER A 141 11.03 -20.07 43.94
C SER A 141 11.36 -20.28 42.46
N PHE A 142 10.35 -20.69 41.68
CA PHE A 142 10.59 -21.03 40.29
C PHE A 142 9.28 -21.01 39.53
N PHE A 143 9.39 -20.88 38.20
CA PHE A 143 8.26 -21.00 37.29
C PHE A 143 7.33 -22.15 37.68
N ARG A 144 6.03 -21.89 37.62
CA ARG A 144 5.04 -22.84 38.12
C ARG A 144 4.63 -23.88 37.10
N ASN A 145 4.79 -23.62 35.81
CA ASN A 145 4.36 -24.55 34.77
C ASN A 145 5.49 -25.44 34.27
N VAL A 146 6.66 -25.33 34.87
CA VAL A 146 7.89 -25.89 34.32
C VAL A 146 8.84 -26.23 35.47
N VAL A 147 9.50 -27.39 35.39
CA VAL A 147 10.18 -28.02 36.52
C VAL A 147 11.68 -28.06 36.27
N TRP A 148 12.45 -27.58 37.24
CA TRP A 148 13.92 -27.62 37.21
C TRP A 148 14.40 -28.95 37.78
N LEU A 149 14.70 -29.90 36.89
CA LEU A 149 15.21 -31.20 37.31
C LEU A 149 16.70 -31.12 37.61
N THR A 150 17.10 -31.68 38.74
CA THR A 150 18.49 -31.72 39.19
C THR A 150 18.84 -33.14 39.62
N LYS A 151 20.10 -33.34 40.02
CA LYS A 151 20.57 -34.68 40.33
C LYS A 151 19.97 -35.18 41.64
N LYS A 152 20.10 -36.49 41.86
CA LYS A 152 19.57 -37.16 43.03
C LYS A 152 20.44 -38.37 43.34
N ASN A 153 20.70 -38.60 44.63
CA ASN A 153 21.74 -39.52 45.09
C ASN A 153 22.99 -39.36 44.25
N ASP A 154 23.38 -38.11 43.98
CA ASP A 154 24.53 -37.76 43.14
C ASP A 154 24.54 -38.52 41.83
N ALA A 155 23.36 -38.63 41.20
CA ALA A 155 23.27 -39.16 39.86
C ALA A 155 22.19 -38.41 39.10
N TYR A 156 22.43 -38.19 37.81
CA TYR A 156 21.41 -37.70 36.88
C TYR A 156 21.30 -38.76 35.80
N PRO A 157 20.60 -39.86 36.08
CA PRO A 157 20.38 -40.86 35.03
C PRO A 157 19.64 -40.25 33.86
N THR A 158 19.96 -40.72 32.66
CA THR A 158 19.39 -40.06 31.50
C THR A 158 17.89 -40.31 31.43
N ILE A 159 17.16 -39.25 31.16
CA ILE A 159 15.72 -39.25 31.06
C ILE A 159 15.35 -39.62 29.64
N ARG A 160 14.43 -40.57 29.51
CA ARG A 160 13.81 -40.93 28.24
C ARG A 160 12.32 -41.04 28.54
N MET A 161 11.53 -40.06 28.10
CA MET A 161 10.13 -40.09 28.44
C MET A 161 9.35 -39.33 27.37
N SER A 162 8.10 -39.74 27.18
CA SER A 162 7.26 -39.15 26.15
C SER A 162 5.89 -38.85 26.71
N TYR A 163 5.21 -37.90 26.07
CA TYR A 163 3.84 -37.56 26.40
C TYR A 163 3.02 -37.57 25.12
N ASN A 164 1.91 -38.29 25.14
CA ASN A 164 1.05 -38.47 23.98
C ASN A 164 -0.21 -37.63 24.20
N ASN A 165 -0.49 -36.73 23.26
CA ASN A 165 -1.63 -35.82 23.38
C ASN A 165 -2.94 -36.56 23.16
N THR A 166 -3.57 -37.01 24.25
CA THR A 166 -4.83 -37.71 24.18
C THR A 166 -6.02 -36.77 24.04
N ASN A 167 -5.85 -35.49 24.33
CA ASN A 167 -6.95 -34.53 24.33
C ASN A 167 -7.42 -34.22 22.91
N ARG A 168 -8.65 -33.74 22.83
CA ARG A 168 -9.23 -33.30 21.57
C ARG A 168 -8.44 -32.15 20.95
N GLU A 169 -7.92 -31.25 21.76
CA GLU A 169 -7.40 -29.95 21.34
C GLU A 169 -5.90 -29.98 21.10
N ASP A 170 -5.42 -28.94 20.39
CA ASP A 170 -4.00 -28.66 20.31
C ASP A 170 -3.46 -28.34 21.71
N LEU A 171 -2.19 -28.70 21.93
CA LEU A 171 -1.53 -28.42 23.20
C LEU A 171 -0.35 -27.49 22.97
N LEU A 172 -0.31 -26.38 23.71
CA LEU A 172 0.88 -25.52 23.72
C LEU A 172 1.80 -26.01 24.82
N ILE A 173 2.99 -26.49 24.45
CA ILE A 173 3.92 -27.08 25.40
C ILE A 173 5.19 -26.23 25.41
N LEU A 174 5.61 -25.83 26.61
CA LEU A 174 6.86 -25.13 26.82
C LEU A 174 7.82 -26.01 27.62
N TRP A 175 9.09 -25.99 27.24
CA TRP A 175 10.17 -26.62 27.98
C TRP A 175 11.39 -25.72 27.89
N GLY A 176 12.49 -26.13 28.51
CA GLY A 176 13.67 -25.29 28.45
C GLY A 176 14.95 -26.01 28.77
N ILE A 177 16.05 -25.28 28.59
CA ILE A 177 17.38 -25.76 28.95
C ILE A 177 18.06 -24.68 29.79
N HIS A 178 18.96 -25.11 30.68
CA HIS A 178 19.65 -24.23 31.60
C HIS A 178 21.13 -24.18 31.26
N HIS A 179 21.64 -22.97 31.02
CA HIS A 179 23.06 -22.72 30.79
C HIS A 179 23.72 -22.39 32.11
N SER A 180 24.56 -23.31 32.59
CA SER A 180 25.34 -23.15 33.81
C SER A 180 26.56 -22.27 33.56
N ASN A 181 27.25 -21.92 34.65
CA ASN A 181 28.29 -20.91 34.61
C ASN A 181 29.70 -21.46 34.49
N ASN A 182 29.94 -22.69 34.93
CA ASN A 182 31.27 -23.30 34.88
C ASN A 182 31.13 -24.78 35.17
N ALA A 183 32.23 -25.51 34.98
CA ALA A 183 32.21 -26.96 35.13
C ALA A 183 31.77 -27.38 36.53
N GLU A 184 32.10 -26.59 37.55
CA GLU A 184 31.83 -27.01 38.91
C GLU A 184 30.36 -26.84 39.28
N GLU A 185 29.75 -25.73 38.86
CA GLU A 185 28.30 -25.62 39.02
C GLU A 185 27.58 -26.69 38.22
N GLN A 186 28.08 -26.96 37.01
CA GLN A 186 27.48 -27.98 36.17
C GLN A 186 27.50 -29.34 36.86
N THR A 187 28.60 -29.67 37.56
CA THR A 187 28.67 -30.94 38.27
C THR A 187 27.90 -30.91 39.58
N ASN A 188 27.81 -29.75 40.23
CA ASN A 188 27.05 -29.66 41.47
C ASN A 188 25.56 -29.90 41.24
N LEU A 189 25.01 -29.35 40.15
CA LEU A 189 23.57 -29.46 39.95
C LEU A 189 23.19 -30.76 39.26
N TYR A 190 23.95 -31.17 38.27
CA TYR A 190 23.82 -32.45 37.60
C TYR A 190 25.17 -33.14 37.67
N LYS A 191 25.18 -34.46 37.81
CA LYS A 191 26.48 -35.11 37.97
C LYS A 191 27.26 -35.06 36.67
N ASN A 192 26.58 -35.29 35.54
CA ASN A 192 27.25 -35.43 34.25
C ASN A 192 27.78 -34.09 33.74
N PRO A 193 29.02 -34.04 33.26
CA PRO A 193 29.62 -32.73 32.91
C PRO A 193 29.22 -32.22 31.53
N THR A 194 29.05 -33.11 30.56
CA THR A 194 28.62 -32.71 29.22
C THR A 194 27.26 -33.34 28.95
N THR A 195 26.26 -32.49 28.69
CA THR A 195 24.88 -32.91 28.69
C THR A 195 24.17 -32.41 27.42
N TYR A 196 22.89 -32.75 27.31
CA TYR A 196 22.09 -32.42 26.14
C TYR A 196 20.61 -32.57 26.51
N VAL A 197 19.77 -31.94 25.70
CA VAL A 197 18.32 -32.09 25.76
C VAL A 197 17.82 -32.34 24.35
N SER A 198 17.23 -33.50 24.11
CA SER A 198 16.69 -33.87 22.81
C SER A 198 15.17 -33.87 22.90
N VAL A 199 14.53 -33.19 21.95
CA VAL A 199 13.07 -33.11 21.87
C VAL A 199 12.64 -33.54 20.48
N GLY A 200 11.73 -34.50 20.41
CA GLY A 200 11.21 -34.91 19.12
C GLY A 200 9.71 -35.08 19.06
N THR A 201 9.07 -34.49 18.04
CA THR A 201 7.69 -34.83 17.73
C THR A 201 7.62 -35.39 16.32
N SER A 202 6.48 -35.23 15.65
CA SER A 202 6.39 -35.63 14.25
C SER A 202 6.99 -34.59 13.31
N THR A 203 7.11 -33.34 13.78
CA THR A 203 7.69 -32.26 13.02
C THR A 203 8.98 -31.71 13.63
N LEU A 204 9.17 -31.89 14.93
CA LEU A 204 10.24 -31.25 15.68
C LEU A 204 11.37 -32.23 15.95
N ASN A 205 12.61 -31.76 15.82
CA ASN A 205 13.81 -32.59 15.94
C ASN A 205 14.92 -31.73 16.51
N GLN A 206 14.81 -31.45 17.81
CA GLN A 206 15.65 -30.47 18.50
C GLN A 206 16.74 -31.17 19.32
N ARG A 207 17.95 -30.63 19.26
CA ARG A 207 19.02 -30.98 20.20
C ARG A 207 19.59 -29.69 20.77
N LEU A 208 19.44 -29.51 22.08
CA LEU A 208 19.96 -28.37 22.81
C LEU A 208 21.14 -28.82 23.66
N VAL A 209 22.12 -27.94 23.80
CA VAL A 209 23.31 -28.25 24.57
C VAL A 209 23.69 -27.04 25.41
N PRO A 210 23.99 -27.22 26.69
CA PRO A 210 24.32 -26.06 27.53
C PRO A 210 25.56 -25.34 27.01
N LYS A 211 25.47 -24.01 27.00
CA LYS A 211 26.60 -23.15 26.74
C LYS A 211 27.15 -22.72 28.09
N ILE A 212 28.21 -23.39 28.54
CA ILE A 212 28.80 -23.15 29.84
C ILE A 212 29.89 -22.10 29.63
N ALA A 213 29.59 -20.87 30.03
CA ALA A 213 30.49 -19.75 29.76
C ALA A 213 30.10 -18.60 30.69
N THR A 214 30.96 -17.59 30.76
CA THR A 214 30.77 -16.48 31.67
C THR A 214 29.94 -15.40 31.00
N ARG A 215 28.85 -15.00 31.65
CA ARG A 215 27.95 -13.99 31.13
C ARG A 215 27.80 -12.85 32.13
N SER A 216 27.10 -11.80 31.72
CA SER A 216 26.81 -10.70 32.62
C SER A 216 25.73 -11.10 33.62
N GLN A 217 25.72 -10.41 34.76
CA GLN A 217 24.76 -10.70 35.82
C GLN A 217 23.42 -10.01 35.51
N VAL A 218 22.35 -10.79 35.56
CA VAL A 218 21.01 -10.29 35.27
C VAL A 218 20.05 -10.93 36.27
N ASN A 219 19.33 -10.09 37.03
CA ASN A 219 18.54 -10.55 38.18
C ASN A 219 19.40 -11.38 39.13
N GLY A 220 20.65 -10.95 39.30
CA GLY A 220 21.57 -11.65 40.17
C GLY A 220 22.05 -12.99 39.68
N GLN A 221 21.99 -13.24 38.38
CA GLN A 221 22.31 -14.55 37.84
C GLN A 221 23.14 -14.41 36.57
N ARG A 222 24.27 -15.12 36.52
CA ARG A 222 25.02 -15.25 35.27
C ARG A 222 24.57 -16.45 34.45
N GLY A 223 23.92 -17.43 35.08
CA GLY A 223 23.31 -18.51 34.33
C GLY A 223 22.15 -18.02 33.51
N ARG A 224 21.70 -18.87 32.59
CA ARG A 224 20.62 -18.47 31.69
C ARG A 224 19.68 -19.65 31.48
N MET A 225 18.47 -19.36 31.02
CA MET A 225 17.55 -20.41 30.64
C MET A 225 16.92 -20.06 29.29
N ASP A 226 17.04 -20.96 28.34
CA ASP A 226 16.43 -20.79 27.03
C ASP A 226 15.21 -21.69 26.96
N PHE A 227 14.04 -21.08 26.78
CA PHE A 227 12.80 -21.81 26.72
C PHE A 227 12.31 -21.90 25.29
N PHE A 228 11.65 -23.01 24.98
CA PHE A 228 11.12 -23.28 23.66
C PHE A 228 9.70 -23.79 23.82
N TRP A 229 8.95 -23.69 22.73
CA TRP A 229 7.56 -24.09 22.74
C TRP A 229 7.21 -24.77 21.44
N THR A 230 6.15 -25.56 21.48
CA THR A 230 5.61 -26.17 20.27
C THR A 230 4.13 -26.42 20.47
N ILE A 231 3.46 -26.70 19.36
CA ILE A 231 2.04 -27.05 19.37
C ILE A 231 1.96 -28.54 19.09
N LEU A 232 1.78 -29.32 20.15
CA LEU A 232 1.57 -30.75 20.02
C LEU A 232 0.15 -30.99 19.54
N ARG A 233 0.01 -31.56 18.36
CA ARG A 233 -1.30 -31.76 17.76
C ARG A 233 -1.93 -33.03 18.33
N PRO A 234 -3.25 -33.15 18.28
CA PRO A 234 -3.91 -34.29 18.93
C PRO A 234 -3.50 -35.61 18.29
N ASN A 235 -3.19 -36.58 19.15
CA ASN A 235 -2.71 -37.93 18.87
C ASN A 235 -1.22 -37.96 18.53
N ASP A 236 -0.57 -36.80 18.38
CA ASP A 236 0.87 -36.80 18.28
C ASP A 236 1.48 -36.85 19.68
N ALA A 237 2.76 -37.21 19.75
CA ALA A 237 3.46 -37.34 21.02
C ALA A 237 4.79 -36.60 20.94
N ILE A 238 5.27 -36.21 22.12
CA ILE A 238 6.53 -35.48 22.28
C ILE A 238 7.49 -36.35 23.07
N HIS A 239 8.75 -36.37 22.66
CA HIS A 239 9.75 -37.31 23.19
C HIS A 239 10.93 -36.50 23.73
N PHE A 240 11.04 -36.43 25.05
CA PHE A 240 12.16 -35.78 25.72
C PHE A 240 13.21 -36.80 26.12
N GLU A 241 14.48 -36.39 26.02
CA GLU A 241 15.59 -37.24 26.44
C GLU A 241 16.72 -36.31 26.86
N SER A 242 17.11 -36.36 28.12
CA SER A 242 18.19 -35.50 28.58
C SER A 242 19.07 -36.24 29.57
N ASN A 243 20.28 -35.73 29.78
CA ASN A 243 21.09 -36.20 30.90
C ASN A 243 21.60 -35.03 31.75
N GLY A 244 20.92 -33.90 31.71
CA GLY A 244 21.30 -32.73 32.48
C GLY A 244 20.78 -31.46 31.84
N ASN A 245 20.60 -30.44 32.68
CA ASN A 245 20.23 -29.08 32.29
C ASN A 245 18.84 -29.00 31.66
N PHE A 246 18.04 -30.05 31.80
CA PHE A 246 16.70 -30.09 31.24
C PHE A 246 15.73 -29.39 32.18
N ILE A 247 14.89 -28.52 31.63
CA ILE A 247 13.81 -27.90 32.38
C ILE A 247 12.52 -28.38 31.75
N ALA A 248 11.85 -29.32 32.43
CA ALA A 248 10.79 -30.16 31.87
C ALA A 248 9.44 -29.48 31.97
N PRO A 249 8.51 -29.82 31.08
CA PRO A 249 7.13 -29.37 31.26
C PRO A 249 6.49 -30.08 32.43
N GLU A 250 5.63 -29.35 33.14
CA GLU A 250 4.64 -29.96 34.00
C GLU A 250 3.24 -29.62 33.54
N TYR A 251 2.96 -28.33 33.29
CA TYR A 251 1.67 -27.89 32.80
C TYR A 251 1.78 -27.41 31.35
N ALA A 252 0.80 -27.79 30.55
CA ALA A 252 0.63 -27.31 29.19
C ALA A 252 -0.74 -26.68 29.04
N TYR A 253 -0.95 -25.97 27.95
CA TYR A 253 -2.19 -25.25 27.73
C TYR A 253 -2.99 -25.89 26.59
N LYS A 254 -4.20 -26.34 26.91
CA LYS A 254 -5.15 -26.76 25.89
C LYS A 254 -5.71 -25.53 25.20
N ILE A 255 -5.57 -25.46 23.88
CA ILE A 255 -6.16 -24.38 23.10
C ILE A 255 -7.60 -24.77 22.82
N ILE A 256 -8.54 -24.19 23.57
CA ILE A 256 -9.93 -24.61 23.49
C ILE A 256 -10.82 -23.61 22.78
N LYS A 257 -10.46 -22.33 22.74
CA LYS A 257 -11.22 -21.43 21.87
C LYS A 257 -10.30 -20.52 21.07
N THR A 258 -10.57 -20.43 19.76
CA THR A 258 -9.62 -19.94 18.77
C THR A 258 -10.34 -19.00 17.80
N GLY A 259 -10.85 -17.90 18.35
CA GLY A 259 -11.59 -16.96 17.53
C GLY A 259 -10.73 -15.79 17.08
N ASP A 260 -11.15 -14.58 17.45
CA ASP A 260 -10.49 -13.36 16.98
C ASP A 260 -10.10 -12.52 18.19
N SER A 261 -8.86 -12.05 18.19
CA SER A 261 -8.33 -11.27 19.30
C SER A 261 -7.10 -10.50 18.83
N THR A 262 -6.45 -9.82 19.77
CA THR A 262 -5.22 -9.11 19.54
C THR A 262 -4.52 -8.97 20.89
N ILE A 263 -3.24 -8.64 20.85
CA ILE A 263 -2.51 -8.28 22.05
C ILE A 263 -2.26 -6.78 21.96
N MET A 264 -2.91 -6.04 22.84
CA MET A 264 -2.99 -4.59 22.81
C MET A 264 -2.08 -4.06 23.92
N LYS A 265 -1.19 -3.15 23.55
CA LYS A 265 -0.24 -2.59 24.51
C LYS A 265 -0.79 -1.26 24.99
N SER A 266 -1.36 -1.27 26.19
CA SER A 266 -1.91 -0.09 26.83
C SER A 266 -1.48 -0.10 28.29
N GLU A 267 -1.16 1.08 28.80
CA GLU A 267 -0.82 1.24 30.20
C GLU A 267 -2.05 1.43 31.08
N MET A 268 -3.24 1.33 30.50
CA MET A 268 -4.48 1.72 31.15
C MET A 268 -5.04 0.59 32.01
N GLU A 269 -6.07 0.93 32.79
CA GLU A 269 -6.72 0.03 33.71
C GLU A 269 -8.15 -0.25 33.26
N TYR A 270 -8.71 -1.33 33.82
CA TYR A 270 -10.08 -1.72 33.51
C TYR A 270 -11.06 -0.61 33.89
N GLY A 271 -12.13 -0.50 33.10
CA GLY A 271 -13.05 0.61 33.26
C GLY A 271 -14.45 0.23 33.72
N ASN A 272 -14.70 -1.07 33.86
CA ASN A 272 -16.02 -1.63 34.20
C ASN A 272 -17.07 -1.31 33.15
N CYS A 273 -16.65 -0.77 32.01
CA CYS A 273 -17.53 -0.43 30.91
C CYS A 273 -17.74 -1.62 29.97
N ASN A 274 -18.58 -1.42 28.97
CA ASN A 274 -18.72 -2.33 27.84
C ASN A 274 -18.63 -1.51 26.55
N THR A 275 -18.26 -2.17 25.47
CA THR A 275 -18.14 -1.48 24.19
C THR A 275 -18.23 -2.47 23.05
N LYS A 276 -18.45 -1.93 21.85
CA LYS A 276 -18.34 -2.69 20.61
C LYS A 276 -17.08 -2.32 19.85
N CYS A 277 -16.28 -1.40 20.39
CA CYS A 277 -15.07 -0.90 19.72
C CYS A 277 -14.05 -0.49 20.76
N GLN A 278 -12.92 -1.21 20.83
CA GLN A 278 -11.86 -0.89 21.77
C GLN A 278 -10.59 -0.44 21.05
N THR A 279 -9.93 0.55 21.61
CA THR A 279 -8.61 1.00 21.17
C THR A 279 -7.67 1.05 22.37
N PRO A 280 -6.36 1.01 22.13
CA PRO A 280 -5.38 1.15 23.23
C PRO A 280 -5.64 2.31 24.18
N ILE A 281 -6.19 3.43 23.71
CA ILE A 281 -6.33 4.62 24.55
C ILE A 281 -7.78 4.86 24.97
N GLY A 282 -8.69 3.95 24.65
CA GLY A 282 -10.07 4.08 25.08
C GLY A 282 -11.02 3.47 24.06
N ALA A 283 -12.26 3.30 24.49
CA ALA A 283 -13.27 2.64 23.68
C ALA A 283 -14.13 3.68 22.94
N ILE A 284 -15.07 3.18 22.13
CA ILE A 284 -15.81 4.02 21.18
C ILE A 284 -17.27 3.58 21.16
N ASN A 285 -18.17 4.50 21.51
CA ASN A 285 -19.62 4.33 21.36
C ASN A 285 -20.06 5.31 20.27
N SER A 286 -20.10 4.84 19.03
CA SER A 286 -20.32 5.76 17.93
C SER A 286 -20.81 5.00 16.70
N SER A 287 -21.68 5.65 15.94
CA SER A 287 -22.08 5.17 14.62
C SER A 287 -21.58 6.10 13.52
N MET A 288 -20.58 6.91 13.80
CA MET A 288 -19.86 7.61 12.74
C MET A 288 -19.16 6.59 11.86
N PRO A 289 -18.92 6.91 10.58
CA PRO A 289 -18.18 5.99 9.71
C PRO A 289 -16.67 6.12 9.82
N PHE A 290 -16.16 7.16 10.49
CA PHE A 290 -14.72 7.36 10.63
C PHE A 290 -14.40 7.78 12.06
N HIS A 291 -13.14 7.54 12.45
CA HIS A 291 -12.60 8.10 13.67
C HIS A 291 -11.14 8.46 13.46
N ASN A 292 -10.60 9.28 14.35
CA ASN A 292 -9.19 9.65 14.33
C ASN A 292 -8.51 9.30 15.64
N ILE A 293 -9.06 8.33 16.38
CA ILE A 293 -8.64 8.09 17.75
C ILE A 293 -7.33 7.31 17.80
N HIS A 294 -7.33 6.10 17.23
CA HIS A 294 -6.12 5.26 17.26
C HIS A 294 -6.23 4.21 16.15
N PRO A 295 -5.13 3.89 15.48
CA PRO A 295 -5.21 2.91 14.38
C PRO A 295 -5.41 1.47 14.83
N LEU A 296 -5.00 1.08 16.03
CA LEU A 296 -5.00 -0.34 16.42
C LEU A 296 -6.31 -0.69 17.13
N THR A 297 -7.37 -0.60 16.35
CA THR A 297 -8.74 -0.93 16.73
C THR A 297 -8.93 -2.45 16.94
N ILE A 298 -9.99 -2.81 17.68
CA ILE A 298 -10.54 -4.16 17.65
C ILE A 298 -12.05 -4.10 17.87
N GLY A 299 -12.79 -4.90 17.09
CA GLY A 299 -14.24 -4.93 17.16
C GLY A 299 -14.89 -4.20 16.00
N GLU A 300 -16.22 -4.14 16.06
CA GLU A 300 -17.04 -3.49 15.03
C GLU A 300 -16.84 -1.98 15.11
N CYS A 301 -16.09 -1.42 14.16
CA CYS A 301 -15.53 -0.09 14.38
C CYS A 301 -15.54 0.76 13.13
N PRO A 302 -15.62 2.08 13.28
CA PRO A 302 -15.31 2.99 12.18
C PRO A 302 -13.91 2.76 11.63
N LYS A 303 -13.61 3.42 10.53
CA LYS A 303 -12.34 3.28 9.85
C LYS A 303 -11.42 4.42 10.25
N TYR A 304 -10.19 4.10 10.65
CA TYR A 304 -9.29 5.12 11.18
C TYR A 304 -8.75 5.99 10.07
N VAL A 305 -8.88 7.30 10.25
CA VAL A 305 -8.23 8.29 9.39
C VAL A 305 -7.52 9.29 10.28
N LYS A 306 -6.53 9.98 9.70
CA LYS A 306 -5.70 10.93 10.42
C LYS A 306 -6.31 12.33 10.49
N SER A 307 -7.38 12.59 9.74
CA SER A 307 -7.98 13.92 9.67
C SER A 307 -8.38 14.42 11.06
N ASN A 308 -8.34 15.74 11.23
CA ASN A 308 -8.93 16.36 12.41
C ASN A 308 -10.41 16.66 12.23
N LYS A 309 -10.86 16.95 11.00
CA LYS A 309 -12.27 17.25 10.76
C LYS A 309 -12.70 16.70 9.41
N LEU A 310 -13.89 16.10 9.38
CA LEU A 310 -14.53 15.64 8.15
C LEU A 310 -16.03 15.94 8.27
N VAL A 311 -16.50 16.98 7.59
CA VAL A 311 -17.92 17.30 7.52
C VAL A 311 -18.35 17.36 6.07
N LEU A 312 -19.43 16.64 5.76
CA LEU A 312 -20.06 16.67 4.45
C LEU A 312 -21.14 17.74 4.41
N ALA A 313 -21.07 18.63 3.42
CA ALA A 313 -22.17 19.56 3.18
C ALA A 313 -23.39 18.80 2.68
N THR A 314 -24.54 19.04 3.31
CA THR A 314 -25.81 18.58 2.79
C THR A 314 -26.74 19.69 2.34
N GLY A 315 -26.54 20.92 2.82
CA GLY A 315 -27.40 22.03 2.46
C GLY A 315 -26.72 23.08 1.62
N LEU A 316 -27.20 24.32 1.72
CA LEU A 316 -26.80 25.40 0.82
C LEU A 316 -25.85 26.35 1.53
N ARG A 317 -25.13 27.15 0.74
CA ARG A 317 -24.37 28.25 1.34
C ARG A 317 -25.33 29.20 2.03
N ASN A 318 -24.98 29.62 3.24
CA ASN A 318 -25.89 30.34 4.13
C ASN A 318 -25.27 31.69 4.43
N ASN A 319 -25.76 32.73 3.76
CA ASN A 319 -25.24 34.09 3.87
C ASN A 319 -23.80 34.11 3.39
N ASP B 1 -46.08 26.15 -37.73
CA ASP B 1 -44.73 25.92 -38.26
C ASP B 1 -43.70 25.91 -37.13
N GLN B 2 -43.00 24.79 -36.96
CA GLN B 2 -42.25 24.54 -35.74
C GLN B 2 -40.90 23.89 -36.02
N ILE B 3 -39.94 24.14 -35.11
CA ILE B 3 -38.69 23.39 -35.10
C ILE B 3 -38.27 23.17 -33.65
N CYS B 4 -37.81 21.96 -33.34
CA CYS B 4 -37.51 21.58 -31.96
C CYS B 4 -36.09 21.02 -31.85
N ILE B 5 -35.55 21.13 -30.64
CA ILE B 5 -34.27 20.52 -30.27
C ILE B 5 -34.56 19.32 -29.39
N GLY B 6 -33.95 18.18 -29.71
CA GLY B 6 -34.14 16.97 -28.94
C GLY B 6 -32.92 16.08 -28.96
N TYR B 7 -33.05 14.92 -28.32
CA TYR B 7 -31.94 14.00 -28.16
C TYR B 7 -32.39 12.56 -28.34
N HIS B 8 -31.40 11.67 -28.48
CA HIS B 8 -31.60 10.25 -28.73
C HIS B 8 -32.35 9.57 -27.59
N ALA B 9 -33.17 8.59 -27.96
CA ALA B 9 -33.69 7.58 -27.03
C ALA B 9 -33.83 6.28 -27.81
N ASN B 10 -33.76 5.15 -27.10
CA ASN B 10 -33.85 3.86 -27.77
C ASN B 10 -34.30 2.79 -26.77
N ASN B 11 -34.24 1.53 -27.22
CA ASN B 11 -34.72 0.40 -26.43
C ASN B 11 -33.78 0.02 -25.28
N SER B 12 -32.51 0.42 -25.36
CA SER B 12 -31.47 0.03 -24.40
C SER B 12 -31.97 0.03 -22.95
N THR B 13 -31.59 -1.03 -22.23
CA THR B 13 -31.86 -1.14 -20.81
C THR B 13 -30.59 -0.99 -19.96
N GLU B 14 -29.43 -0.85 -20.61
CA GLU B 14 -28.14 -0.68 -19.95
C GLU B 14 -28.18 0.37 -18.84
N GLN B 15 -27.99 -0.07 -17.60
CA GLN B 15 -27.93 0.82 -16.45
C GLN B 15 -26.49 1.14 -16.07
N VAL B 16 -26.29 2.35 -15.56
CA VAL B 16 -25.02 2.77 -14.97
C VAL B 16 -25.33 3.43 -13.64
N ASP B 17 -24.28 3.67 -12.85
CA ASP B 17 -24.44 4.27 -11.54
C ASP B 17 -23.61 5.55 -11.44
N THR B 18 -24.00 6.38 -10.47
CA THR B 18 -23.35 7.64 -10.16
C THR B 18 -23.36 7.80 -8.64
N ILE B 19 -22.73 8.88 -8.16
CA ILE B 19 -22.72 9.09 -6.71
C ILE B 19 -24.12 9.47 -6.21
N MET B 20 -24.88 10.22 -7.01
CA MET B 20 -26.18 10.70 -6.60
C MET B 20 -27.29 9.70 -6.86
N GLU B 21 -27.22 8.99 -7.98
CA GLU B 21 -28.33 8.15 -8.42
C GLU B 21 -27.79 6.83 -8.94
N LYS B 22 -28.36 5.74 -8.47
CA LYS B 22 -28.01 4.42 -8.96
C LYS B 22 -29.08 3.96 -9.92
N ASN B 23 -28.72 2.95 -10.72
CA ASN B 23 -29.67 2.32 -11.65
C ASN B 23 -30.28 3.34 -12.61
N VAL B 24 -29.40 4.01 -13.37
CA VAL B 24 -29.79 5.05 -14.31
C VAL B 24 -29.70 4.45 -15.71
N THR B 25 -30.85 4.23 -16.34
CA THR B 25 -30.86 3.72 -17.70
C THR B 25 -30.25 4.74 -18.64
N VAL B 26 -29.36 4.27 -19.52
CA VAL B 26 -28.70 5.14 -20.47
C VAL B 26 -28.83 4.51 -21.86
N THR B 27 -28.56 5.33 -22.88
CA THR B 27 -28.70 4.85 -24.24
C THR B 27 -27.51 4.02 -24.69
N HIS B 28 -26.32 4.33 -24.19
CA HIS B 28 -25.08 3.70 -24.65
C HIS B 28 -24.17 3.52 -23.44
N ALA B 29 -24.05 2.29 -22.96
CA ALA B 29 -23.09 1.96 -21.92
C ALA B 29 -21.81 1.39 -22.54
N GLN B 30 -20.88 1.01 -21.68
CA GLN B 30 -19.73 0.21 -22.08
C GLN B 30 -19.22 -0.56 -20.87
N ASP B 31 -19.27 -1.88 -20.94
CA ASP B 31 -18.73 -2.73 -19.89
C ASP B 31 -17.21 -2.74 -19.95
N ILE B 32 -16.57 -2.71 -18.78
CA ILE B 32 -15.12 -2.74 -18.74
C ILE B 32 -14.66 -3.77 -17.71
N LEU B 33 -15.56 -4.67 -17.29
CA LEU B 33 -15.24 -5.69 -16.31
C LEU B 33 -15.45 -7.07 -16.94
N GLU B 34 -14.36 -7.82 -17.08
CA GLU B 34 -14.45 -9.21 -17.53
C GLU B 34 -14.78 -10.10 -16.34
N LYS B 35 -15.86 -10.87 -16.45
CA LYS B 35 -16.32 -11.70 -15.33
C LYS B 35 -16.40 -13.17 -15.69
N THR B 36 -15.78 -13.60 -16.80
CA THR B 36 -15.91 -14.97 -17.27
C THR B 36 -14.55 -15.61 -17.47
N HIS B 37 -14.42 -16.87 -17.01
CA HIS B 37 -13.25 -17.69 -17.25
C HIS B 37 -13.69 -19.06 -17.73
N ASN B 38 -12.75 -19.81 -18.30
CA ASN B 38 -13.07 -21.12 -18.87
C ASN B 38 -12.83 -22.27 -17.89
N GLY B 39 -12.54 -21.97 -16.63
CA GLY B 39 -12.43 -22.97 -15.58
C GLY B 39 -11.42 -24.08 -15.80
N LYS B 40 -10.39 -23.85 -16.62
CA LYS B 40 -9.42 -24.89 -16.89
C LYS B 40 -8.05 -24.24 -17.09
N LEU B 41 -7.00 -25.06 -16.93
CA LEU B 41 -5.62 -24.60 -17.08
C LEU B 41 -5.10 -24.89 -18.48
N CYS B 42 -4.48 -23.90 -19.10
CA CYS B 42 -4.14 -23.93 -20.52
C CYS B 42 -2.66 -23.66 -20.71
N ASP B 43 -2.21 -23.81 -21.96
CA ASP B 43 -0.92 -23.28 -22.38
C ASP B 43 -0.88 -21.76 -22.16
N LEU B 44 0.31 -21.21 -22.31
CA LEU B 44 0.51 -19.76 -22.19
C LEU B 44 1.38 -19.33 -23.37
N ASN B 45 0.72 -18.79 -24.40
CA ASN B 45 1.34 -18.56 -25.71
C ASN B 45 1.93 -19.87 -26.24
N GLY B 46 1.13 -20.92 -26.18
CA GLY B 46 1.49 -22.22 -26.72
C GLY B 46 2.57 -22.97 -25.97
N VAL B 47 2.85 -22.61 -24.72
CA VAL B 47 3.84 -23.30 -23.89
C VAL B 47 3.11 -23.97 -22.73
N LYS B 48 3.19 -25.29 -22.67
CA LYS B 48 2.40 -26.03 -21.70
C LYS B 48 2.97 -25.84 -20.29
N PRO B 49 2.11 -25.70 -19.29
CA PRO B 49 2.59 -25.62 -17.91
C PRO B 49 3.10 -26.97 -17.42
N LEU B 50 3.92 -26.91 -16.38
CA LEU B 50 4.34 -28.11 -15.65
C LEU B 50 3.32 -28.37 -14.56
N ILE B 51 2.61 -29.47 -14.66
CA ILE B 51 1.60 -29.78 -13.68
C ILE B 51 1.99 -30.98 -12.89
N LEU B 52 2.54 -30.76 -11.72
CA LEU B 52 2.91 -31.86 -10.87
C LEU B 52 1.59 -32.24 -10.36
N LYS B 53 1.17 -33.46 -10.59
CA LYS B 53 -0.13 -33.83 -10.13
C LYS B 53 -0.11 -34.17 -8.68
N ASP B 54 0.29 -35.37 -8.36
CA ASP B 54 0.30 -35.74 -6.98
C ASP B 54 1.68 -35.62 -6.40
N CYS B 55 2.56 -34.91 -7.09
CA CYS B 55 3.93 -34.69 -6.60
C CYS B 55 4.20 -33.21 -6.24
N SER B 56 4.84 -32.97 -5.10
CA SER B 56 5.16 -31.66 -4.65
C SER B 56 6.47 -31.27 -5.27
N VAL B 57 6.88 -30.04 -5.05
CA VAL B 57 8.11 -29.59 -5.62
C VAL B 57 9.27 -30.34 -5.04
N ALA B 58 9.26 -30.56 -3.75
CA ALA B 58 10.30 -31.29 -3.09
C ALA B 58 10.37 -32.66 -3.65
N GLY B 59 9.22 -33.32 -3.74
CA GLY B 59 9.15 -34.66 -4.26
C GLY B 59 9.68 -34.75 -5.66
N TRP B 60 9.32 -33.81 -6.49
CA TRP B 60 9.80 -33.80 -7.84
C TRP B 60 11.27 -33.56 -7.86
N LEU B 61 11.72 -32.56 -7.14
CA LEU B 61 13.12 -32.20 -7.15
C LEU B 61 14.07 -33.21 -6.58
N LEU B 62 13.67 -33.89 -5.53
CA LEU B 62 14.52 -34.85 -4.89
C LEU B 62 14.46 -36.15 -5.62
N GLY B 63 13.34 -36.41 -6.25
CA GLY B 63 13.20 -37.61 -7.02
C GLY B 63 12.50 -38.69 -6.28
N ASN B 64 11.32 -38.41 -5.80
CA ASN B 64 10.52 -39.37 -5.10
C ASN B 64 10.08 -40.32 -6.17
N PRO B 65 10.16 -41.63 -5.93
CA PRO B 65 9.77 -42.70 -6.83
C PRO B 65 8.37 -42.63 -7.43
N MET B 66 7.41 -41.99 -6.77
CA MET B 66 6.10 -41.85 -7.32
C MET B 66 6.03 -40.74 -8.33
N CYS B 67 7.01 -39.86 -8.29
CA CYS B 67 7.05 -38.73 -9.17
C CYS B 67 8.04 -38.99 -10.26
N ASP B 68 7.91 -40.13 -10.90
CA ASP B 68 8.83 -40.60 -11.91
C ASP B 68 8.48 -40.09 -13.29
N GLU B 69 7.40 -39.35 -13.36
CA GLU B 69 6.95 -38.80 -14.59
C GLU B 69 7.70 -37.55 -14.91
N PHE B 70 8.29 -36.93 -13.91
CA PHE B 70 9.02 -35.71 -14.09
C PHE B 70 10.50 -35.98 -14.06
N ILE B 71 10.90 -37.10 -14.59
CA ILE B 71 12.31 -37.41 -14.59
C ILE B 71 13.08 -36.42 -15.41
N ARG B 72 12.59 -36.13 -16.59
CA ARG B 72 13.17 -35.13 -17.49
C ARG B 72 12.06 -34.29 -18.13
N VAL B 73 11.71 -33.23 -17.40
CA VAL B 73 10.59 -32.32 -17.71
C VAL B 73 10.97 -31.41 -18.86
N PRO B 74 10.06 -31.09 -19.77
CA PRO B 74 10.32 -30.07 -20.79
C PRO B 74 10.01 -28.67 -20.27
N GLU B 75 10.56 -27.67 -20.98
CA GLU B 75 10.36 -26.27 -20.64
C GLU B 75 8.89 -25.96 -20.33
N TRP B 76 8.67 -25.16 -19.30
CA TRP B 76 7.32 -24.82 -18.86
C TRP B 76 7.13 -23.31 -18.91
N SER B 77 5.86 -22.92 -18.82
CA SER B 77 5.45 -21.52 -18.73
C SER B 77 5.15 -21.12 -17.29
N TYR B 78 4.41 -21.98 -16.58
CA TYR B 78 4.21 -21.84 -15.15
C TYR B 78 4.15 -23.25 -14.57
N ILE B 79 4.14 -23.34 -13.24
CA ILE B 79 4.13 -24.61 -12.54
C ILE B 79 2.84 -24.69 -11.74
N VAL B 80 2.17 -25.84 -11.79
CA VAL B 80 0.92 -26.04 -11.05
C VAL B 80 1.16 -27.10 -9.99
N GLU B 81 1.02 -26.71 -8.73
CA GLU B 81 1.15 -27.62 -7.60
C GLU B 81 -0.19 -27.72 -6.89
N ARG B 82 -0.52 -28.92 -6.40
CA ARG B 82 -1.80 -29.08 -5.74
C ARG B 82 -1.72 -28.58 -4.30
N ALA B 83 -2.87 -28.56 -3.62
CA ALA B 83 -2.92 -28.00 -2.27
C ALA B 83 -2.26 -28.92 -1.26
N ASN B 84 -2.45 -30.23 -1.40
CA ASN B 84 -1.87 -31.20 -0.49
C ASN B 84 -1.46 -32.44 -1.27
N PRO B 85 -0.35 -32.38 -1.99
CA PRO B 85 0.08 -33.53 -2.80
C PRO B 85 0.50 -34.67 -1.90
N ALA B 86 0.31 -35.90 -2.41
CA ALA B 86 0.59 -37.07 -1.60
C ALA B 86 2.06 -37.42 -1.60
N ASN B 87 2.73 -37.30 -2.75
CA ASN B 87 4.11 -37.74 -2.91
C ASN B 87 5.04 -36.56 -2.62
N ASP B 88 5.56 -36.52 -1.40
CA ASP B 88 6.43 -35.42 -0.97
C ASP B 88 7.23 -35.93 0.22
N LEU B 89 8.54 -36.08 0.05
CA LEU B 89 9.42 -36.58 1.11
C LEU B 89 8.87 -37.88 1.70
N CYS B 90 9.03 -38.95 0.91
CA CYS B 90 8.61 -40.28 1.38
C CYS B 90 9.30 -40.63 2.70
N TYR B 91 10.63 -40.54 2.71
CA TYR B 91 11.34 -40.57 3.98
C TYR B 91 11.16 -39.24 4.68
N PRO B 92 10.60 -39.21 5.89
CA PRO B 92 10.22 -37.94 6.50
C PRO B 92 11.43 -37.06 6.80
N GLY B 93 11.17 -35.75 6.86
CA GLY B 93 12.22 -34.80 7.16
C GLY B 93 11.90 -33.40 6.68
N ASN B 94 12.90 -32.70 6.14
CA ASN B 94 12.75 -31.30 5.76
C ASN B 94 13.58 -31.02 4.52
N LEU B 95 13.04 -30.18 3.64
CA LEU B 95 13.80 -29.55 2.56
C LEU B 95 14.09 -28.14 3.03
N ASN B 96 15.29 -27.91 3.57
CA ASN B 96 15.57 -26.65 4.24
C ASN B 96 15.58 -25.49 3.25
N ASP B 97 15.12 -24.33 3.73
CA ASP B 97 14.93 -23.15 2.89
C ASP B 97 14.04 -23.46 1.70
N TYR B 98 12.99 -24.23 1.96
CA TYR B 98 12.06 -24.68 0.91
C TYR B 98 11.36 -23.50 0.25
N GLU B 99 10.87 -22.55 1.05
CA GLU B 99 10.11 -21.43 0.49
C GLU B 99 10.99 -20.56 -0.40
N GLU B 100 12.24 -20.32 0.00
CA GLU B 100 13.15 -19.58 -0.84
C GLU B 100 13.45 -20.34 -2.13
N LEU B 101 13.51 -21.67 -2.06
CA LEU B 101 13.71 -22.46 -3.28
C LEU B 101 12.51 -22.35 -4.20
N LYS B 102 11.29 -22.38 -3.67
CA LYS B 102 10.11 -22.19 -4.51
C LYS B 102 10.11 -20.81 -5.14
N HIS B 103 10.58 -19.79 -4.40
CA HIS B 103 10.64 -18.45 -4.95
C HIS B 103 11.69 -18.37 -6.05
N LEU B 104 12.80 -19.08 -5.90
CA LEU B 104 13.80 -19.17 -6.97
C LEU B 104 13.24 -19.91 -8.17
N LEU B 105 12.43 -20.93 -7.93
CA LEU B 105 11.81 -21.71 -9.01
C LEU B 105 10.80 -20.89 -9.79
N SER B 106 10.11 -19.97 -9.12
CA SER B 106 9.13 -19.17 -9.84
C SER B 106 9.78 -18.19 -10.81
N ARG B 107 11.10 -18.16 -10.91
CA ARG B 107 11.78 -17.36 -11.93
C ARG B 107 12.66 -18.22 -12.83
N ILE B 108 12.36 -19.52 -12.93
CA ILE B 108 13.05 -20.45 -13.81
C ILE B 108 12.03 -21.13 -14.71
N ASN B 109 12.37 -21.28 -16.00
CA ASN B 109 11.48 -21.93 -16.94
C ASN B 109 11.96 -23.28 -17.45
N HIS B 110 13.26 -23.58 -17.35
CA HIS B 110 13.74 -24.87 -17.86
C HIS B 110 14.98 -25.34 -17.13
N PHE B 111 14.87 -26.55 -16.54
CA PHE B 111 15.93 -27.38 -16.00
C PHE B 111 16.37 -28.42 -17.01
N GLU B 112 17.66 -28.74 -17.01
CA GLU B 112 18.18 -29.95 -17.65
C GLU B 112 18.95 -30.71 -16.58
N LYS B 113 18.42 -31.86 -16.16
CA LYS B 113 19.06 -32.62 -15.10
C LYS B 113 20.31 -33.30 -15.63
N THR B 114 21.35 -33.37 -14.79
CA THR B 114 22.64 -33.88 -15.21
C THR B 114 23.26 -34.68 -14.07
N GLN B 115 24.02 -35.70 -14.43
CA GLN B 115 24.59 -36.62 -13.44
C GLN B 115 25.96 -36.11 -13.05
N ILE B 116 26.05 -35.45 -11.89
CA ILE B 116 27.32 -34.91 -11.45
C ILE B 116 28.18 -35.94 -10.72
N ILE B 117 27.56 -36.87 -10.01
CA ILE B 117 28.28 -37.86 -9.21
C ILE B 117 27.61 -39.23 -9.36
N PRO B 118 28.02 -40.04 -10.35
CA PRO B 118 27.36 -41.33 -10.55
C PRO B 118 27.59 -42.27 -9.39
N LYS B 119 26.63 -43.19 -9.18
CA LYS B 119 26.82 -44.24 -8.19
C LYS B 119 28.12 -44.99 -8.42
N SER B 120 28.59 -45.05 -9.66
CA SER B 120 29.90 -45.58 -10.01
C SER B 120 31.04 -44.99 -9.18
N SER B 121 30.80 -43.90 -8.47
CA SER B 121 31.86 -43.12 -7.85
C SER B 121 32.14 -43.50 -6.39
N TRP B 122 31.58 -44.58 -5.88
CA TRP B 122 31.71 -44.93 -4.46
C TRP B 122 32.25 -46.35 -4.29
N PRO B 123 33.49 -46.57 -4.73
CA PRO B 123 34.14 -47.88 -4.68
C PRO B 123 34.28 -48.47 -3.28
N ASN B 124 34.41 -47.61 -2.27
CA ASN B 124 34.60 -48.09 -0.91
C ASN B 124 33.40 -47.93 0.00
N HIS B 125 32.22 -47.75 -0.59
CA HIS B 125 31.00 -47.60 0.18
C HIS B 125 29.84 -48.31 -0.50
N THR B 126 28.80 -48.59 0.27
CA THR B 126 27.60 -49.18 -0.30
C THR B 126 26.65 -48.06 -0.70
N SER B 127 26.18 -48.09 -1.96
CA SER B 127 25.32 -47.04 -2.50
C SER B 127 23.95 -47.57 -2.86
N SER B 128 23.55 -48.73 -2.35
CA SER B 128 22.29 -49.36 -2.69
C SER B 128 21.21 -49.12 -1.64
N GLY B 129 21.39 -48.09 -0.81
CA GLY B 129 20.46 -47.86 0.28
C GLY B 129 19.04 -47.62 -0.20
N VAL B 130 18.09 -48.10 0.60
CA VAL B 130 16.70 -48.26 0.17
C VAL B 130 15.83 -48.25 1.43
N SER B 131 14.62 -47.70 1.31
CA SER B 131 13.76 -47.59 2.48
C SER B 131 12.33 -48.01 2.14
N ALA B 132 11.67 -48.62 3.13
CA ALA B 132 10.25 -48.92 3.05
C ALA B 132 9.40 -47.67 3.04
N ALA B 133 9.93 -46.54 3.54
CA ALA B 133 9.21 -45.28 3.50
C ALA B 133 8.99 -44.79 2.07
N CYS B 134 9.78 -45.30 1.12
CA CYS B 134 9.72 -44.88 -0.28
C CYS B 134 9.39 -46.08 -1.16
N PRO B 135 8.16 -46.58 -1.11
CA PRO B 135 7.81 -47.72 -1.95
C PRO B 135 7.83 -47.37 -3.42
N TYR B 136 8.28 -48.33 -4.23
CA TYR B 136 8.12 -48.28 -5.68
C TYR B 136 7.79 -49.68 -6.15
N GLN B 137 6.62 -49.85 -6.74
CA GLN B 137 6.13 -51.15 -7.21
C GLN B 137 6.20 -52.19 -6.10
N GLY B 138 5.71 -51.81 -4.92
CA GLY B 138 5.54 -52.72 -3.82
C GLY B 138 6.80 -53.08 -3.06
N MET B 139 7.95 -52.59 -3.48
CA MET B 139 9.21 -52.88 -2.83
C MET B 139 9.85 -51.58 -2.35
N PRO B 140 10.72 -51.65 -1.34
CA PRO B 140 11.30 -50.41 -0.80
C PRO B 140 12.25 -49.79 -1.80
N SER B 141 12.26 -48.46 -1.82
CA SER B 141 13.07 -47.74 -2.81
C SER B 141 13.57 -46.45 -2.17
N PHE B 142 14.02 -45.51 -3.01
CA PHE B 142 14.63 -44.29 -2.49
C PHE B 142 14.61 -43.22 -3.56
N PHE B 143 14.72 -41.97 -3.11
CA PHE B 143 14.89 -40.81 -3.98
C PHE B 143 15.85 -41.11 -5.13
N ARG B 144 15.49 -40.66 -6.33
CA ARG B 144 16.24 -41.01 -7.53
C ARG B 144 17.41 -40.09 -7.81
N ASN B 145 17.39 -38.85 -7.32
CA ASN B 145 18.43 -37.89 -7.61
C ASN B 145 19.49 -37.83 -6.52
N VAL B 146 19.39 -38.71 -5.52
CA VAL B 146 20.15 -38.56 -4.29
C VAL B 146 20.37 -39.96 -3.70
N VAL B 147 21.58 -40.20 -3.21
CA VAL B 147 22.07 -41.55 -2.93
C VAL B 147 22.32 -41.72 -1.44
N TRP B 148 21.75 -42.78 -0.86
CA TRP B 148 21.94 -43.14 0.54
C TRP B 148 23.19 -44.01 0.67
N LEU B 149 24.31 -43.39 1.01
CA LEU B 149 25.55 -44.11 1.22
C LEU B 149 25.58 -44.77 2.60
N THR B 150 25.96 -46.04 2.64
CA THR B 150 26.04 -46.83 3.87
C THR B 150 27.40 -47.54 3.92
N LYS B 151 27.64 -48.26 5.01
CA LYS B 151 28.94 -48.88 5.22
C LYS B 151 29.15 -50.05 4.26
N LYS B 152 30.42 -50.47 4.15
CA LYS B 152 30.82 -51.55 3.26
C LYS B 152 32.04 -52.23 3.84
N ASN B 153 32.08 -53.56 3.73
CA ASN B 153 33.02 -54.40 4.46
C ASN B 153 33.19 -53.93 5.90
N ASP B 154 32.05 -53.64 6.52
CA ASP B 154 31.97 -53.11 7.89
C ASP B 154 32.92 -51.93 8.11
N ALA B 155 32.98 -51.04 7.12
CA ALA B 155 33.70 -49.79 7.28
C ALA B 155 32.97 -48.67 6.54
N TYR B 156 33.00 -47.48 7.11
CA TYR B 156 32.59 -46.24 6.44
C TYR B 156 33.80 -45.31 6.47
N PRO B 157 34.77 -45.53 5.59
CA PRO B 157 35.91 -44.61 5.50
C PRO B 157 35.43 -43.21 5.18
N THR B 158 36.13 -42.21 5.73
CA THR B 158 35.65 -40.85 5.58
C THR B 158 35.73 -40.42 4.13
N ILE B 159 34.68 -39.77 3.67
CA ILE B 159 34.57 -39.34 2.28
C ILE B 159 35.21 -37.98 2.15
N ARG B 160 36.04 -37.81 1.11
CA ARG B 160 36.57 -36.50 0.75
C ARG B 160 36.46 -36.38 -0.76
N MET B 161 35.50 -35.59 -1.24
CA MET B 161 35.33 -35.54 -2.68
C MET B 161 34.72 -34.20 -3.06
N SER B 162 35.04 -33.75 -4.28
CA SER B 162 34.59 -32.46 -4.76
C SER B 162 34.06 -32.60 -6.18
N TYR B 163 33.20 -31.65 -6.55
CA TYR B 163 32.69 -31.54 -7.91
C TYR B 163 32.85 -30.12 -8.39
N ASN B 164 33.44 -29.97 -9.58
CA ASN B 164 33.70 -28.66 -10.17
C ASN B 164 32.68 -28.45 -11.29
N ASN B 165 31.92 -27.36 -11.19
CA ASN B 165 30.87 -27.07 -12.16
C ASN B 165 31.49 -26.62 -13.48
N THR B 166 31.68 -27.56 -14.40
CA THR B 166 32.25 -27.25 -15.70
C THR B 166 31.22 -26.65 -16.65
N ASN B 167 29.95 -26.87 -16.38
CA ASN B 167 28.92 -26.38 -17.26
C ASN B 167 28.92 -24.90 -17.33
N ARG B 168 28.18 -24.37 -18.28
CA ARG B 168 28.13 -22.95 -18.48
C ARG B 168 27.07 -22.29 -17.67
N GLU B 169 26.17 -23.07 -17.10
CA GLU B 169 25.10 -22.49 -16.34
C GLU B 169 25.08 -22.87 -14.88
N ASP B 170 24.29 -22.15 -14.12
CA ASP B 170 24.16 -22.48 -12.70
C ASP B 170 23.65 -23.90 -12.50
N LEU B 171 24.08 -24.52 -11.40
CA LEU B 171 23.65 -25.86 -11.03
C LEU B 171 22.91 -25.81 -9.71
N LEU B 172 21.69 -26.36 -9.67
CA LEU B 172 20.98 -26.56 -8.41
C LEU B 172 21.35 -27.93 -7.87
N ILE B 173 22.01 -27.95 -6.71
CA ILE B 173 22.51 -29.19 -6.13
C ILE B 173 21.81 -29.41 -4.79
N LEU B 174 21.24 -30.60 -4.62
CA LEU B 174 20.64 -31.02 -3.37
C LEU B 174 21.43 -32.17 -2.76
N TRP B 175 21.60 -32.13 -1.45
CA TRP B 175 22.19 -33.24 -0.67
C TRP B 175 21.44 -33.31 0.65
N GLY B 176 21.85 -34.25 1.50
CA GLY B 176 21.14 -34.35 2.77
C GLY B 176 21.93 -35.10 3.82
N ILE B 177 21.36 -35.10 5.03
CA ILE B 177 21.88 -35.86 6.16
C ILE B 177 20.75 -36.69 6.75
N HIS B 178 21.12 -37.82 7.34
CA HIS B 178 20.15 -38.77 7.91
C HIS B 178 20.32 -38.82 9.42
N HIS B 179 19.22 -38.56 10.14
CA HIS B 179 19.17 -38.67 11.59
C HIS B 179 18.66 -40.06 11.93
N SER B 180 19.55 -40.88 12.50
CA SER B 180 19.25 -42.23 12.95
C SER B 180 18.56 -42.20 14.32
N ASN B 181 18.09 -43.36 14.75
CA ASN B 181 17.20 -43.46 15.90
C ASN B 181 17.90 -43.79 17.22
N ASN B 182 19.05 -44.46 17.17
CA ASN B 182 19.77 -44.83 18.39
C ASN B 182 21.16 -45.28 17.99
N ALA B 183 22.01 -45.49 19.01
CA ALA B 183 23.41 -45.82 18.76
C ALA B 183 23.56 -47.10 17.93
N GLU B 184 22.67 -48.07 18.13
CA GLU B 184 22.86 -49.36 17.47
C GLU B 184 22.44 -49.30 16.00
N GLU B 185 21.36 -48.59 15.68
CA GLU B 185 21.06 -48.36 14.26
C GLU B 185 22.17 -47.55 13.60
N GLN B 186 22.70 -46.57 14.33
CA GLN B 186 23.78 -45.75 13.80
C GLN B 186 24.99 -46.62 13.47
N THR B 187 25.29 -47.62 14.31
CA THR B 187 26.41 -48.52 14.02
C THR B 187 26.05 -49.55 12.95
N ASN B 188 24.78 -49.95 12.86
CA ASN B 188 24.39 -50.90 11.84
C ASN B 188 24.56 -50.31 10.44
N LEU B 189 24.18 -49.05 10.27
CA LEU B 189 24.21 -48.48 8.92
C LEU B 189 25.59 -47.93 8.55
N TYR B 190 26.23 -47.26 9.50
CA TYR B 190 27.60 -46.79 9.37
C TYR B 190 28.38 -47.33 10.56
N LYS B 191 29.65 -47.68 10.37
CA LYS B 191 30.35 -48.25 11.52
C LYS B 191 30.62 -47.18 12.57
N ASN B 192 30.98 -45.98 12.13
CA ASN B 192 31.42 -44.93 13.03
C ASN B 192 30.24 -44.38 13.84
N PRO B 193 30.38 -44.22 15.15
CA PRO B 193 29.22 -43.86 15.97
C PRO B 193 28.89 -42.38 15.99
N THR B 194 29.89 -41.50 15.95
CA THR B 194 29.67 -40.06 15.91
C THR B 194 30.23 -39.53 14.60
N THR B 195 29.35 -38.91 13.80
CA THR B 195 29.65 -38.61 12.41
C THR B 195 29.31 -37.15 12.11
N TYR B 196 29.54 -36.76 10.86
CA TYR B 196 29.35 -35.38 10.42
C TYR B 196 29.29 -35.37 8.89
N VAL B 197 28.73 -34.29 8.36
CA VAL B 197 28.74 -34.00 6.93
C VAL B 197 29.19 -32.56 6.76
N SER B 198 30.32 -32.35 6.09
CA SER B 198 30.85 -31.02 5.83
C SER B 198 30.67 -30.70 4.35
N VAL B 199 30.10 -29.53 4.07
CA VAL B 199 29.89 -29.08 2.71
C VAL B 199 30.52 -27.69 2.57
N GLY B 200 31.38 -27.54 1.57
CA GLY B 200 31.97 -26.23 1.33
C GLY B 200 32.01 -25.80 -0.11
N THR B 201 31.55 -24.59 -0.41
CA THR B 201 31.80 -23.98 -1.71
C THR B 201 32.59 -22.69 -1.53
N SER B 202 32.43 -21.74 -2.43
CA SER B 202 33.06 -20.45 -2.24
C SER B 202 32.27 -19.55 -1.30
N THR B 203 30.98 -19.84 -1.11
CA THR B 203 30.11 -19.09 -0.22
C THR B 203 29.60 -19.91 0.95
N LEU B 204 29.52 -21.23 0.82
CA LEU B 204 28.84 -22.09 1.80
C LEU B 204 29.89 -22.83 2.62
N ASN B 205 29.61 -22.96 3.93
CA ASN B 205 30.53 -23.52 4.91
C ASN B 205 29.68 -24.22 5.97
N GLN B 206 29.15 -25.39 5.59
CA GLN B 206 28.15 -26.12 6.36
C GLN B 206 28.79 -27.29 7.10
N ARG B 207 28.39 -27.47 8.36
CA ARG B 207 28.66 -28.69 9.11
C ARG B 207 27.36 -29.21 9.68
N LEU B 208 26.95 -30.41 9.25
CA LEU B 208 25.77 -31.09 9.72
C LEU B 208 26.18 -32.26 10.59
N VAL B 209 25.39 -32.54 11.62
CA VAL B 209 25.69 -33.63 12.54
C VAL B 209 24.38 -34.35 12.86
N PRO B 210 24.36 -35.69 12.82
CA PRO B 210 23.11 -36.39 13.12
C PRO B 210 22.65 -36.12 14.53
N LYS B 211 21.36 -35.86 14.66
CA LYS B 211 20.71 -35.79 15.97
C LYS B 211 20.05 -37.14 16.20
N ILE B 212 20.73 -37.98 16.97
CA ILE B 212 20.28 -39.34 17.22
C ILE B 212 19.41 -39.33 18.47
N ALA B 213 18.11 -39.41 18.27
CA ALA B 213 17.13 -39.30 19.35
C ALA B 213 15.83 -39.88 18.84
N THR B 214 14.92 -40.15 19.78
CA THR B 214 13.67 -40.82 19.43
C THR B 214 12.61 -39.77 19.08
N ARG B 215 11.99 -39.94 17.91
CA ARG B 215 10.99 -39.03 17.38
C ARG B 215 9.69 -39.78 17.14
N SER B 216 8.66 -39.05 16.72
CA SER B 216 7.40 -39.68 16.38
C SER B 216 7.51 -40.41 15.04
N GLN B 217 6.65 -41.40 14.86
CA GLN B 217 6.65 -42.20 13.65
C GLN B 217 5.91 -41.47 12.54
N VAL B 218 6.54 -41.33 11.38
CA VAL B 218 5.97 -40.63 10.23
C VAL B 218 6.34 -41.41 8.99
N ASN B 219 5.32 -41.84 8.22
CA ASN B 219 5.51 -42.78 7.12
C ASN B 219 6.24 -44.03 7.61
N GLY B 220 5.90 -44.48 8.81
CA GLY B 220 6.52 -45.65 9.39
C GLY B 220 7.96 -45.50 9.79
N GLN B 221 8.42 -44.27 10.02
CA GLN B 221 9.83 -44.02 10.28
C GLN B 221 9.99 -43.02 11.40
N ARG B 222 10.81 -43.38 12.40
CA ARG B 222 11.23 -42.42 13.40
C ARG B 222 12.51 -41.69 13.02
N GLY B 223 13.30 -42.25 12.09
CA GLY B 223 14.43 -41.53 11.55
C GLY B 223 13.98 -40.37 10.70
N ARG B 224 14.93 -39.49 10.38
CA ARG B 224 14.58 -38.31 9.60
C ARG B 224 15.68 -38.04 8.60
N MET B 225 15.36 -37.25 7.58
CA MET B 225 16.36 -36.80 6.63
C MET B 225 16.18 -35.32 6.39
N ASP B 226 17.24 -34.55 6.62
CA ASP B 226 17.23 -33.12 6.38
C ASP B 226 18.01 -32.85 5.10
N PHE B 227 17.33 -32.28 4.11
CA PHE B 227 17.95 -32.00 2.83
C PHE B 227 18.23 -30.51 2.70
N PHE B 228 19.32 -30.21 2.00
CA PHE B 228 19.77 -28.86 1.76
C PHE B 228 20.12 -28.71 0.29
N TRP B 229 20.13 -27.46 -0.16
CA TRP B 229 20.38 -27.18 -1.56
C TRP B 229 21.24 -25.93 -1.68
N THR B 230 21.91 -25.81 -2.81
CA THR B 230 22.66 -24.60 -3.11
C THR B 230 22.74 -24.45 -4.62
N ILE B 231 23.12 -23.25 -5.05
CA ILE B 231 23.31 -22.94 -6.46
C ILE B 231 24.82 -22.85 -6.68
N LEU B 232 25.40 -23.92 -7.21
CA LEU B 232 26.81 -23.92 -7.56
C LEU B 232 26.97 -23.14 -8.86
N ARG B 233 27.71 -22.03 -8.80
CA ARG B 233 27.87 -21.18 -9.96
C ARG B 233 28.97 -21.73 -10.85
N PRO B 234 28.96 -21.38 -12.15
CA PRO B 234 29.91 -22.00 -13.08
C PRO B 234 31.36 -21.67 -12.71
N ASN B 235 32.18 -22.71 -12.74
CA ASN B 235 33.60 -22.77 -12.40
C ASN B 235 33.84 -22.83 -10.89
N ASP B 236 32.81 -22.70 -10.06
CA ASP B 236 32.97 -22.99 -8.65
C ASP B 236 32.83 -24.49 -8.42
N ALA B 237 33.29 -24.94 -7.26
CA ALA B 237 33.26 -26.36 -6.91
C ALA B 237 32.68 -26.53 -5.51
N ILE B 238 32.13 -27.72 -5.27
CA ILE B 238 31.51 -28.10 -4.01
C ILE B 238 32.31 -29.24 -3.42
N HIS B 239 32.53 -29.18 -2.10
CA HIS B 239 33.45 -30.09 -1.40
C HIS B 239 32.68 -30.78 -0.29
N PHE B 240 32.35 -32.06 -0.49
CA PHE B 240 31.71 -32.88 0.52
C PHE B 240 32.75 -33.69 1.29
N GLU B 241 32.50 -33.86 2.58
CA GLU B 241 33.36 -34.68 3.43
C GLU B 241 32.49 -35.26 4.55
N SER B 242 32.33 -36.58 4.58
CA SER B 242 31.55 -37.19 5.63
C SER B 242 32.20 -38.49 6.07
N ASN B 243 31.83 -38.93 7.29
CA ASN B 243 32.15 -40.26 7.75
C ASN B 243 30.90 -41.00 8.23
N GLY B 244 29.74 -40.61 7.72
CA GLY B 244 28.49 -41.25 8.07
C GLY B 244 27.30 -40.32 7.90
N ASN B 245 26.13 -40.92 7.67
CA ASN B 245 24.84 -40.26 7.59
C ASN B 245 24.73 -39.29 6.43
N PHE B 246 25.66 -39.35 5.49
CA PHE B 246 25.67 -38.48 4.32
C PHE B 246 24.77 -39.09 3.25
N ILE B 247 23.90 -38.25 2.67
CA ILE B 247 23.11 -38.66 1.53
C ILE B 247 23.50 -37.74 0.38
N ALA B 248 24.25 -38.30 -0.53
CA ALA B 248 25.06 -37.60 -1.52
C ALA B 248 24.23 -37.24 -2.75
N PRO B 249 24.63 -36.19 -3.46
CA PRO B 249 24.03 -35.94 -4.77
C PRO B 249 24.45 -37.00 -5.76
N GLU B 250 23.53 -37.34 -6.65
CA GLU B 250 23.87 -38.00 -7.91
C GLU B 250 23.50 -37.13 -9.10
N TYR B 251 22.26 -36.64 -9.14
CA TYR B 251 21.78 -35.77 -10.19
C TYR B 251 21.60 -34.35 -9.67
N ALA B 252 21.99 -33.38 -10.49
CA ALA B 252 21.76 -31.97 -10.26
C ALA B 252 21.01 -31.40 -11.45
N TYR B 253 20.49 -30.19 -11.29
CA TYR B 253 19.69 -29.55 -12.32
C TYR B 253 20.44 -28.36 -12.90
N LYS B 254 20.72 -28.41 -14.21
CA LYS B 254 21.22 -27.24 -14.91
C LYS B 254 20.07 -26.27 -15.12
N ILE B 255 20.24 -25.04 -14.63
CA ILE B 255 19.25 -23.98 -14.84
C ILE B 255 19.54 -23.40 -16.21
N ILE B 256 18.75 -23.76 -17.22
CA ILE B 256 19.08 -23.38 -18.59
C ILE B 256 18.18 -22.29 -19.14
N LYS B 257 16.95 -22.13 -18.65
CA LYS B 257 16.28 -20.88 -19.02
C LYS B 257 15.51 -20.30 -17.84
N THR B 258 15.66 -18.97 -17.73
CA THR B 258 15.45 -18.20 -16.51
C THR B 258 14.60 -16.98 -16.82
N GLY B 259 13.37 -17.22 -17.25
CA GLY B 259 12.48 -16.14 -17.63
C GLY B 259 11.48 -15.78 -16.55
N ASP B 260 10.18 -15.86 -16.88
CA ASP B 260 9.12 -15.41 -16.00
C ASP B 260 8.13 -16.55 -15.81
N SER B 261 7.76 -16.80 -14.56
CA SER B 261 6.86 -17.90 -14.23
C SER B 261 6.29 -17.65 -12.83
N THR B 262 5.53 -18.62 -12.36
CA THR B 262 4.97 -18.61 -11.02
C THR B 262 4.67 -20.04 -10.63
N ILE B 263 4.47 -20.27 -9.34
CA ILE B 263 3.98 -21.55 -8.85
C ILE B 263 2.55 -21.32 -8.40
N MET B 264 1.61 -21.92 -9.11
CA MET B 264 0.19 -21.69 -8.97
C MET B 264 -0.42 -22.88 -8.26
N LYS B 265 -1.14 -22.63 -7.19
CA LYS B 265 -1.77 -23.68 -6.41
C LYS B 265 -3.20 -23.84 -6.92
N SER B 266 -3.41 -24.85 -7.75
CA SER B 266 -4.72 -25.16 -8.31
C SER B 266 -4.94 -26.66 -8.25
N GLU B 267 -6.16 -27.06 -7.91
CA GLU B 267 -6.55 -28.46 -7.92
C GLU B 267 -7.02 -28.94 -9.28
N MET B 268 -6.97 -28.09 -10.31
CA MET B 268 -7.60 -28.37 -11.58
C MET B 268 -6.68 -29.16 -12.50
N GLU B 269 -7.25 -29.61 -13.61
CA GLU B 269 -6.57 -30.45 -14.59
C GLU B 269 -6.35 -29.68 -15.88
N TYR B 270 -5.45 -30.21 -16.71
CA TYR B 270 -5.14 -29.62 -18.00
C TYR B 270 -6.38 -29.56 -18.90
N GLY B 271 -6.46 -28.53 -19.72
CA GLY B 271 -7.65 -28.28 -20.51
C GLY B 271 -7.49 -28.40 -22.01
N ASN B 272 -6.27 -28.65 -22.47
CA ASN B 272 -5.93 -28.71 -23.89
C ASN B 272 -6.18 -27.38 -24.59
N CYS B 273 -6.45 -26.32 -23.85
CA CYS B 273 -6.69 -24.99 -24.38
C CYS B 273 -5.39 -24.21 -24.53
N ASN B 274 -5.49 -23.01 -25.07
CA ASN B 274 -4.43 -22.02 -25.05
C ASN B 274 -4.99 -20.70 -24.55
N THR B 275 -4.12 -19.86 -24.00
CA THR B 275 -4.56 -18.57 -23.49
C THR B 275 -3.38 -17.62 -23.42
N LYS B 276 -3.70 -16.34 -23.29
CA LYS B 276 -2.72 -15.31 -22.99
C LYS B 276 -2.84 -14.85 -21.54
N CYS B 277 -3.76 -15.44 -20.77
CA CYS B 277 -4.02 -15.03 -19.39
C CYS B 277 -4.52 -16.22 -18.61
N GLN B 278 -3.74 -16.70 -17.64
CA GLN B 278 -4.11 -17.84 -16.81
C GLN B 278 -4.29 -17.42 -15.36
N THR B 279 -5.30 -17.97 -14.70
CA THR B 279 -5.52 -17.83 -13.27
C THR B 279 -5.70 -19.20 -12.64
N PRO B 280 -5.48 -19.32 -11.33
CA PRO B 280 -5.72 -20.60 -10.64
C PRO B 280 -7.05 -21.28 -10.94
N ILE B 281 -8.11 -20.53 -11.21
CA ILE B 281 -9.44 -21.12 -11.38
C ILE B 281 -9.90 -21.11 -12.83
N GLY B 282 -9.04 -20.70 -13.75
CA GLY B 282 -9.38 -20.71 -15.17
C GLY B 282 -8.68 -19.60 -15.91
N ALA B 283 -8.71 -19.70 -17.24
CA ALA B 283 -8.02 -18.76 -18.11
C ALA B 283 -8.99 -17.68 -18.62
N ILE B 284 -8.46 -16.74 -19.39
CA ILE B 284 -9.18 -15.52 -19.76
C ILE B 284 -8.89 -15.19 -21.22
N ASN B 285 -9.94 -15.15 -22.04
CA ASN B 285 -9.89 -14.65 -23.42
C ASN B 285 -10.70 -13.36 -23.45
N SER B 286 -10.03 -12.22 -23.24
CA SER B 286 -10.76 -10.98 -23.06
C SER B 286 -9.85 -9.79 -23.34
N SER B 287 -10.45 -8.73 -23.89
CA SER B 287 -9.80 -7.44 -24.02
C SER B 287 -10.47 -6.38 -23.14
N MET B 288 -11.22 -6.80 -22.12
CA MET B 288 -11.63 -5.87 -21.09
C MET B 288 -10.40 -5.37 -20.34
N PRO B 289 -10.46 -4.17 -19.76
CA PRO B 289 -9.33 -3.68 -18.96
C PRO B 289 -9.34 -4.16 -17.52
N PHE B 290 -10.42 -4.78 -17.04
CA PHE B 290 -10.50 -5.26 -15.68
C PHE B 290 -11.12 -6.65 -15.65
N HIS B 291 -10.85 -7.38 -14.58
CA HIS B 291 -11.57 -8.60 -14.27
C HIS B 291 -11.73 -8.73 -12.76
N ASN B 292 -12.64 -9.61 -12.35
CA ASN B 292 -12.86 -9.91 -10.93
C ASN B 292 -12.66 -11.38 -10.65
N ILE B 293 -11.90 -12.08 -11.49
CA ILE B 293 -11.86 -13.54 -11.46
C ILE B 293 -10.99 -14.03 -10.32
N HIS B 294 -9.70 -13.67 -10.34
CA HIS B 294 -8.76 -14.12 -9.31
C HIS B 294 -7.56 -13.21 -9.28
N PRO B 295 -7.01 -12.90 -8.10
CA PRO B 295 -5.88 -11.96 -8.05
C PRO B 295 -4.56 -12.51 -8.57
N LEU B 296 -4.32 -13.83 -8.51
CA LEU B 296 -2.99 -14.37 -8.80
C LEU B 296 -2.90 -14.81 -10.27
N THR B 297 -2.97 -13.79 -11.11
CA THR B 297 -2.85 -13.83 -12.56
C THR B 297 -1.43 -14.19 -13.02
N ILE B 298 -1.32 -14.68 -14.27
CA ILE B 298 -0.04 -14.69 -14.98
C ILE B 298 -0.29 -14.51 -16.47
N GLY B 299 0.54 -13.69 -17.11
CA GLY B 299 0.40 -13.39 -18.53
C GLY B 299 -0.18 -12.01 -18.80
N GLU B 300 -0.40 -11.72 -20.08
CA GLU B 300 -0.94 -10.43 -20.47
C GLU B 300 -2.42 -10.36 -20.06
N CYS B 301 -2.71 -9.56 -19.05
CA CYS B 301 -3.98 -9.71 -18.37
C CYS B 301 -4.59 -8.39 -17.95
N PRO B 302 -5.92 -8.32 -17.87
CA PRO B 302 -6.57 -7.19 -17.19
C PRO B 302 -6.11 -7.07 -15.76
N LYS B 303 -6.53 -5.98 -15.13
CA LYS B 303 -6.13 -5.68 -13.76
C LYS B 303 -7.24 -6.15 -12.82
N TYR B 304 -6.86 -6.90 -11.78
CA TYR B 304 -7.86 -7.50 -10.92
C TYR B 304 -8.49 -6.45 -10.01
N VAL B 305 -9.82 -6.41 -10.01
CA VAL B 305 -10.58 -5.62 -9.05
C VAL B 305 -11.65 -6.51 -8.43
N LYS B 306 -12.07 -6.16 -7.23
CA LYS B 306 -13.03 -6.95 -6.51
C LYS B 306 -14.47 -6.65 -6.85
N SER B 307 -14.68 -5.65 -7.67
CA SER B 307 -16.01 -5.23 -8.07
C SER B 307 -16.86 -6.28 -8.76
N ASN B 308 -18.16 -6.18 -8.64
CA ASN B 308 -19.03 -7.11 -9.32
C ASN B 308 -19.53 -6.52 -10.59
N LYS B 309 -19.48 -5.21 -10.70
CA LYS B 309 -19.93 -4.57 -11.89
C LYS B 309 -19.26 -3.26 -12.10
N LEU B 310 -18.84 -3.03 -13.32
CA LEU B 310 -18.19 -1.77 -13.79
C LEU B 310 -18.63 -1.43 -15.21
N VAL B 311 -19.55 -0.49 -15.37
CA VAL B 311 -19.97 -0.03 -16.68
C VAL B 311 -19.85 1.48 -16.73
N LEU B 312 -19.19 1.98 -17.78
CA LEU B 312 -19.05 3.41 -18.03
C LEU B 312 -20.21 3.87 -18.91
N ALA B 313 -20.91 4.91 -18.47
CA ALA B 313 -21.89 5.56 -19.33
C ALA B 313 -21.18 6.24 -20.49
N THR B 314 -21.64 5.96 -21.72
CA THR B 314 -21.20 6.71 -22.89
C THR B 314 -22.32 7.53 -23.54
N GLY B 315 -23.58 7.20 -23.27
CA GLY B 315 -24.69 7.92 -23.86
C GLY B 315 -25.50 8.71 -22.86
N LEU B 316 -26.78 8.93 -23.17
CA LEU B 316 -27.64 9.84 -22.43
C LEU B 316 -28.60 9.06 -21.55
N ARG B 317 -29.18 9.76 -20.57
CA ARG B 317 -30.27 9.16 -19.82
C ARG B 317 -31.42 8.86 -20.76
N ASN B 318 -32.00 7.67 -20.62
CA ASN B 318 -32.93 7.12 -21.60
C ASN B 318 -34.26 6.88 -20.91
N ASN B 319 -35.19 7.81 -21.11
CA ASN B 319 -36.50 7.78 -20.47
C ASN B 319 -36.35 7.89 -18.95
N LEU C 1 -26.13 19.89 -13.07
CA LEU C 1 -27.11 19.61 -14.13
C LEU C 1 -27.64 20.89 -14.78
N PHE C 2 -27.74 20.87 -16.12
CA PHE C 2 -28.07 22.04 -16.91
C PHE C 2 -29.54 22.09 -17.34
N GLY C 3 -30.40 21.26 -16.73
CA GLY C 3 -31.84 21.40 -16.83
C GLY C 3 -32.46 21.19 -18.19
N ALA C 4 -31.70 20.68 -19.17
CA ALA C 4 -32.25 20.47 -20.50
C ALA C 4 -32.74 19.03 -20.67
N ILE C 5 -31.82 18.06 -20.66
CA ILE C 5 -32.20 16.66 -20.77
C ILE C 5 -33.03 16.27 -19.55
N ALA C 6 -34.22 15.73 -19.80
CA ALA C 6 -35.21 15.41 -18.76
C ALA C 6 -35.59 16.64 -17.95
N GLY C 7 -35.44 17.83 -18.53
CA GLY C 7 -35.80 19.08 -17.88
C GLY C 7 -36.88 19.81 -18.64
N PHE C 8 -36.55 20.95 -19.25
CA PHE C 8 -37.52 21.63 -20.09
C PHE C 8 -37.72 20.93 -21.43
N ILE C 9 -36.88 19.95 -21.77
CA ILE C 9 -37.14 19.04 -22.89
C ILE C 9 -37.59 17.72 -22.28
N GLU C 10 -38.91 17.54 -22.15
CA GLU C 10 -39.45 16.45 -21.34
C GLU C 10 -39.43 15.11 -22.06
N GLY C 11 -38.31 14.69 -22.59
CA GLY C 11 -38.22 13.37 -23.19
C GLY C 11 -37.31 13.32 -24.40
N GLY C 12 -36.72 12.14 -24.62
CA GLY C 12 -35.96 11.88 -25.83
C GLY C 12 -36.84 11.44 -26.98
N TRP C 13 -36.20 11.32 -28.15
CA TRP C 13 -36.89 11.01 -29.40
C TRP C 13 -36.45 9.63 -29.88
N GLN C 14 -37.37 8.66 -29.81
CA GLN C 14 -37.12 7.37 -30.45
C GLN C 14 -36.76 7.52 -31.92
N GLY C 15 -37.24 8.60 -32.56
CA GLY C 15 -37.13 8.76 -34.00
C GLY C 15 -35.81 9.27 -34.54
N MET C 16 -34.92 9.77 -33.70
CA MET C 16 -33.65 10.33 -34.18
C MET C 16 -32.58 9.26 -34.03
N VAL C 17 -32.43 8.46 -35.09
CA VAL C 17 -31.50 7.35 -35.06
C VAL C 17 -30.08 7.72 -35.47
N ASP C 18 -29.90 8.81 -36.22
CA ASP C 18 -28.59 9.14 -36.78
C ASP C 18 -27.63 9.79 -35.80
N GLY C 19 -28.08 10.19 -34.60
CA GLY C 19 -27.17 10.89 -33.72
C GLY C 19 -27.75 11.08 -32.33
N TRP C 20 -26.94 11.70 -31.47
CA TRP C 20 -27.31 11.86 -30.06
C TRP C 20 -28.21 13.08 -29.86
N TYR C 21 -27.91 14.19 -30.54
CA TYR C 21 -28.68 15.41 -30.43
C TYR C 21 -29.08 15.86 -31.84
N GLY C 22 -30.15 16.65 -31.92
CA GLY C 22 -30.53 17.17 -33.22
C GLY C 22 -31.88 17.88 -33.19
N TYR C 23 -32.48 17.97 -34.37
CA TYR C 23 -33.65 18.79 -34.61
C TYR C 23 -34.82 17.93 -35.12
N HIS C 24 -36.03 18.38 -34.80
CA HIS C 24 -37.25 17.85 -35.40
C HIS C 24 -38.06 19.01 -35.94
N HIS C 25 -38.30 19.01 -37.25
CA HIS C 25 -38.99 20.13 -37.89
C HIS C 25 -40.36 19.70 -38.36
N SER C 26 -41.24 20.69 -38.51
CA SER C 26 -42.58 20.47 -39.03
C SER C 26 -43.06 21.74 -39.73
N ASN C 27 -43.11 21.71 -41.06
CA ASN C 27 -43.70 22.77 -41.87
C ASN C 27 -44.75 22.16 -42.78
N GLU C 28 -45.27 22.94 -43.74
CA GLU C 28 -46.42 22.47 -44.50
C GLU C 28 -46.05 21.46 -45.57
N GLN C 29 -44.76 21.28 -45.87
CA GLN C 29 -44.30 20.18 -46.70
C GLN C 29 -43.98 18.93 -45.89
N GLY C 30 -44.35 18.89 -44.61
CA GLY C 30 -44.21 17.70 -43.79
C GLY C 30 -43.26 17.95 -42.64
N SER C 31 -42.67 16.86 -42.14
CA SER C 31 -41.89 16.90 -40.92
C SER C 31 -40.74 15.92 -41.03
N GLY C 32 -39.81 16.03 -40.08
CA GLY C 32 -38.71 15.08 -40.07
C GLY C 32 -37.75 15.32 -38.93
N TYR C 33 -36.77 14.41 -38.85
CA TYR C 33 -35.70 14.45 -37.86
C TYR C 33 -34.37 14.64 -38.58
N ALA C 34 -33.46 15.40 -37.97
CA ALA C 34 -32.12 15.56 -38.50
C ALA C 34 -31.14 15.69 -37.36
N ALA C 35 -30.20 14.79 -37.24
CA ALA C 35 -29.25 14.90 -36.17
C ALA C 35 -28.31 16.03 -36.45
N ASP C 36 -27.68 16.53 -35.41
CA ASP C 36 -26.70 17.59 -35.59
C ASP C 36 -25.36 16.92 -35.65
N ARG C 37 -24.81 16.82 -36.83
CA ARG C 37 -23.55 16.16 -37.02
C ARG C 37 -22.43 16.75 -36.20
N GLU C 38 -22.36 18.06 -36.12
CA GLU C 38 -21.27 18.65 -35.39
C GLU C 38 -21.27 18.36 -33.92
N SER C 39 -22.27 18.86 -33.21
CA SER C 39 -22.35 18.67 -31.80
C SER C 39 -22.30 17.22 -31.39
N THR C 40 -22.78 16.34 -32.24
CA THR C 40 -22.76 14.91 -31.94
C THR C 40 -21.35 14.34 -32.06
N GLN C 41 -20.63 14.73 -33.11
CA GLN C 41 -19.25 14.28 -33.28
C GLN C 41 -18.36 14.81 -32.17
N LYS C 42 -18.59 16.05 -31.74
CA LYS C 42 -17.84 16.63 -30.64
C LYS C 42 -17.99 15.81 -29.38
N ALA C 43 -19.22 15.35 -29.11
CA ALA C 43 -19.48 14.59 -27.89
C ALA C 43 -18.93 13.17 -27.97
N ILE C 44 -19.07 12.53 -29.15
CA ILE C 44 -18.54 11.17 -29.27
C ILE C 44 -17.02 11.20 -29.22
N ASP C 45 -16.40 12.27 -29.72
CA ASP C 45 -14.96 12.45 -29.61
C ASP C 45 -14.55 12.58 -28.15
N GLY C 46 -15.19 13.51 -27.42
CA GLY C 46 -14.79 13.72 -26.04
C GLY C 46 -15.05 12.53 -25.15
N VAL C 47 -16.08 11.74 -25.44
CA VAL C 47 -16.41 10.63 -24.56
C VAL C 47 -15.58 9.39 -24.87
N THR C 48 -15.26 9.12 -26.14
CA THR C 48 -14.30 8.03 -26.38
C THR C 48 -12.92 8.43 -25.88
N ASN C 49 -12.59 9.72 -25.91
CA ASN C 49 -11.32 10.16 -25.32
C ASN C 49 -11.32 9.98 -23.80
N LYS C 50 -12.46 10.24 -23.16
CA LYS C 50 -12.55 10.04 -21.72
C LYS C 50 -12.44 8.55 -21.35
N VAL C 51 -13.06 7.68 -22.16
CA VAL C 51 -12.99 6.24 -21.90
C VAL C 51 -11.55 5.75 -22.06
N ASN C 52 -10.88 6.16 -23.14
CA ASN C 52 -9.48 5.79 -23.32
C ASN C 52 -8.61 6.35 -22.22
N SER C 53 -8.92 7.56 -21.72
CA SER C 53 -8.18 8.11 -20.60
C SER C 53 -8.31 7.23 -19.36
N ILE C 54 -9.54 6.78 -19.06
CA ILE C 54 -9.76 5.99 -17.86
C ILE C 54 -9.07 4.64 -17.99
N ILE C 55 -9.06 4.05 -19.18
CA ILE C 55 -8.41 2.76 -19.35
C ILE C 55 -6.89 2.91 -19.26
N ASP C 56 -6.32 3.87 -20.01
CA ASP C 56 -4.87 4.06 -20.01
C ASP C 56 -4.33 4.49 -18.66
N LYS C 57 -5.12 5.22 -17.85
CA LYS C 57 -4.58 5.71 -16.59
C LYS C 57 -4.48 4.60 -15.56
N MET C 58 -5.27 3.53 -15.70
CA MET C 58 -5.14 2.35 -14.85
C MET C 58 -4.32 1.26 -15.53
N ASN C 59 -3.36 1.67 -16.37
CA ASN C 59 -2.42 0.72 -16.96
C ASN C 59 -1.46 0.19 -15.89
N THR C 60 -0.71 1.08 -15.25
CA THR C 60 0.19 0.70 -14.17
C THR C 60 -0.63 0.57 -12.89
N GLN C 61 -0.93 -0.65 -12.52
CA GLN C 61 -1.71 -0.93 -11.34
C GLN C 61 -0.90 -1.85 -10.46
N PHE C 62 -1.57 -2.60 -9.61
CA PHE C 62 -0.86 -3.49 -8.72
C PHE C 62 -0.97 -4.92 -9.17
N GLU C 63 0.13 -5.63 -9.16
CA GLU C 63 0.11 -7.03 -9.56
C GLU C 63 0.49 -7.90 -8.38
N ALA C 64 -0.40 -8.82 -8.02
CA ALA C 64 -0.16 -9.70 -6.88
C ALA C 64 0.67 -10.93 -7.20
N VAL C 65 1.82 -11.04 -6.56
CA VAL C 65 2.69 -12.20 -6.73
C VAL C 65 2.40 -13.20 -5.61
N GLY C 66 2.47 -14.49 -5.94
CA GLY C 66 2.33 -15.53 -4.95
C GLY C 66 3.61 -15.82 -4.18
N ARG C 67 3.59 -15.59 -2.87
CA ARG C 67 4.70 -15.90 -1.99
C ARG C 67 4.23 -16.90 -0.94
N GLU C 68 5.19 -17.65 -0.37
CA GLU C 68 4.85 -18.71 0.58
C GLU C 68 5.75 -18.67 1.79
N PHE C 69 5.17 -18.98 2.96
CA PHE C 69 5.84 -18.85 4.24
C PHE C 69 5.54 -20.08 5.09
N ASN C 70 6.46 -20.45 5.97
CA ASN C 70 6.30 -21.67 6.74
C ASN C 70 5.66 -21.37 8.10
N ASN C 71 5.60 -22.39 8.96
CA ASN C 71 4.78 -22.33 10.16
C ASN C 71 5.32 -21.37 11.21
N LEU C 72 6.61 -21.03 11.15
CA LEU C 72 7.20 -20.06 12.07
C LEU C 72 7.50 -18.73 11.37
N GLU C 73 6.80 -18.47 10.27
CA GLU C 73 6.89 -17.22 9.53
C GLU C 73 5.52 -16.56 9.43
N ARG C 74 4.63 -16.84 10.39
CA ARG C 74 3.25 -16.40 10.26
C ARG C 74 3.12 -14.88 10.35
N ARG C 75 4.07 -14.22 11.03
CA ARG C 75 4.04 -12.76 11.10
C ARG C 75 4.16 -12.14 9.71
N ILE C 76 5.20 -12.52 8.95
CA ILE C 76 5.34 -11.90 7.64
C ILE C 76 4.36 -12.48 6.62
N GLU C 77 3.87 -13.71 6.81
CA GLU C 77 2.75 -14.20 6.00
C GLU C 77 1.55 -13.25 6.14
N ASN C 78 1.21 -12.92 7.39
CA ASN C 78 0.11 -12.00 7.64
C ASN C 78 0.42 -10.62 7.06
N LEU C 79 1.67 -10.18 7.18
CA LEU C 79 2.09 -8.93 6.59
C LEU C 79 1.85 -8.93 5.08
N ASN C 80 2.24 -10.01 4.44
CA ASN C 80 2.09 -10.16 3.02
C ASN C 80 0.65 -10.08 2.61
N LYS C 81 -0.23 -10.73 3.30
CA LYS C 81 -1.61 -10.69 2.91
C LYS C 81 -2.22 -9.34 3.11
N LYS C 82 -1.94 -8.72 4.23
CA LYS C 82 -2.50 -7.43 4.48
C LYS C 82 -2.02 -6.45 3.44
N MET C 83 -0.80 -6.61 2.98
CA MET C 83 -0.28 -5.71 1.96
C MET C 83 -0.99 -5.90 0.62
N GLU C 84 -1.07 -7.15 0.15
CA GLU C 84 -1.72 -7.38 -1.15
C GLU C 84 -3.20 -7.03 -1.11
N ASP C 85 -3.90 -7.44 -0.03
CA ASP C 85 -5.30 -7.08 0.13
C ASP C 85 -5.49 -5.57 0.22
N GLY C 86 -4.59 -4.88 0.93
CA GLY C 86 -4.68 -3.43 1.00
C GLY C 86 -4.59 -2.78 -0.36
N PHE C 87 -3.61 -3.22 -1.16
CA PHE C 87 -3.45 -2.62 -2.48
C PHE C 87 -4.64 -2.93 -3.38
N LEU C 88 -5.25 -4.10 -3.22
CA LEU C 88 -6.39 -4.39 -4.09
C LEU C 88 -7.64 -3.65 -3.64
N ASP C 89 -7.87 -3.54 -2.33
CA ASP C 89 -8.95 -2.69 -1.85
C ASP C 89 -8.76 -1.25 -2.33
N VAL C 90 -7.52 -0.76 -2.31
CA VAL C 90 -7.24 0.60 -2.74
C VAL C 90 -7.60 0.77 -4.22
N TRP C 91 -7.10 -0.14 -5.07
CA TRP C 91 -7.32 0.05 -6.50
C TRP C 91 -8.77 -0.20 -6.90
N THR C 92 -9.53 -0.99 -6.14
CA THR C 92 -10.94 -1.13 -6.50
C THR C 92 -11.77 0.05 -6.00
N TYR C 93 -11.39 0.66 -4.87
CA TYR C 93 -11.93 1.97 -4.56
C TYR C 93 -11.68 2.94 -5.69
N ASN C 94 -10.43 3.00 -6.16
CA ASN C 94 -10.08 3.94 -7.22
C ASN C 94 -10.93 3.70 -8.47
N ALA C 95 -11.10 2.44 -8.86
CA ALA C 95 -11.83 2.13 -10.09
C ALA C 95 -13.31 2.45 -9.96
N GLU C 96 -13.94 1.93 -8.94
CA GLU C 96 -15.34 2.17 -8.79
C GLU C 96 -15.66 3.64 -8.61
N LEU C 97 -14.84 4.34 -7.86
CA LEU C 97 -15.09 5.74 -7.58
C LEU C 97 -14.89 6.60 -8.84
N LEU C 98 -13.84 6.33 -9.61
CA LEU C 98 -13.64 7.07 -10.84
C LEU C 98 -14.77 6.82 -11.82
N VAL C 99 -15.25 5.58 -11.90
CA VAL C 99 -16.35 5.28 -12.81
C VAL C 99 -17.60 6.05 -12.41
N LEU C 100 -17.95 6.03 -11.12
CA LEU C 100 -19.11 6.77 -10.63
C LEU C 100 -19.00 8.25 -10.97
N MET C 101 -17.85 8.86 -10.65
CA MET C 101 -17.72 10.31 -10.81
C MET C 101 -17.77 10.71 -12.28
N GLU C 102 -17.10 9.97 -13.15
CA GLU C 102 -17.13 10.38 -14.54
C GLU C 102 -18.39 9.91 -15.26
N ASN C 103 -19.16 8.98 -14.68
CA ASN C 103 -20.50 8.74 -15.17
C ASN C 103 -21.40 9.94 -14.92
N GLU C 104 -21.36 10.47 -13.70
CA GLU C 104 -22.12 11.69 -13.40
C GLU C 104 -21.72 12.80 -14.36
N ARG C 105 -20.42 13.00 -14.57
CA ARG C 105 -19.99 14.09 -15.44
C ARG C 105 -20.30 13.82 -16.90
N THR C 106 -20.42 12.56 -17.30
CA THR C 106 -20.77 12.26 -18.69
C THR C 106 -22.22 12.58 -18.96
N LEU C 107 -23.11 12.15 -18.06
CA LEU C 107 -24.52 12.50 -18.18
C LEU C 107 -24.69 14.03 -18.23
N ASP C 108 -24.02 14.75 -17.33
CA ASP C 108 -24.15 16.20 -17.33
C ASP C 108 -23.49 16.85 -18.54
N PHE C 109 -22.44 16.21 -19.10
CA PHE C 109 -21.86 16.63 -20.37
C PHE C 109 -22.90 16.62 -21.48
N HIS C 110 -23.61 15.49 -21.62
CA HIS C 110 -24.68 15.39 -22.61
C HIS C 110 -25.72 16.49 -22.40
N ASP C 111 -26.17 16.64 -21.15
CA ASP C 111 -27.10 17.71 -20.81
C ASP C 111 -26.61 19.08 -21.32
N SER C 112 -25.36 19.43 -20.99
CA SER C 112 -24.81 20.72 -21.41
C SER C 112 -24.83 20.86 -22.92
N ASN C 113 -24.42 19.80 -23.64
CA ASN C 113 -24.42 19.89 -25.10
C ASN C 113 -25.82 20.18 -25.63
N VAL C 114 -26.85 19.56 -25.03
CA VAL C 114 -28.21 19.79 -25.48
C VAL C 114 -28.64 21.23 -25.23
N LYS C 115 -28.37 21.73 -24.02
CA LYS C 115 -28.72 23.13 -23.73
C LYS C 115 -27.99 24.08 -24.65
N ASN C 116 -26.73 23.79 -24.99
CA ASN C 116 -25.98 24.67 -25.87
C ASN C 116 -26.54 24.65 -27.29
N LEU C 117 -27.09 23.52 -27.73
CA LEU C 117 -27.73 23.48 -29.04
C LEU C 117 -29.04 24.29 -29.06
N TYR C 118 -29.89 24.04 -28.07
CA TYR C 118 -31.11 24.83 -27.93
C TYR C 118 -30.78 26.32 -27.94
N ASP C 119 -29.77 26.71 -27.17
CA ASP C 119 -29.40 28.11 -27.14
C ASP C 119 -28.88 28.57 -28.50
N LYS C 120 -28.06 27.75 -29.15
CA LYS C 120 -27.45 28.20 -30.40
C LYS C 120 -28.49 28.54 -31.45
N VAL C 121 -29.63 27.83 -31.47
CA VAL C 121 -30.66 28.25 -32.41
C VAL C 121 -31.55 29.37 -31.85
N ARG C 122 -31.83 29.38 -30.56
CA ARG C 122 -32.52 30.50 -29.94
C ARG C 122 -31.86 31.83 -30.32
N LEU C 123 -30.53 31.86 -30.27
CA LEU C 123 -29.78 33.07 -30.61
C LEU C 123 -29.95 33.44 -32.08
N GLN C 124 -30.11 32.44 -32.96
CA GLN C 124 -30.36 32.74 -34.37
C GLN C 124 -31.75 33.33 -34.58
N LEU C 125 -32.74 32.83 -33.84
CA LEU C 125 -34.11 33.15 -34.20
C LEU C 125 -34.67 34.39 -33.48
N ARG C 126 -34.39 34.57 -32.19
CA ARG C 126 -34.81 35.78 -31.46
C ARG C 126 -36.33 35.86 -31.48
N ASP C 127 -36.92 36.99 -31.85
CA ASP C 127 -38.37 37.16 -31.89
C ASP C 127 -38.98 36.73 -33.22
N ASN C 128 -38.17 36.20 -34.15
CA ASN C 128 -38.74 35.60 -35.35
C ASN C 128 -39.56 34.35 -35.03
N ALA C 129 -39.33 33.74 -33.87
CA ALA C 129 -40.08 32.58 -33.41
C ALA C 129 -40.44 32.77 -31.94
N LYS C 130 -41.21 31.83 -31.41
CA LYS C 130 -41.73 31.88 -30.06
C LYS C 130 -41.23 30.64 -29.32
N GLU C 131 -40.44 30.84 -28.28
CA GLU C 131 -39.98 29.73 -27.46
C GLU C 131 -41.14 29.17 -26.67
N LEU C 132 -41.58 27.97 -27.01
CA LEU C 132 -42.65 27.32 -26.25
C LEU C 132 -42.18 26.85 -24.88
N GLY C 133 -40.88 26.88 -24.62
CA GLY C 133 -40.34 26.40 -23.36
C GLY C 133 -40.42 24.91 -23.17
N ASN C 134 -40.74 24.16 -24.24
CA ASN C 134 -40.72 22.71 -24.22
C ASN C 134 -39.59 22.15 -25.07
N GLY C 135 -38.68 23.02 -25.53
CA GLY C 135 -37.64 22.64 -26.45
C GLY C 135 -37.92 23.02 -27.89
N CYS C 136 -39.11 23.53 -28.17
CA CYS C 136 -39.53 23.87 -29.52
C CYS C 136 -39.61 25.37 -29.69
N PHE C 137 -39.46 25.80 -30.94
CA PHE C 137 -39.64 27.18 -31.38
C PHE C 137 -40.77 27.16 -32.40
N GLU C 138 -41.89 27.77 -32.02
CA GLU C 138 -43.04 27.99 -32.90
C GLU C 138 -42.75 29.22 -33.76
N PHE C 139 -42.48 29.00 -35.04
CA PHE C 139 -42.10 30.12 -35.91
C PHE C 139 -43.23 31.15 -36.01
N TYR C 140 -42.84 32.36 -36.45
CA TYR C 140 -43.79 33.43 -36.73
C TYR C 140 -43.93 33.70 -38.23
N HIS C 141 -43.37 32.85 -39.08
CA HIS C 141 -43.45 33.09 -40.51
C HIS C 141 -43.48 31.74 -41.21
N LYS C 142 -43.05 31.74 -42.47
CA LYS C 142 -43.08 30.56 -43.28
C LYS C 142 -41.71 30.01 -43.49
N CYS C 143 -41.45 28.92 -42.81
CA CYS C 143 -40.15 28.28 -42.89
C CYS C 143 -40.31 26.99 -43.70
N ASP C 144 -40.00 27.05 -45.00
CA ASP C 144 -40.01 25.83 -45.82
C ASP C 144 -38.77 25.02 -45.48
N ASN C 145 -38.55 23.91 -46.21
CA ASN C 145 -37.54 22.95 -45.76
C ASN C 145 -36.12 23.47 -45.91
N GLU C 146 -35.92 24.50 -46.75
CA GLU C 146 -34.61 25.11 -46.88
C GLU C 146 -34.37 26.19 -45.84
N CYS C 147 -35.42 26.89 -45.41
CA CYS C 147 -35.33 27.70 -44.20
C CYS C 147 -34.98 26.84 -42.99
N MET C 148 -35.63 25.68 -42.87
CA MET C 148 -35.28 24.73 -41.82
C MET C 148 -33.83 24.29 -41.93
N GLU C 149 -33.39 23.87 -43.13
CA GLU C 149 -32.01 23.46 -43.32
C GLU C 149 -31.04 24.58 -42.96
N SER C 150 -31.42 25.84 -43.22
CA SER C 150 -30.60 26.97 -42.79
C SER C 150 -30.49 27.00 -41.26
N VAL C 151 -31.63 26.90 -40.57
CA VAL C 151 -31.61 26.87 -39.11
C VAL C 151 -30.66 25.77 -38.62
N ARG C 152 -30.69 24.62 -39.28
CA ARG C 152 -29.84 23.50 -38.87
C ARG C 152 -28.36 23.81 -39.09
N ASN C 153 -27.95 24.02 -40.34
CA ASN C 153 -26.55 24.31 -40.62
C ASN C 153 -26.14 25.76 -40.28
N GLY C 154 -26.95 26.45 -39.48
CA GLY C 154 -26.53 27.69 -38.84
C GLY C 154 -26.64 28.95 -39.69
N THR C 155 -27.15 28.86 -40.91
CA THR C 155 -27.10 29.97 -41.86
C THR C 155 -28.43 30.70 -41.98
N TYR C 156 -29.04 31.05 -40.84
CA TYR C 156 -30.40 31.59 -40.83
C TYR C 156 -30.34 33.12 -40.90
N ASP C 157 -30.78 33.68 -42.02
CA ASP C 157 -30.78 35.13 -42.24
C ASP C 157 -31.93 35.75 -41.48
N TYR C 158 -31.63 36.41 -40.35
CA TYR C 158 -32.67 37.02 -39.54
C TYR C 158 -33.37 38.18 -40.24
N PRO C 159 -32.67 39.12 -40.90
CA PRO C 159 -33.39 40.19 -41.63
C PRO C 159 -34.49 39.68 -42.53
N GLN C 160 -34.20 38.66 -43.35
CA GLN C 160 -35.09 38.26 -44.44
C GLN C 160 -36.53 38.04 -43.98
N TYR C 161 -36.73 37.53 -42.77
CA TYR C 161 -38.06 37.17 -42.28
C TYR C 161 -38.58 38.09 -41.19
N SER C 162 -37.86 39.17 -40.87
CA SER C 162 -38.25 40.03 -39.75
C SER C 162 -39.65 40.57 -40.00
N GLU C 163 -39.80 41.30 -41.09
CA GLU C 163 -41.03 41.94 -41.49
C GLU C 163 -42.25 41.07 -41.25
N GLU C 164 -42.23 39.86 -41.81
CA GLU C 164 -43.42 39.02 -41.76
C GLU C 164 -43.73 38.58 -40.34
N ALA C 165 -42.71 38.16 -39.61
CA ALA C 165 -42.90 37.80 -38.23
C ALA C 165 -43.38 39.00 -37.43
N ARG C 166 -42.84 40.17 -37.78
CA ARG C 166 -43.25 41.42 -37.14
C ARG C 166 -44.76 41.56 -37.10
N LEU C 167 -45.48 41.03 -38.09
CA LEU C 167 -46.93 41.22 -38.08
C LEU C 167 -47.62 40.20 -37.19
N LYS C 168 -47.17 38.92 -37.22
CA LYS C 168 -47.91 37.82 -36.63
C LYS C 168 -47.63 37.73 -35.14
N ARG C 169 -46.60 38.47 -34.68
CA ARG C 169 -46.47 38.82 -33.29
C ARG C 169 -47.47 39.89 -32.87
N GLU C 170 -47.57 40.96 -33.64
CA GLU C 170 -48.61 41.97 -33.34
C GLU C 170 -50.01 41.39 -33.22
N GLU C 171 -50.41 40.59 -34.21
CA GLU C 171 -51.81 40.40 -34.54
C GLU C 171 -52.29 39.02 -34.11
N ASP D 1 -23.59 51.77 -31.50
CA ASP D 1 -23.19 51.92 -30.09
C ASP D 1 -23.22 50.55 -29.41
N GLN D 2 -22.07 50.08 -28.91
CA GLN D 2 -21.94 48.67 -28.54
C GLN D 2 -21.12 48.50 -27.26
N ILE D 3 -21.41 47.42 -26.53
CA ILE D 3 -20.55 46.95 -25.44
C ILE D 3 -20.55 45.43 -25.42
N CYS D 4 -19.38 44.83 -25.23
CA CYS D 4 -19.22 43.38 -25.32
C CYS D 4 -18.55 42.83 -24.08
N ILE D 5 -18.84 41.54 -23.82
CA ILE D 5 -18.17 40.77 -22.78
C ILE D 5 -17.18 39.82 -23.43
N GLY D 6 -15.95 39.80 -22.92
CA GLY D 6 -14.93 38.92 -23.45
C GLY D 6 -13.92 38.52 -22.40
N TYR D 7 -12.90 37.78 -22.84
CA TYR D 7 -11.93 37.20 -21.93
C TYR D 7 -10.52 37.28 -22.53
N HIS D 8 -9.54 37.04 -21.65
CA HIS D 8 -8.12 37.14 -21.99
C HIS D 8 -7.72 36.14 -23.08
N ALA D 9 -6.78 36.57 -23.92
CA ALA D 9 -6.00 35.69 -24.78
C ALA D 9 -4.60 36.28 -24.91
N ASN D 10 -3.61 35.43 -25.18
CA ASN D 10 -2.24 35.92 -25.29
C ASN D 10 -1.42 34.92 -26.11
N ASN D 11 -0.10 35.15 -26.13
CA ASN D 11 0.82 34.35 -26.95
C ASN D 11 1.06 32.96 -26.38
N SER D 12 0.77 32.75 -25.09
CA SER D 12 1.07 31.51 -24.37
C SER D 12 0.83 30.25 -25.21
N THR D 13 1.79 29.33 -25.14
CA THR D 13 1.69 28.02 -25.75
C THR D 13 1.48 26.90 -24.74
N GLU D 14 1.49 27.23 -23.45
CA GLU D 14 1.28 26.29 -22.35
C GLU D 14 0.09 25.36 -22.55
N GLN D 15 0.34 24.08 -22.71
CA GLN D 15 -0.71 23.07 -22.80
C GLN D 15 -0.93 22.39 -21.45
N VAL D 16 -2.18 22.01 -21.20
CA VAL D 16 -2.56 21.18 -20.07
C VAL D 16 -3.45 20.06 -20.59
N ASP D 17 -3.72 19.09 -19.73
CA ASP D 17 -4.55 17.95 -20.10
C ASP D 17 -5.75 17.84 -19.19
N THR D 18 -6.76 17.13 -19.68
CA THR D 18 -7.99 16.86 -18.96
C THR D 18 -8.40 15.43 -19.31
N ILE D 19 -9.46 14.94 -18.67
CA ILE D 19 -9.91 13.59 -19.00
C ILE D 19 -10.52 13.55 -20.38
N MET D 20 -11.18 14.63 -20.81
CA MET D 20 -11.86 14.67 -22.10
C MET D 20 -10.93 15.08 -23.25
N GLU D 21 -10.01 16.02 -23.00
CA GLU D 21 -9.22 16.60 -24.06
C GLU D 21 -7.78 16.75 -23.62
N LYS D 22 -6.86 16.31 -24.47
CA LYS D 22 -5.43 16.43 -24.24
C LYS D 22 -4.86 17.56 -25.08
N ASN D 23 -3.68 18.04 -24.69
CA ASN D 23 -2.94 19.05 -25.44
C ASN D 23 -3.80 20.29 -25.67
N VAL D 24 -4.26 20.87 -24.55
CA VAL D 24 -5.18 22.01 -24.56
C VAL D 24 -4.39 23.26 -24.18
N THR D 25 -4.21 24.16 -25.15
CA THR D 25 -3.53 25.42 -24.87
C THR D 25 -4.34 26.27 -23.91
N VAL D 26 -3.65 26.85 -22.91
CA VAL D 26 -4.27 27.73 -21.93
C VAL D 26 -3.41 28.99 -21.81
N THR D 27 -4.00 30.02 -21.21
CA THR D 27 -3.31 31.29 -21.08
C THR D 27 -2.31 31.31 -19.93
N HIS D 28 -2.60 30.58 -18.85
CA HIS D 28 -1.79 30.62 -17.62
C HIS D 28 -1.73 29.20 -17.06
N ALA D 29 -0.58 28.55 -17.22
CA ALA D 29 -0.34 27.26 -16.61
C ALA D 29 0.44 27.43 -15.31
N GLN D 30 0.76 26.30 -14.68
CA GLN D 30 1.72 26.26 -13.58
C GLN D 30 2.30 24.85 -13.53
N ASP D 31 3.60 24.75 -13.77
CA ASP D 31 4.29 23.47 -13.62
C ASP D 31 4.52 23.15 -12.16
N ILE D 32 4.32 21.89 -11.79
CA ILE D 32 4.54 21.49 -10.40
C ILE D 32 5.38 20.22 -10.35
N LEU D 33 6.08 19.90 -11.44
CA LEU D 33 6.95 18.72 -11.50
C LEU D 33 8.38 19.18 -11.75
N GLU D 34 9.25 18.94 -10.78
CA GLU D 34 10.68 19.19 -10.95
C GLU D 34 11.32 18.00 -11.67
N LYS D 35 11.98 18.26 -12.79
CA LYS D 35 12.55 17.20 -13.61
C LYS D 35 14.05 17.34 -13.81
N THR D 36 14.73 18.18 -13.01
CA THR D 36 16.15 18.47 -13.21
C THR D 36 16.94 18.21 -11.94
N HIS D 37 18.09 17.55 -12.09
CA HIS D 37 19.05 17.36 -11.02
C HIS D 37 20.43 17.75 -11.51
N ASN D 38 21.36 17.94 -10.58
CA ASN D 38 22.70 18.39 -10.92
C ASN D 38 23.71 17.25 -11.07
N GLY D 39 23.25 16.00 -11.06
CA GLY D 39 24.14 14.88 -11.35
C GLY D 39 25.33 14.75 -10.43
N LYS D 40 25.22 15.22 -9.18
CA LYS D 40 26.35 15.23 -8.27
C LYS D 40 25.90 14.90 -6.85
N LEU D 41 26.85 14.45 -6.05
CA LEU D 41 26.62 14.19 -4.63
C LEU D 41 27.14 15.38 -3.85
N CYS D 42 26.31 15.91 -2.94
CA CYS D 42 26.57 17.19 -2.31
C CYS D 42 26.53 17.05 -0.80
N ASP D 43 26.93 18.13 -0.12
CA ASP D 43 26.62 18.29 1.29
C ASP D 43 25.10 18.27 1.49
N LEU D 44 24.70 18.18 2.75
CA LEU D 44 23.29 18.20 3.12
C LEU D 44 23.16 19.16 4.30
N ASN D 45 22.75 20.39 4.01
CA ASN D 45 22.82 21.50 4.96
C ASN D 45 24.25 21.67 5.47
N GLY D 46 25.19 21.68 4.52
CA GLY D 46 26.59 21.91 4.83
C GLY D 46 27.30 20.79 5.58
N VAL D 47 26.75 19.58 5.58
CA VAL D 47 27.38 18.43 6.23
C VAL D 47 27.74 17.42 5.15
N LYS D 48 29.03 17.16 4.99
CA LYS D 48 29.49 16.33 3.88
C LYS D 48 29.15 14.87 4.13
N PRO D 49 28.77 14.13 3.09
CA PRO D 49 28.44 12.74 3.30
C PRO D 49 29.68 11.93 3.48
N LEU D 50 29.53 10.67 3.85
CA LEU D 50 30.65 9.80 4.02
C LEU D 50 30.68 8.96 2.79
N ILE D 51 31.67 9.17 1.95
CA ILE D 51 31.76 8.42 0.71
C ILE D 51 32.84 7.38 0.75
N LEU D 52 32.46 6.13 0.87
CA LEU D 52 33.41 5.05 0.93
C LEU D 52 33.68 4.58 -0.46
N LYS D 53 34.42 5.35 -1.22
CA LYS D 53 34.71 4.95 -2.56
C LYS D 53 35.57 3.74 -2.45
N ASP D 54 35.17 2.66 -3.08
CA ASP D 54 35.89 1.39 -3.11
C ASP D 54 36.01 0.50 -1.87
N CYS D 55 35.67 1.01 -0.70
CA CYS D 55 35.67 0.24 0.50
C CYS D 55 34.18 0.00 0.80
N SER D 56 33.83 -1.16 1.30
CA SER D 56 32.46 -1.45 1.64
C SER D 56 32.21 -1.13 3.09
N VAL D 57 30.98 -1.27 3.56
CA VAL D 57 30.76 -0.97 4.97
C VAL D 57 31.50 -1.97 5.86
N ALA D 58 31.46 -3.26 5.50
CA ALA D 58 32.21 -4.25 6.25
C ALA D 58 33.71 -3.92 6.26
N GLY D 59 34.27 -3.63 5.07
CA GLY D 59 35.67 -3.28 4.99
C GLY D 59 36.03 -2.08 5.83
N TRP D 60 35.15 -1.07 5.85
CA TRP D 60 35.37 0.10 6.70
C TRP D 60 35.35 -0.27 8.17
N LEU D 61 34.28 -0.94 8.61
CA LEU D 61 34.07 -1.16 10.05
C LEU D 61 35.11 -2.11 10.63
N LEU D 62 35.49 -3.15 9.88
CA LEU D 62 36.50 -4.07 10.36
C LEU D 62 37.91 -3.55 10.17
N GLY D 63 38.11 -2.62 9.24
CA GLY D 63 39.42 -2.05 9.02
C GLY D 63 40.24 -2.82 8.02
N ASN D 64 39.68 -3.05 6.83
CA ASN D 64 40.47 -3.50 5.70
C ASN D 64 41.68 -2.58 5.52
N PRO D 65 42.89 -3.11 5.34
CA PRO D 65 44.06 -2.24 5.23
C PRO D 65 44.04 -1.34 4.01
N MET D 66 43.20 -1.61 3.02
CA MET D 66 42.98 -0.70 1.91
C MET D 66 41.98 0.40 2.24
N CYS D 67 41.39 0.38 3.43
CA CYS D 67 40.39 1.35 3.83
C CYS D 67 40.94 2.34 4.86
N ASP D 68 42.26 2.53 4.88
CA ASP D 68 42.88 3.40 5.86
C ASP D 68 42.41 4.84 5.78
N GLU D 69 41.77 5.22 4.68
CA GLU D 69 41.26 6.58 4.55
C GLU D 69 40.16 6.83 5.57
N PHE D 70 39.55 5.78 6.12
CA PHE D 70 38.41 5.91 7.01
C PHE D 70 38.76 5.46 8.44
N ILE D 71 40.01 5.66 8.84
CA ILE D 71 40.42 5.30 10.20
C ILE D 71 39.61 6.08 11.23
N ARG D 72 39.54 7.40 11.08
CA ARG D 72 38.79 8.24 12.02
C ARG D 72 37.92 9.22 11.22
N VAL D 73 36.72 8.75 10.92
CA VAL D 73 35.75 9.44 10.05
C VAL D 73 35.13 10.61 10.81
N PRO D 74 34.88 11.74 10.14
CA PRO D 74 34.10 12.81 10.75
C PRO D 74 32.60 12.59 10.55
N GLU D 75 31.82 13.30 11.38
CA GLU D 75 30.36 13.23 11.31
C GLU D 75 29.85 13.35 9.87
N TRP D 76 28.86 12.54 9.52
CA TRP D 76 28.32 12.53 8.18
C TRP D 76 26.82 12.83 8.19
N SER D 77 26.31 13.12 7.00
CA SER D 77 24.88 13.34 6.77
C SER D 77 24.22 12.11 6.19
N TYR D 78 24.86 11.50 5.20
CA TYR D 78 24.48 10.21 4.67
C TYR D 78 25.75 9.47 4.29
N ILE D 79 25.61 8.19 3.94
CA ILE D 79 26.73 7.35 3.58
C ILE D 79 26.54 6.92 2.14
N VAL D 80 27.60 6.96 1.33
CA VAL D 80 27.54 6.55 -0.06
C VAL D 80 28.42 5.33 -0.24
N GLU D 81 27.79 4.21 -0.62
CA GLU D 81 28.50 2.98 -0.89
C GLU D 81 28.34 2.63 -2.36
N ARG D 82 29.40 2.08 -2.96
CA ARG D 82 29.31 1.74 -4.38
C ARG D 82 28.57 0.41 -4.55
N ALA D 83 28.29 0.07 -5.81
CA ALA D 83 27.49 -1.12 -6.09
C ALA D 83 28.29 -2.39 -5.84
N ASN D 84 29.57 -2.39 -6.21
CA ASN D 84 30.44 -3.56 -6.01
C ASN D 84 31.83 -3.10 -5.62
N PRO D 85 32.00 -2.69 -4.36
CA PRO D 85 33.32 -2.20 -3.92
C PRO D 85 34.33 -3.33 -3.89
N ALA D 86 35.60 -2.97 -4.12
CA ALA D 86 36.64 -3.99 -4.23
C ALA D 86 37.13 -4.43 -2.85
N ASN D 87 37.27 -3.50 -1.91
CA ASN D 87 37.86 -3.79 -0.61
C ASN D 87 36.75 -4.11 0.38
N ASP D 88 36.54 -5.41 0.60
CA ASP D 88 35.48 -5.87 1.50
C ASP D 88 35.84 -7.29 1.92
N LEU D 89 36.16 -7.47 3.19
CA LEU D 89 36.56 -8.79 3.72
C LEU D 89 37.67 -9.41 2.88
N CYS D 90 38.88 -8.85 3.05
CA CYS D 90 40.04 -9.39 2.35
C CYS D 90 40.23 -10.86 2.67
N TYR D 91 40.28 -11.20 3.96
CA TYR D 91 40.16 -12.61 4.35
C TYR D 91 38.71 -13.03 4.18
N PRO D 92 38.41 -14.04 3.36
CA PRO D 92 37.01 -14.35 3.05
C PRO D 92 36.23 -14.83 4.26
N GLY D 93 34.91 -14.63 4.19
CA GLY D 93 34.03 -15.05 5.26
C GLY D 93 32.71 -14.32 5.27
N ASN D 94 32.23 -13.96 6.46
CA ASN D 94 30.91 -13.35 6.59
C ASN D 94 30.94 -12.35 7.74
N LEU D 95 30.24 -11.23 7.56
CA LEU D 95 29.88 -10.35 8.67
C LEU D 95 28.42 -10.67 8.97
N ASN D 96 28.19 -11.47 10.01
CA ASN D 96 26.85 -11.98 10.26
C ASN D 96 25.91 -10.87 10.68
N ASP D 97 24.65 -11.01 10.27
CA ASP D 97 23.63 -9.98 10.46
C ASP D 97 24.09 -8.65 9.86
N TYR D 98 24.68 -8.74 8.67
CA TYR D 98 25.21 -7.56 7.99
C TYR D 98 24.12 -6.56 7.63
N GLU D 99 23.00 -7.06 7.10
CA GLU D 99 21.93 -6.17 6.66
C GLU D 99 21.31 -5.43 7.83
N GLU D 100 21.13 -6.11 8.96
CA GLU D 100 20.63 -5.45 10.15
C GLU D 100 21.61 -4.40 10.64
N LEU D 101 22.92 -4.66 10.51
CA LEU D 101 23.91 -3.68 10.90
C LEU D 101 23.85 -2.44 10.01
N LYS D 102 23.71 -2.62 8.70
CA LYS D 102 23.58 -1.45 7.83
C LYS D 102 22.30 -0.68 8.10
N HIS D 103 21.23 -1.39 8.46
CA HIS D 103 19.98 -0.69 8.83
C HIS D 103 20.16 0.10 10.11
N LEU D 104 20.93 -0.44 11.05
CA LEU D 104 21.30 0.31 12.26
C LEU D 104 22.19 1.50 11.92
N LEU D 105 23.05 1.33 10.92
CA LEU D 105 23.99 2.39 10.54
C LEU D 105 23.30 3.59 9.92
N SER D 106 22.26 3.36 9.12
CA SER D 106 21.58 4.51 8.50
C SER D 106 20.80 5.37 9.51
N ARG D 107 20.86 5.06 10.81
CA ARG D 107 20.33 5.95 11.83
C ARG D 107 21.43 6.42 12.77
N ILE D 108 22.68 6.38 12.31
CA ILE D 108 23.82 6.90 13.04
C ILE D 108 24.54 7.91 12.17
N ASN D 109 24.93 9.03 12.77
CA ASN D 109 25.64 10.06 12.04
C ASN D 109 27.10 10.22 12.47
N HIS D 110 27.47 9.74 13.65
CA HIS D 110 28.86 9.92 14.05
C HIS D 110 29.30 8.80 14.99
N PHE D 111 30.36 8.11 14.58
CA PHE D 111 31.16 7.18 15.38
C PHE D 111 32.41 7.88 15.90
N GLU D 112 32.83 7.51 17.10
CA GLU D 112 34.17 7.82 17.59
C GLU D 112 34.82 6.49 17.98
N LYS D 113 35.82 6.07 17.20
CA LYS D 113 36.45 4.78 17.43
C LYS D 113 37.33 4.85 18.68
N THR D 114 37.36 3.76 19.45
CA THR D 114 38.06 3.73 20.73
C THR D 114 38.69 2.37 20.93
N GLN D 115 39.85 2.36 21.61
CA GLN D 115 40.63 1.14 21.79
C GLN D 115 40.20 0.48 23.08
N ILE D 116 39.36 -0.55 22.97
CA ILE D 116 38.87 -1.22 24.17
C ILE D 116 39.84 -2.30 24.67
N ILE D 117 40.57 -2.93 23.78
CA ILE D 117 41.47 -4.03 24.15
C ILE D 117 42.78 -3.89 23.36
N PRO D 118 43.78 -3.19 23.89
CA PRO D 118 45.03 -3.01 23.14
C PRO D 118 45.77 -4.31 22.96
N LYS D 119 46.52 -4.40 21.85
CA LYS D 119 47.40 -5.55 21.63
C LYS D 119 48.32 -5.81 22.81
N SER D 120 48.69 -4.76 23.54
CA SER D 120 49.45 -4.88 24.80
C SER D 120 48.83 -5.86 25.79
N SER D 121 47.58 -6.27 25.58
CA SER D 121 46.80 -6.99 26.57
C SER D 121 46.92 -8.51 26.45
N TRP D 122 47.81 -9.03 25.62
CA TRP D 122 47.89 -10.47 25.35
C TRP D 122 49.30 -10.99 25.63
N PRO D 123 49.72 -10.93 26.88
CA PRO D 123 51.05 -11.34 27.34
C PRO D 123 51.38 -12.80 27.04
N ASN D 124 50.39 -13.66 27.04
CA ASN D 124 50.62 -15.09 26.83
C ASN D 124 50.24 -15.61 25.45
N HIS D 125 50.01 -14.71 24.50
CA HIS D 125 49.64 -15.12 23.14
C HIS D 125 50.33 -14.26 22.09
N THR D 126 50.36 -14.75 20.86
CA THR D 126 50.92 -13.98 19.76
C THR D 126 49.80 -13.18 19.11
N SER D 127 50.02 -11.86 18.96
CA SER D 127 49.01 -10.97 18.41
C SER D 127 49.44 -10.34 17.10
N SER D 128 50.44 -10.91 16.43
CA SER D 128 50.99 -10.35 15.21
C SER D 128 50.44 -11.03 13.97
N GLY D 129 49.30 -11.71 14.08
CA GLY D 129 48.78 -12.48 12.96
C GLY D 129 48.49 -11.62 11.74
N VAL D 130 48.74 -12.21 10.58
CA VAL D 130 48.85 -11.46 9.33
C VAL D 130 48.54 -12.44 8.19
N SER D 131 47.92 -11.94 7.13
CA SER D 131 47.53 -12.81 6.03
C SER D 131 47.87 -12.19 4.69
N ALA D 132 48.24 -13.05 3.74
CA ALA D 132 48.42 -12.65 2.35
C ALA D 132 47.10 -12.24 1.70
N ALA D 133 45.96 -12.69 2.24
CA ALA D 133 44.68 -12.27 1.71
C ALA D 133 44.43 -10.78 1.92
N CYS D 134 45.16 -10.15 2.84
CA CYS D 134 44.98 -8.74 3.17
C CYS D 134 46.27 -7.98 2.92
N PRO D 135 46.65 -7.78 1.65
CA PRO D 135 47.89 -7.05 1.36
C PRO D 135 47.80 -5.60 1.78
N TYR D 136 48.92 -5.07 2.27
CA TYR D 136 49.12 -3.65 2.47
C TYR D 136 50.55 -3.31 2.10
N GLN D 137 50.71 -2.46 1.08
CA GLN D 137 52.02 -2.08 0.56
C GLN D 137 52.85 -3.31 0.20
N GLY D 138 52.21 -4.24 -0.49
CA GLY D 138 52.86 -5.40 -1.05
C GLY D 138 53.18 -6.50 -0.06
N MET D 139 52.91 -6.30 1.22
CA MET D 139 53.22 -7.30 2.22
C MET D 139 51.93 -7.73 2.91
N PRO D 140 51.89 -8.92 3.48
CA PRO D 140 50.64 -9.41 4.06
C PRO D 140 50.29 -8.62 5.31
N SER D 141 49.00 -8.43 5.51
CA SER D 141 48.53 -7.60 6.62
C SER D 141 47.20 -8.15 7.12
N PHE D 142 46.47 -7.35 7.88
CA PHE D 142 45.24 -7.81 8.51
C PHE D 142 44.39 -6.62 8.91
N PHE D 143 43.10 -6.90 9.08
CA PHE D 143 42.14 -5.94 9.62
C PHE D 143 42.72 -5.16 10.78
N ARG D 144 42.46 -3.85 10.79
CA ARG D 144 43.08 -2.94 11.75
C ARG D 144 42.32 -2.83 13.07
N ASN D 145 41.03 -3.14 13.08
CA ASN D 145 40.23 -3.00 14.28
C ASN D 145 40.09 -4.30 15.04
N VAL D 146 40.77 -5.35 14.59
CA VAL D 146 40.50 -6.71 15.04
C VAL D 146 41.80 -7.51 14.94
N VAL D 147 42.06 -8.34 15.94
CA VAL D 147 43.38 -8.93 16.17
C VAL D 147 43.31 -10.44 16.00
N TRP D 148 44.20 -10.99 15.16
CA TRP D 148 44.32 -12.43 14.95
C TRP D 148 45.26 -13.01 16.00
N LEU D 149 44.70 -13.54 17.08
CA LEU D 149 45.49 -14.17 18.13
C LEU D 149 45.88 -15.59 17.73
N THR D 150 47.15 -15.92 17.90
CA THR D 150 47.71 -17.23 17.59
C THR D 150 48.53 -17.72 18.78
N LYS D 151 49.09 -18.93 18.66
CA LYS D 151 49.79 -19.54 19.78
C LYS D 151 51.13 -18.84 20.03
N LYS D 152 51.69 -19.13 21.20
CA LYS D 152 52.95 -18.55 21.65
C LYS D 152 53.63 -19.55 22.58
N ASN D 153 54.95 -19.67 22.45
CA ASN D 153 55.73 -20.76 23.04
C ASN D 153 55.01 -22.10 22.90
N ASP D 154 54.48 -22.32 21.69
CA ASP D 154 53.70 -23.52 21.36
C ASP D 154 52.62 -23.81 22.41
N ALA D 155 51.95 -22.75 22.85
CA ALA D 155 50.78 -22.91 23.71
C ALA D 155 49.75 -21.85 23.35
N TYR D 156 48.48 -22.25 23.43
CA TYR D 156 47.35 -21.32 23.38
C TYR D 156 46.57 -21.53 24.67
N PRO D 157 47.05 -20.95 25.77
CA PRO D 157 46.28 -21.03 27.02
C PRO D 157 44.91 -20.39 26.81
N THR D 158 43.91 -20.95 27.48
CA THR D 158 42.55 -20.51 27.24
C THR D 158 42.38 -19.07 27.74
N ILE D 159 41.73 -18.26 26.92
CA ILE D 159 41.53 -16.85 27.22
C ILE D 159 40.27 -16.70 28.05
N ARG D 160 40.37 -15.93 29.13
CA ARG D 160 39.20 -15.53 29.90
C ARG D 160 39.36 -14.04 30.17
N MET D 161 38.57 -13.22 29.49
CA MET D 161 38.76 -11.79 29.66
C MET D 161 37.45 -11.08 29.36
N SER D 162 37.27 -9.91 29.97
CA SER D 162 36.03 -9.15 29.82
C SER D 162 36.37 -7.68 29.60
N TYR D 163 35.44 -6.98 28.98
CA TYR D 163 35.52 -5.53 28.82
C TYR D 163 34.22 -4.91 29.28
N ASN D 164 34.33 -3.91 30.15
CA ASN D 164 33.18 -3.25 30.75
C ASN D 164 33.05 -1.87 30.12
N ASN D 165 31.89 -1.60 29.51
CA ASN D 165 31.65 -0.34 28.81
C ASN D 165 31.48 0.78 29.83
N THR D 166 32.57 1.49 30.10
CA THR D 166 32.54 2.62 31.03
C THR D 166 32.04 3.89 30.36
N ASN D 167 32.03 3.93 29.03
CA ASN D 167 31.67 5.15 28.31
C ASN D 167 30.17 5.44 28.40
N ARG D 168 29.86 6.71 28.18
CA ARG D 168 28.48 7.19 28.15
C ARG D 168 27.67 6.51 27.05
N GLU D 169 28.28 6.23 25.90
CA GLU D 169 27.58 5.84 24.68
C GLU D 169 27.51 4.33 24.51
N ASP D 170 26.59 3.90 23.63
CA ASP D 170 26.60 2.52 23.16
C ASP D 170 27.90 2.24 22.41
N LEU D 171 28.34 0.99 22.47
CA LEU D 171 29.55 0.57 21.78
C LEU D 171 29.21 -0.47 20.74
N LEU D 172 29.63 -0.25 19.50
CA LEU D 172 29.54 -1.27 18.46
C LEU D 172 30.82 -2.09 18.50
N ILE D 173 30.70 -3.36 18.86
CA ILE D 173 31.86 -4.23 19.03
C ILE D 173 31.79 -5.36 18.01
N LEU D 174 32.86 -5.54 17.27
CA LEU D 174 33.01 -6.64 16.33
C LEU D 174 34.10 -7.59 16.80
N TRP D 175 33.86 -8.89 16.64
CA TRP D 175 34.85 -9.92 16.87
C TRP D 175 34.64 -11.01 15.82
N GLY D 176 35.46 -12.06 15.86
CA GLY D 176 35.27 -13.10 14.87
C GLY D 176 35.90 -14.41 15.27
N ILE D 177 35.63 -15.42 14.44
CA ILE D 177 36.23 -16.75 14.58
C ILE D 177 36.83 -17.14 13.24
N HIS D 178 37.88 -17.97 13.29
CA HIS D 178 38.61 -18.39 12.10
C HIS D 178 38.41 -19.88 11.87
N HIS D 179 37.92 -20.24 10.69
CA HIS D 179 37.76 -21.62 10.27
C HIS D 179 39.02 -22.03 9.51
N SER D 180 39.80 -22.92 10.12
CA SER D 180 41.01 -23.47 9.53
C SER D 180 40.65 -24.59 8.54
N ASN D 181 41.67 -25.05 7.82
CA ASN D 181 41.47 -25.93 6.67
C ASN D 181 41.63 -27.41 6.98
N ASN D 182 42.40 -27.77 8.00
CA ASN D 182 42.62 -29.16 8.35
C ASN D 182 43.28 -29.20 9.72
N ALA D 183 43.39 -30.42 10.26
CA ALA D 183 43.93 -30.60 11.60
C ALA D 183 45.35 -30.04 11.71
N GLU D 184 46.11 -30.08 10.61
CA GLU D 184 47.51 -29.68 10.68
C GLU D 184 47.67 -28.17 10.74
N GLU D 185 46.91 -27.43 9.93
CA GLU D 185 46.89 -25.98 10.08
C GLU D 185 46.34 -25.58 11.43
N GLN D 186 45.31 -26.28 11.89
CA GLN D 186 44.71 -25.98 13.18
C GLN D 186 45.72 -26.10 14.29
N THR D 187 46.59 -27.12 14.22
CA THR D 187 47.63 -27.25 15.25
C THR D 187 48.80 -26.29 15.00
N ASN D 188 49.07 -25.93 13.76
CA ASN D 188 50.16 -24.99 13.49
C ASN D 188 49.86 -23.62 14.07
N LEU D 189 48.62 -23.12 13.93
CA LEU D 189 48.37 -21.75 14.37
C LEU D 189 48.02 -21.68 15.85
N TYR D 190 47.23 -22.63 16.32
CA TYR D 190 46.90 -22.80 17.72
C TYR D 190 47.28 -24.22 18.11
N LYS D 191 47.77 -24.44 19.31
CA LYS D 191 48.19 -25.81 19.60
C LYS D 191 46.99 -26.73 19.77
N ASN D 192 45.94 -26.24 20.39
CA ASN D 192 44.80 -27.08 20.74
C ASN D 192 44.00 -27.46 19.50
N PRO D 193 43.63 -28.73 19.34
CA PRO D 193 43.01 -29.18 18.08
C PRO D 193 41.52 -28.90 17.98
N THR D 194 40.79 -29.01 19.09
CA THR D 194 39.35 -28.72 19.11
C THR D 194 39.14 -27.52 20.01
N THR D 195 38.55 -26.46 19.44
CA THR D 195 38.54 -25.13 20.06
C THR D 195 37.12 -24.58 20.06
N TYR D 196 36.99 -23.37 20.62
CA TYR D 196 35.72 -22.70 20.76
C TYR D 196 35.97 -21.23 21.06
N VAL D 197 34.95 -20.41 20.82
CA VAL D 197 34.92 -19.00 21.19
C VAL D 197 33.58 -18.72 21.86
N SER D 198 33.60 -18.36 23.13
CA SER D 198 32.39 -18.06 23.89
C SER D 198 32.31 -16.56 24.13
N VAL D 199 31.13 -16.00 23.84
CA VAL D 199 30.88 -14.58 24.02
C VAL D 199 29.64 -14.41 24.88
N GLY D 200 29.76 -13.64 25.96
CA GLY D 200 28.59 -13.37 26.78
C GLY D 200 28.42 -11.92 27.20
N THR D 201 27.23 -11.36 27.00
CA THR D 201 26.89 -10.09 27.64
C THR D 201 25.67 -10.29 28.53
N SER D 202 24.88 -9.23 28.73
CA SER D 202 23.63 -9.38 29.45
C SER D 202 22.52 -9.94 28.57
N THR D 203 22.67 -9.83 27.25
CA THR D 203 21.72 -10.33 26.27
C THR D 203 22.27 -11.45 25.41
N LEU D 204 23.59 -11.53 25.26
CA LEU D 204 24.23 -12.39 24.28
C LEU D 204 24.84 -13.61 24.96
N ASN D 205 24.70 -14.78 24.31
CA ASN D 205 25.15 -16.05 24.88
C ASN D 205 25.57 -16.95 23.71
N GLN D 206 26.74 -16.61 23.14
CA GLN D 206 27.23 -17.20 21.91
C GLN D 206 28.31 -18.23 22.18
N ARG D 207 28.23 -19.35 21.46
CA ARG D 207 29.34 -20.31 21.38
C ARG D 207 29.62 -20.59 19.91
N LEU D 208 30.82 -20.24 19.46
CA LEU D 208 31.28 -20.47 18.10
C LEU D 208 32.31 -21.58 18.11
N VAL D 209 32.31 -22.38 17.06
CA VAL D 209 33.24 -23.51 16.97
C VAL D 209 33.77 -23.57 15.54
N PRO D 210 35.08 -23.74 15.34
CA PRO D 210 35.61 -23.78 13.99
C PRO D 210 35.04 -24.95 13.20
N LYS D 211 34.68 -24.67 11.95
CA LYS D 211 34.32 -25.69 10.97
C LYS D 211 35.58 -25.95 10.16
N ILE D 212 36.28 -27.02 10.51
CA ILE D 212 37.54 -27.38 9.87
C ILE D 212 37.20 -28.33 8.73
N ALA D 213 37.23 -27.81 7.50
CA ALA D 213 36.77 -28.57 6.35
C ALA D 213 37.32 -27.91 5.09
N THR D 214 37.17 -28.61 3.97
CA THR D 214 37.73 -28.15 2.71
C THR D 214 36.72 -27.26 2.00
N ARG D 215 37.15 -26.06 1.65
CA ARG D 215 36.31 -25.08 0.98
C ARG D 215 36.96 -24.63 -0.32
N SER D 216 36.23 -23.85 -1.10
CA SER D 216 36.77 -23.28 -2.32
C SER D 216 37.75 -22.15 -1.99
N GLN D 217 38.66 -21.89 -2.94
CA GLN D 217 39.65 -20.85 -2.75
C GLN D 217 39.04 -19.50 -3.09
N VAL D 218 39.18 -18.54 -2.18
CA VAL D 218 38.62 -17.20 -2.34
C VAL D 218 39.66 -16.20 -1.82
N ASN D 219 40.09 -15.28 -2.68
CA ASN D 219 41.23 -14.41 -2.37
C ASN D 219 42.45 -15.23 -1.96
N GLY D 220 42.62 -16.37 -2.63
CA GLY D 220 43.73 -17.25 -2.34
C GLY D 220 43.65 -17.97 -1.01
N GLN D 221 42.45 -18.13 -0.45
CA GLN D 221 42.30 -18.70 0.88
C GLN D 221 41.14 -19.67 0.90
N ARG D 222 41.39 -20.88 1.40
CA ARG D 222 40.32 -21.82 1.68
C ARG D 222 39.79 -21.69 3.10
N GLY D 223 40.58 -21.09 4.00
CA GLY D 223 40.08 -20.78 5.32
C GLY D 223 39.04 -19.69 5.27
N ARG D 224 38.33 -19.50 6.39
CA ARG D 224 37.27 -18.51 6.41
C ARG D 224 37.30 -17.78 7.74
N MET D 225 36.66 -16.62 7.78
CA MET D 225 36.48 -15.90 9.04
C MET D 225 35.05 -15.43 9.15
N ASP D 226 34.38 -15.82 10.22
CA ASP D 226 33.02 -15.39 10.48
C ASP D 226 33.06 -14.33 11.56
N PHE D 227 32.61 -13.12 11.22
CA PHE D 227 32.62 -12.01 12.15
C PHE D 227 31.21 -11.74 12.67
N PHE D 228 31.14 -11.30 13.91
CA PHE D 228 29.89 -10.99 14.58
C PHE D 228 30.04 -9.64 15.28
N TRP D 229 28.90 -9.04 15.58
CA TRP D 229 28.88 -7.73 16.20
C TRP D 229 27.76 -7.67 17.22
N THR D 230 27.91 -6.73 18.15
CA THR D 230 26.84 -6.46 19.09
C THR D 230 26.95 -5.02 19.55
N ILE D 231 25.89 -4.55 20.20
CA ILE D 231 25.84 -3.22 20.77
C ILE D 231 25.92 -3.38 22.28
N LEU D 232 27.11 -3.16 22.82
CA LEU D 232 27.34 -3.20 24.26
C LEU D 232 26.80 -1.93 24.87
N ARG D 233 25.84 -2.07 25.78
CA ARG D 233 25.20 -0.92 26.38
C ARG D 233 26.08 -0.35 27.48
N PRO D 234 25.90 0.92 27.84
CA PRO D 234 26.77 1.53 28.84
C PRO D 234 26.57 0.85 30.18
N ASN D 235 27.68 0.53 30.85
CA ASN D 235 27.82 -0.16 32.11
C ASN D 235 27.65 -1.67 31.96
N ASP D 236 27.25 -2.17 30.80
CA ASP D 236 27.29 -3.61 30.56
C ASP D 236 28.70 -4.03 30.15
N ALA D 237 28.97 -5.32 30.27
CA ALA D 237 30.28 -5.87 29.96
C ALA D 237 30.14 -7.08 29.04
N ILE D 238 31.21 -7.34 28.31
CA ILE D 238 31.29 -8.44 27.36
C ILE D 238 32.39 -9.39 27.83
N HIS D 239 32.12 -10.69 27.75
CA HIS D 239 32.97 -11.71 28.34
C HIS D 239 33.38 -12.69 27.23
N PHE D 240 34.63 -12.59 26.79
CA PHE D 240 35.20 -13.50 25.80
C PHE D 240 35.97 -14.62 26.50
N GLU D 241 35.88 -15.81 25.93
CA GLU D 241 36.62 -16.95 26.41
C GLU D 241 36.91 -17.88 25.24
N SER D 242 38.18 -18.06 24.90
CA SER D 242 38.52 -18.95 23.80
C SER D 242 39.77 -19.74 24.15
N ASN D 243 39.96 -20.85 23.43
CA ASN D 243 41.23 -21.57 23.44
C ASN D 243 41.77 -21.80 22.03
N GLY D 244 41.37 -20.97 21.08
CA GLY D 244 41.81 -21.08 19.71
C GLY D 244 40.82 -20.48 18.73
N ASN D 245 41.34 -20.04 17.58
CA ASN D 245 40.57 -19.55 16.44
C ASN D 245 39.81 -18.25 16.75
N PHE D 246 40.14 -17.61 17.85
CA PHE D 246 39.48 -16.37 18.26
C PHE D 246 40.11 -15.18 17.52
N ILE D 247 39.27 -14.32 16.97
CA ILE D 247 39.71 -13.06 16.38
C ILE D 247 39.11 -11.96 17.23
N ALA D 248 39.95 -11.35 18.09
CA ALA D 248 39.54 -10.52 19.21
C ALA D 248 39.31 -9.08 18.77
N PRO D 249 38.45 -8.35 19.47
CA PRO D 249 38.37 -6.91 19.24
C PRO D 249 39.61 -6.21 19.74
N GLU D 250 40.01 -5.16 19.02
CA GLU D 250 40.91 -4.16 19.57
C GLU D 250 40.24 -2.80 19.61
N TYR D 251 39.65 -2.36 18.50
CA TYR D 251 38.94 -1.09 18.42
C TYR D 251 37.45 -1.33 18.31
N ALA D 252 36.68 -0.52 19.03
CA ALA D 252 35.23 -0.48 18.94
C ALA D 252 34.80 0.94 18.60
N TYR D 253 33.54 1.10 18.21
CA TYR D 253 33.01 2.37 17.78
C TYR D 253 32.02 2.90 18.81
N LYS D 254 32.30 4.07 19.37
CA LYS D 254 31.34 4.80 20.18
C LYS D 254 30.30 5.43 19.26
N ILE D 255 29.03 5.12 19.47
CA ILE D 255 27.94 5.73 18.72
C ILE D 255 27.64 7.06 19.40
N ILE D 256 28.10 8.18 18.82
CA ILE D 256 28.01 9.46 19.49
C ILE D 256 26.95 10.38 18.89
N LYS D 257 26.59 10.22 17.62
CA LYS D 257 25.38 10.94 17.19
C LYS D 257 24.51 10.06 16.33
N THR D 258 23.21 10.12 16.65
CA THR D 258 22.22 9.12 16.31
C THR D 258 20.98 9.80 15.74
N GLY D 259 21.17 10.51 14.62
CA GLY D 259 20.07 11.23 14.03
C GLY D 259 19.47 10.47 12.86
N ASP D 260 19.40 11.07 11.68
CA ASP D 260 18.78 10.43 10.53
C ASP D 260 19.69 10.51 9.32
N SER D 261 19.80 9.38 8.63
CA SER D 261 20.70 9.21 7.49
C SER D 261 20.19 8.05 6.65
N THR D 262 20.97 7.67 5.66
CA THR D 262 20.65 6.54 4.82
C THR D 262 21.95 6.03 4.24
N ILE D 263 21.93 4.81 3.73
CA ILE D 263 23.06 4.30 2.97
C ILE D 263 22.62 4.26 1.51
N MET D 264 23.26 5.10 0.71
CA MET D 264 22.86 5.39 -0.65
C MET D 264 23.83 4.69 -1.59
N LYS D 265 23.30 3.89 -2.51
CA LYS D 265 24.13 3.14 -3.45
C LYS D 265 24.25 3.98 -4.72
N SER D 266 25.38 4.66 -4.85
CA SER D 266 25.66 5.49 -6.00
C SER D 266 27.10 5.27 -6.44
N GLU D 267 27.30 5.22 -7.74
CA GLU D 267 28.65 5.12 -8.31
C GLU D 267 29.30 6.48 -8.50
N MET D 268 28.65 7.56 -8.04
CA MET D 268 29.06 8.92 -8.37
C MET D 268 30.12 9.43 -7.40
N GLU D 269 30.67 10.59 -7.74
CA GLU D 269 31.73 11.23 -6.99
C GLU D 269 31.24 12.53 -6.36
N TYR D 270 31.99 13.01 -5.38
CA TYR D 270 31.66 14.26 -4.68
C TYR D 270 31.64 15.43 -5.66
N GLY D 271 30.75 16.39 -5.39
CA GLY D 271 30.54 17.48 -6.32
C GLY D 271 30.93 18.85 -5.81
N ASN D 272 31.37 18.94 -4.55
CA ASN D 272 31.71 20.20 -3.90
C ASN D 272 30.49 21.13 -3.77
N CYS D 273 29.30 20.63 -4.08
CA CYS D 273 28.06 21.38 -4.00
C CYS D 273 27.45 21.29 -2.61
N ASN D 274 26.35 22.01 -2.42
CA ASN D 274 25.48 21.85 -1.25
C ASN D 274 24.05 21.70 -1.74
N THR D 275 23.22 21.09 -0.91
CA THR D 275 21.83 20.89 -1.27
C THR D 275 21.01 20.65 0.00
N LYS D 276 19.70 20.78 -0.16
CA LYS D 276 18.74 20.35 0.85
C LYS D 276 18.03 19.07 0.43
N CYS D 277 18.38 18.52 -0.73
CA CYS D 277 17.70 17.34 -1.29
C CYS D 277 18.71 16.55 -2.11
N GLN D 278 19.07 15.36 -1.63
CA GLN D 278 20.01 14.49 -2.34
C GLN D 278 19.31 13.23 -2.82
N THR D 279 19.66 12.80 -4.03
CA THR D 279 19.25 11.51 -4.58
C THR D 279 20.47 10.76 -5.08
N PRO D 280 20.37 9.43 -5.21
CA PRO D 280 21.48 8.64 -5.79
C PRO D 280 22.08 9.20 -7.07
N ILE D 281 21.29 9.85 -7.93
CA ILE D 281 21.78 10.28 -9.24
C ILE D 281 21.98 11.80 -9.30
N GLY D 282 21.83 12.50 -8.19
CA GLY D 282 22.06 13.94 -8.18
C GLY D 282 21.14 14.63 -7.19
N ALA D 283 21.47 15.89 -6.92
CA ALA D 283 20.76 16.68 -5.92
C ALA D 283 19.70 17.56 -6.59
N ILE D 284 18.94 18.30 -5.76
CA ILE D 284 17.74 19.00 -6.20
C ILE D 284 17.70 20.37 -5.54
N ASN D 285 17.70 21.43 -6.35
CA ASN D 285 17.47 22.80 -5.91
C ASN D 285 16.12 23.23 -6.49
N SER D 286 15.05 23.03 -5.73
CA SER D 286 13.72 23.23 -6.28
C SER D 286 12.70 23.43 -5.18
N SER D 287 11.71 24.28 -5.47
CA SER D 287 10.53 24.42 -4.64
C SER D 287 9.28 23.92 -5.33
N MET D 288 9.43 23.08 -6.36
CA MET D 288 8.31 22.33 -6.89
C MET D 288 7.81 21.36 -5.83
N PRO D 289 6.53 21.00 -5.88
CA PRO D 289 6.01 20.01 -4.92
C PRO D 289 6.22 18.56 -5.34
N PHE D 290 6.65 18.30 -6.58
CA PHE D 290 6.88 16.95 -7.05
C PHE D 290 8.17 16.90 -7.85
N HIS D 291 8.73 15.69 -7.95
CA HIS D 291 9.80 15.40 -8.88
C HIS D 291 9.65 13.98 -9.40
N ASN D 292 10.34 13.70 -10.50
CA ASN D 292 10.37 12.37 -11.09
C ASN D 292 11.80 11.83 -11.16
N ILE D 293 12.68 12.34 -10.31
CA ILE D 293 14.11 12.11 -10.47
C ILE D 293 14.49 10.73 -9.96
N HIS D 294 14.25 10.46 -8.67
CA HIS D 294 14.61 9.17 -8.09
C HIS D 294 13.81 8.97 -6.82
N PRO D 295 13.36 7.74 -6.52
CA PRO D 295 12.55 7.54 -5.31
C PRO D 295 13.32 7.59 -4.01
N LEU D 296 14.62 7.26 -3.99
CA LEU D 296 15.35 7.10 -2.73
C LEU D 296 16.04 8.42 -2.35
N THR D 297 15.17 9.39 -2.08
CA THR D 297 15.48 10.74 -1.62
C THR D 297 16.07 10.76 -0.20
N ILE D 298 16.78 11.85 0.13
CA ILE D 298 17.05 12.19 1.53
C ILE D 298 17.10 13.71 1.67
N GLY D 299 16.50 14.22 2.76
CA GLY D 299 16.38 15.64 3.05
C GLY D 299 15.00 16.18 2.78
N GLU D 300 14.83 17.49 3.00
CA GLU D 300 13.54 18.13 2.78
C GLU D 300 13.29 18.25 1.29
N CYS D 301 12.36 17.46 0.77
CA CYS D 301 12.33 17.18 -0.65
C CYS D 301 10.92 17.14 -1.20
N PRO D 302 10.74 17.44 -2.48
CA PRO D 302 9.48 17.14 -3.15
C PRO D 302 9.15 15.66 -3.05
N LYS D 303 7.94 15.32 -3.46
CA LYS D 303 7.44 13.96 -3.37
C LYS D 303 7.60 13.26 -4.71
N TYR D 304 8.17 12.07 -4.69
CA TYR D 304 8.50 11.39 -5.93
C TYR D 304 7.24 10.85 -6.61
N VAL D 305 7.09 11.18 -7.89
CA VAL D 305 6.07 10.58 -8.74
C VAL D 305 6.74 10.13 -10.03
N LYS D 306 6.09 9.19 -10.71
CA LYS D 306 6.62 8.61 -11.93
C LYS D 306 6.29 9.42 -13.17
N SER D 307 5.42 10.43 -13.05
CA SER D 307 4.96 11.22 -14.18
C SER D 307 6.14 11.84 -14.95
N ASN D 308 5.94 12.00 -16.25
CA ASN D 308 6.82 12.85 -17.06
C ASN D 308 6.37 14.30 -17.07
N LYS D 309 5.07 14.55 -16.90
CA LYS D 309 4.51 15.88 -17.01
C LYS D 309 3.40 16.05 -15.96
N LEU D 310 3.42 17.18 -15.26
CA LEU D 310 2.35 17.59 -14.35
C LEU D 310 2.21 19.11 -14.44
N VAL D 311 1.21 19.58 -15.17
CA VAL D 311 0.92 21.02 -15.27
C VAL D 311 -0.52 21.27 -14.85
N LEU D 312 -0.71 22.21 -13.92
CA LEU D 312 -2.02 22.66 -13.50
C LEU D 312 -2.44 23.87 -14.33
N ALA D 313 -3.62 23.79 -14.94
CA ALA D 313 -4.19 24.97 -15.58
C ALA D 313 -4.59 26.00 -14.52
N THR D 314 -4.16 27.25 -14.72
CA THR D 314 -4.65 28.36 -13.91
C THR D 314 -5.45 29.39 -14.70
N GLY D 315 -5.31 29.42 -16.02
CA GLY D 315 -6.03 30.38 -16.84
C GLY D 315 -7.05 29.74 -17.75
N LEU D 316 -7.34 30.40 -18.87
CA LEU D 316 -8.44 30.03 -19.75
C LEU D 316 -7.91 29.35 -20.99
N ARG D 317 -8.80 28.66 -21.70
CA ARG D 317 -8.44 28.14 -23.01
C ARG D 317 -8.12 29.31 -23.93
N ASN D 318 -7.03 29.18 -24.69
CA ASN D 318 -6.45 30.30 -25.45
C ASN D 318 -6.46 29.91 -26.92
N ASN D 319 -7.44 30.45 -27.66
CA ASN D 319 -7.64 30.14 -29.08
C ASN D 319 -7.95 28.65 -29.24
N LEU E 1 -19.74 22.16 -19.25
CA LEU E 1 -19.48 23.33 -20.09
C LEU E 1 -20.64 24.32 -20.10
N PHE E 2 -20.34 25.61 -19.94
CA PHE E 2 -21.35 26.65 -19.84
C PHE E 2 -21.49 27.44 -21.13
N GLY E 3 -20.90 26.97 -22.23
CA GLY E 3 -21.19 27.46 -23.57
C GLY E 3 -20.81 28.90 -23.86
N ALA E 4 -20.04 29.54 -22.98
CA ALA E 4 -19.63 30.93 -23.18
C ALA E 4 -18.25 31.00 -23.82
N ILE E 5 -17.21 30.61 -23.08
CA ILE E 5 -15.85 30.61 -23.62
C ILE E 5 -15.76 29.61 -24.76
N ALA E 6 -15.30 30.07 -25.92
CA ALA E 6 -15.27 29.28 -27.15
C ALA E 6 -16.65 28.77 -27.54
N GLY E 7 -17.70 29.45 -27.08
CA GLY E 7 -19.07 29.09 -27.38
C GLY E 7 -19.76 30.19 -28.14
N PHE E 8 -20.73 30.87 -27.51
CA PHE E 8 -21.35 32.01 -28.18
C PHE E 8 -20.45 33.25 -28.18
N ILE E 9 -19.35 33.22 -27.44
CA ILE E 9 -18.27 34.19 -27.59
C ILE E 9 -17.09 33.49 -28.25
N GLU E 10 -17.02 33.52 -29.59
CA GLU E 10 -16.07 32.68 -30.29
C GLU E 10 -14.65 33.25 -30.32
N GLY E 11 -14.09 33.55 -29.16
CA GLY E 11 -12.70 33.97 -29.13
C GLY E 11 -12.37 34.94 -28.01
N GLY E 12 -11.14 34.84 -27.53
CA GLY E 12 -10.63 35.78 -26.56
C GLY E 12 -10.08 37.03 -27.20
N TRP E 13 -9.71 37.98 -26.34
CA TRP E 13 -9.26 39.29 -26.77
C TRP E 13 -7.79 39.43 -26.43
N GLN E 14 -6.94 39.46 -27.47
CA GLN E 14 -5.55 39.82 -27.26
C GLN E 14 -5.40 41.16 -26.54
N GLY E 15 -6.40 42.03 -26.69
CA GLY E 15 -6.32 43.39 -26.22
C GLY E 15 -6.59 43.62 -24.74
N MET E 16 -7.15 42.65 -24.02
CA MET E 16 -7.48 42.86 -22.61
C MET E 16 -6.35 42.31 -21.76
N VAL E 17 -5.37 43.18 -21.49
CA VAL E 17 -4.20 42.77 -20.72
C VAL E 17 -4.41 42.89 -19.22
N ASP E 18 -5.40 43.68 -18.78
CA ASP E 18 -5.60 43.99 -17.37
C ASP E 18 -6.21 42.85 -16.57
N GLY E 19 -6.78 41.83 -17.22
CA GLY E 19 -7.49 40.82 -16.44
C GLY E 19 -7.96 39.67 -17.31
N TRP E 20 -8.62 38.71 -16.64
CA TRP E 20 -9.08 37.49 -17.31
C TRP E 20 -10.39 37.71 -18.05
N TYR E 21 -11.32 38.45 -17.45
CA TYR E 21 -12.61 38.73 -18.04
C TYR E 21 -12.84 40.24 -18.04
N GLY E 22 -13.71 40.70 -18.93
CA GLY E 22 -14.02 42.12 -18.92
C GLY E 22 -14.86 42.54 -20.12
N TYR E 23 -14.81 43.84 -20.39
CA TYR E 23 -15.68 44.51 -21.34
C TYR E 23 -14.86 45.18 -22.44
N HIS E 24 -15.47 45.26 -23.63
CA HIS E 24 -14.95 46.07 -24.73
C HIS E 24 -16.08 46.96 -25.22
N HIS E 25 -15.89 48.28 -25.14
CA HIS E 25 -16.94 49.21 -25.49
C HIS E 25 -16.57 49.98 -26.75
N SER E 26 -17.60 50.49 -27.43
CA SER E 26 -17.43 51.32 -28.62
C SER E 26 -18.60 52.27 -28.72
N ASN E 27 -18.34 53.55 -28.45
CA ASN E 27 -19.29 54.64 -28.67
C ASN E 27 -18.64 55.70 -29.54
N GLU E 28 -19.29 56.85 -29.70
CA GLU E 28 -18.82 57.81 -30.67
C GLU E 28 -17.60 58.60 -30.20
N GLN E 29 -17.25 58.52 -28.91
CA GLN E 29 -15.98 59.04 -28.43
C GLN E 29 -14.86 58.01 -28.49
N GLY E 30 -15.07 56.89 -29.17
CA GLY E 30 -14.04 55.89 -29.39
C GLY E 30 -14.38 54.56 -28.73
N SER E 31 -13.34 53.80 -28.44
CA SER E 31 -13.53 52.42 -27.99
C SER E 31 -12.44 52.09 -26.98
N GLY E 32 -12.63 50.95 -26.31
CA GLY E 32 -11.59 50.53 -25.37
C GLY E 32 -11.92 49.22 -24.69
N TYR E 33 -10.96 48.77 -23.89
CA TYR E 33 -11.04 47.55 -23.11
C TYR E 33 -10.98 47.91 -21.63
N ALA E 34 -11.74 47.18 -20.82
CA ALA E 34 -11.68 47.36 -19.36
C ALA E 34 -11.91 46.01 -18.70
N ALA E 35 -10.92 45.54 -17.94
CA ALA E 35 -11.10 44.30 -17.20
C ALA E 35 -12.11 44.49 -16.08
N ASP E 36 -12.87 43.44 -15.81
CA ASP E 36 -13.82 43.47 -14.72
C ASP E 36 -13.01 42.94 -13.59
N ARG E 37 -12.51 43.82 -12.74
CA ARG E 37 -11.68 43.38 -11.66
C ARG E 37 -12.35 42.59 -10.57
N GLU E 38 -13.63 42.80 -10.36
CA GLU E 38 -14.20 42.07 -9.23
C GLU E 38 -14.35 40.58 -9.51
N SER E 39 -14.85 40.21 -10.69
CA SER E 39 -14.96 38.82 -11.06
C SER E 39 -13.62 38.23 -11.50
N THR E 40 -12.64 39.08 -11.82
CA THR E 40 -11.29 38.58 -12.06
C THR E 40 -10.58 38.27 -10.74
N GLN E 41 -10.74 39.14 -9.74
CA GLN E 41 -10.12 38.88 -8.44
C GLN E 41 -10.76 37.66 -7.78
N LYS E 42 -12.08 37.50 -7.91
CA LYS E 42 -12.72 36.31 -7.34
C LYS E 42 -12.14 35.03 -7.94
N ALA E 43 -11.88 35.04 -9.25
CA ALA E 43 -11.37 33.84 -9.91
C ALA E 43 -9.91 33.58 -9.57
N ILE E 44 -9.08 34.63 -9.52
CA ILE E 44 -7.69 34.39 -9.17
C ILE E 44 -7.56 33.95 -7.71
N ASP E 45 -8.45 34.44 -6.85
CA ASP E 45 -8.49 33.99 -5.47
C ASP E 45 -8.84 32.51 -5.40
N GLY E 46 -9.93 32.11 -6.06
CA GLY E 46 -10.35 30.73 -5.98
C GLY E 46 -9.37 29.76 -6.64
N VAL E 47 -8.65 30.21 -7.65
CA VAL E 47 -7.76 29.30 -8.35
C VAL E 47 -6.42 29.17 -7.62
N THR E 48 -5.90 30.25 -7.04
CA THR E 48 -4.71 30.07 -6.20
C THR E 48 -5.07 29.29 -4.94
N ASN E 49 -6.32 29.41 -4.46
CA ASN E 49 -6.75 28.58 -3.34
C ASN E 49 -6.81 27.11 -3.73
N LYS E 50 -7.26 26.82 -4.95
CA LYS E 50 -7.31 25.43 -5.41
C LYS E 50 -5.90 24.86 -5.59
N VAL E 51 -4.97 25.67 -6.11
CA VAL E 51 -3.59 25.20 -6.28
C VAL E 51 -2.96 24.90 -4.93
N ASN E 52 -3.12 25.83 -3.97
CA ASN E 52 -2.59 25.58 -2.63
C ASN E 52 -3.26 24.36 -2.00
N SER E 53 -4.55 24.14 -2.27
CA SER E 53 -5.21 22.94 -1.77
C SER E 53 -4.57 21.68 -2.32
N ILE E 54 -4.28 21.67 -3.62
CA ILE E 54 -3.71 20.49 -4.26
C ILE E 54 -2.31 20.22 -3.73
N ILE E 55 -1.54 21.27 -3.48
CA ILE E 55 -0.19 21.07 -2.94
C ILE E 55 -0.26 20.59 -1.49
N ASP E 56 -1.06 21.26 -0.66
CA ASP E 56 -1.18 20.88 0.75
C ASP E 56 -1.73 19.47 0.92
N LYS E 57 -2.57 19.01 -0.01
CA LYS E 57 -3.20 17.70 0.16
C LYS E 57 -2.22 16.55 -0.06
N MET E 58 -1.19 16.76 -0.87
CA MET E 58 -0.14 15.77 -1.05
C MET E 58 1.10 16.09 -0.23
N ASN E 59 0.92 16.70 0.94
CA ASN E 59 2.03 16.91 1.87
C ASN E 59 2.49 15.58 2.46
N THR E 60 1.58 14.88 3.14
CA THR E 60 1.88 13.56 3.68
C THR E 60 1.67 12.55 2.56
N GLN E 61 2.78 12.11 1.95
CA GLN E 61 2.72 11.12 0.89
C GLN E 61 3.52 9.90 1.30
N PHE E 62 4.20 9.26 0.36
CA PHE E 62 5.01 8.10 0.66
C PHE E 62 6.45 8.36 0.21
N GLU E 63 7.36 8.17 1.17
CA GLU E 63 8.82 8.16 1.03
C GLU E 63 9.39 6.75 1.12
N ALA E 64 10.10 6.35 0.09
CA ALA E 64 10.72 5.05 0.01
C ALA E 64 12.06 5.03 0.74
N VAL E 65 12.15 4.21 1.79
CA VAL E 65 13.41 3.99 2.50
C VAL E 65 14.16 2.85 1.83
N GLY E 66 15.48 2.97 1.79
CA GLY E 66 16.31 1.89 1.27
C GLY E 66 16.60 0.81 2.29
N ARG E 67 16.12 -0.41 2.02
CA ARG E 67 16.40 -1.57 2.84
C ARG E 67 17.10 -2.62 1.98
N GLU E 68 17.85 -3.51 2.63
CA GLU E 68 18.65 -4.49 1.90
C GLU E 68 18.55 -5.88 2.51
N PHE E 69 18.57 -6.89 1.63
CA PHE E 69 18.30 -8.27 1.98
C PHE E 69 19.33 -9.16 1.30
N ASN E 70 19.65 -10.30 1.93
CA ASN E 70 20.69 -11.18 1.42
C ASN E 70 20.09 -12.27 0.51
N ASN E 71 20.93 -13.22 0.10
CA ASN E 71 20.59 -14.15 -0.96
C ASN E 71 19.52 -15.16 -0.55
N LEU E 72 19.32 -15.40 0.74
CA LEU E 72 18.27 -16.28 1.21
C LEU E 72 17.13 -15.52 1.85
N GLU E 73 16.97 -14.25 1.49
CA GLU E 73 15.88 -13.39 1.93
C GLU E 73 15.13 -12.83 0.74
N ARG E 74 15.16 -13.54 -0.38
CA ARG E 74 14.62 -12.98 -1.63
C ARG E 74 13.11 -12.82 -1.56
N ARG E 75 12.43 -13.61 -0.73
CA ARG E 75 10.99 -13.46 -0.57
C ARG E 75 10.64 -12.07 -0.02
N ILE E 76 11.25 -11.68 1.10
CA ILE E 76 10.89 -10.37 1.64
C ILE E 76 11.55 -9.23 0.86
N GLU E 77 12.68 -9.47 0.18
CA GLU E 77 13.17 -8.49 -0.78
C GLU E 77 12.11 -8.18 -1.83
N ASN E 78 11.52 -9.23 -2.41
CA ASN E 78 10.48 -9.05 -3.41
C ASN E 78 9.24 -8.39 -2.80
N LEU E 79 8.88 -8.77 -1.57
CA LEU E 79 7.76 -8.13 -0.88
C LEU E 79 8.02 -6.64 -0.73
N ASN E 80 9.21 -6.29 -0.23
CA ASN E 80 9.58 -4.90 -0.04
C ASN E 80 9.48 -4.12 -1.35
N LYS E 81 9.96 -4.70 -2.44
CA LYS E 81 9.96 -3.95 -3.69
C LYS E 81 8.54 -3.79 -4.22
N LYS E 82 7.72 -4.82 -4.10
CA LYS E 82 6.35 -4.69 -4.55
C LYS E 82 5.57 -3.70 -3.69
N MET E 83 5.93 -3.59 -2.42
CA MET E 83 5.24 -2.64 -1.54
C MET E 83 5.60 -1.20 -1.90
N GLU E 84 6.90 -0.91 -2.04
CA GLU E 84 7.30 0.45 -2.38
C GLU E 84 6.80 0.85 -3.77
N ASP E 85 6.92 -0.06 -4.74
CA ASP E 85 6.42 0.21 -6.08
C ASP E 85 4.90 0.40 -6.07
N GLY E 86 4.18 -0.40 -5.28
CA GLY E 86 2.74 -0.22 -5.19
C GLY E 86 2.36 1.14 -4.68
N PHE E 87 3.03 1.59 -3.62
CA PHE E 87 2.70 2.90 -3.07
C PHE E 87 3.05 4.03 -4.04
N LEU E 88 4.11 3.85 -4.83
CA LEU E 88 4.44 4.93 -5.76
C LEU E 88 3.50 4.93 -6.96
N ASP E 89 3.15 3.76 -7.49
CA ASP E 89 2.12 3.71 -8.53
C ASP E 89 0.83 4.34 -8.05
N VAL E 90 0.45 4.05 -6.79
CA VAL E 90 -0.78 4.60 -6.22
C VAL E 90 -0.71 6.12 -6.16
N TRP E 91 0.37 6.66 -5.60
CA TRP E 91 0.41 8.11 -5.43
C TRP E 91 0.58 8.85 -6.75
N THR E 92 1.15 8.21 -7.78
CA THR E 92 1.21 8.91 -9.06
C THR E 92 -0.12 8.83 -9.81
N TYR E 93 -0.87 7.73 -9.64
CA TYR E 93 -2.27 7.76 -10.06
C TYR E 93 -3.01 8.93 -9.40
N ASN E 94 -2.87 9.04 -8.08
CA ASN E 94 -3.57 10.10 -7.36
C ASN E 94 -3.20 11.47 -7.91
N ALA E 95 -1.91 11.72 -8.13
CA ALA E 95 -1.48 13.05 -8.56
C ALA E 95 -1.94 13.35 -9.99
N GLU E 96 -1.61 12.47 -10.94
CA GLU E 96 -2.02 12.69 -12.33
C GLU E 96 -3.54 12.86 -12.43
N LEU E 97 -4.29 12.02 -11.73
CA LEU E 97 -5.74 12.01 -11.85
C LEU E 97 -6.35 13.28 -11.26
N LEU E 98 -5.86 13.70 -10.08
CA LEU E 98 -6.37 14.93 -9.49
C LEU E 98 -6.06 16.13 -10.38
N VAL E 99 -4.87 16.15 -10.98
CA VAL E 99 -4.53 17.26 -11.87
C VAL E 99 -5.48 17.30 -13.07
N LEU E 100 -5.72 16.14 -13.69
CA LEU E 100 -6.65 16.08 -14.83
C LEU E 100 -8.03 16.59 -14.44
N MET E 101 -8.58 16.08 -13.33
CA MET E 101 -9.96 16.38 -12.97
C MET E 101 -10.12 17.86 -12.63
N GLU E 102 -9.21 18.41 -11.84
CA GLU E 102 -9.41 19.81 -11.49
C GLU E 102 -8.90 20.76 -12.57
N ASN E 103 -8.14 20.27 -13.56
CA ASN E 103 -7.92 21.08 -14.76
C ASN E 103 -9.22 21.23 -15.53
N GLU E 104 -9.95 20.12 -15.72
CA GLU E 104 -11.25 20.19 -16.36
C GLU E 104 -12.15 21.17 -15.64
N ARG E 105 -12.22 21.05 -14.30
CA ARG E 105 -13.12 21.91 -13.55
C ARG E 105 -12.62 23.35 -13.50
N THR E 106 -11.32 23.60 -13.68
CA THR E 106 -10.83 24.98 -13.72
C THR E 106 -11.22 25.67 -15.03
N LEU E 107 -11.04 24.97 -16.15
CA LEU E 107 -11.50 25.50 -17.42
C LEU E 107 -13.00 25.82 -17.36
N ASP E 108 -13.80 24.89 -16.82
CA ASP E 108 -15.23 25.15 -16.74
C ASP E 108 -15.57 26.25 -15.72
N PHE E 109 -14.75 26.40 -14.68
CA PHE E 109 -14.88 27.53 -13.75
C PHE E 109 -14.78 28.86 -14.49
N HIS E 110 -13.72 29.02 -15.29
CA HIS E 110 -13.56 30.23 -16.10
C HIS E 110 -14.78 30.43 -17.01
N ASP E 111 -15.18 29.37 -17.71
CA ASP E 111 -16.38 29.43 -18.54
C ASP E 111 -17.58 30.00 -17.78
N SER E 112 -17.87 29.43 -16.60
CA SER E 112 -19.00 29.86 -15.79
C SER E 112 -18.87 31.33 -15.42
N ASN E 113 -17.68 31.76 -14.98
CA ASN E 113 -17.50 33.17 -14.62
C ASN E 113 -17.83 34.09 -15.79
N VAL E 114 -17.41 33.70 -17.01
CA VAL E 114 -17.68 34.54 -18.18
C VAL E 114 -19.18 34.60 -18.45
N LYS E 115 -19.86 33.45 -18.44
CA LYS E 115 -21.30 33.47 -18.67
C LYS E 115 -22.03 34.29 -17.61
N ASN E 116 -21.56 34.22 -16.36
CA ASN E 116 -22.21 34.98 -15.30
C ASN E 116 -21.99 36.48 -15.47
N LEU E 117 -20.86 36.89 -16.06
CA LEU E 117 -20.67 38.31 -16.34
C LEU E 117 -21.57 38.78 -17.47
N TYR E 118 -21.60 38.03 -18.57
CA TYR E 118 -22.52 38.33 -19.66
C TYR E 118 -23.95 38.47 -19.12
N ASP E 119 -24.37 37.53 -18.28
CA ASP E 119 -25.72 37.60 -17.73
C ASP E 119 -25.87 38.83 -16.84
N LYS E 120 -24.86 39.14 -16.01
CA LYS E 120 -24.99 40.26 -15.10
C LYS E 120 -25.21 41.57 -15.86
N VAL E 121 -24.68 41.66 -17.08
CA VAL E 121 -24.92 42.85 -17.89
C VAL E 121 -26.28 42.78 -18.59
N ARG E 122 -26.61 41.60 -19.12
CA ARG E 122 -27.92 41.38 -19.75
C ARG E 122 -29.06 41.80 -18.83
N LEU E 123 -28.98 41.41 -17.56
CA LEU E 123 -30.03 41.72 -16.60
C LEU E 123 -30.16 43.22 -16.37
N GLN E 124 -29.05 43.96 -16.42
CA GLN E 124 -29.12 45.41 -16.28
C GLN E 124 -29.79 46.05 -17.49
N LEU E 125 -29.50 45.56 -18.69
CA LEU E 125 -29.93 46.36 -19.84
C LEU E 125 -31.30 45.96 -20.39
N ARG E 126 -31.62 44.67 -20.47
CA ARG E 126 -32.95 44.20 -20.92
C ARG E 126 -33.17 44.67 -22.36
N ASP E 127 -34.29 45.30 -22.68
CA ASP E 127 -34.59 45.77 -24.02
C ASP E 127 -34.03 47.15 -24.34
N ASN E 128 -33.26 47.75 -23.42
CA ASN E 128 -32.53 48.96 -23.75
C ASN E 128 -31.43 48.71 -24.78
N ALA E 129 -31.00 47.45 -24.92
CA ALA E 129 -30.02 47.05 -25.91
C ALA E 129 -30.49 45.77 -26.59
N LYS E 130 -29.73 45.32 -27.58
CA LYS E 130 -30.06 44.17 -28.39
C LYS E 130 -28.92 43.16 -28.27
N GLU E 131 -29.24 41.98 -27.73
CA GLU E 131 -28.25 40.90 -27.65
C GLU E 131 -27.97 40.37 -29.05
N LEU E 132 -26.77 40.63 -29.55
CA LEU E 132 -26.37 40.09 -30.84
C LEU E 132 -26.10 38.60 -30.80
N GLY E 133 -26.02 38.00 -29.61
CA GLY E 133 -25.71 36.60 -29.46
C GLY E 133 -24.27 36.24 -29.79
N ASN E 134 -23.40 37.24 -29.93
CA ASN E 134 -21.97 37.02 -30.10
C ASN E 134 -21.19 37.44 -28.86
N GLY E 135 -21.88 37.77 -27.78
CA GLY E 135 -21.26 38.32 -26.59
C GLY E 135 -21.42 39.82 -26.48
N CYS E 136 -21.98 40.47 -27.48
CA CYS E 136 -22.11 41.92 -27.50
C CYS E 136 -23.57 42.33 -27.34
N PHE E 137 -23.75 43.54 -26.83
CA PHE E 137 -25.04 44.21 -26.73
C PHE E 137 -24.95 45.48 -27.56
N GLU E 138 -25.69 45.52 -28.66
CA GLU E 138 -25.84 46.72 -29.47
C GLU E 138 -26.90 47.62 -28.84
N PHE E 139 -26.48 48.72 -28.24
CA PHE E 139 -27.40 49.59 -27.53
C PHE E 139 -28.50 50.12 -28.46
N TYR E 140 -29.59 50.57 -27.84
CA TYR E 140 -30.67 51.24 -28.56
C TYR E 140 -30.68 52.74 -28.29
N HIS E 141 -29.64 53.27 -27.67
CA HIS E 141 -29.57 54.70 -27.42
C HIS E 141 -28.10 55.09 -27.51
N LYS E 142 -27.75 56.23 -26.92
CA LYS E 142 -26.41 56.78 -27.04
C LYS E 142 -25.75 56.68 -25.67
N CYS E 143 -24.84 55.72 -25.54
CA CYS E 143 -24.15 55.43 -24.29
C CYS E 143 -22.77 56.05 -24.39
N ASP E 144 -22.66 57.25 -23.87
CA ASP E 144 -21.39 57.91 -23.85
C ASP E 144 -20.49 57.14 -22.89
N ASN E 145 -19.32 57.68 -22.60
CA ASN E 145 -18.39 56.97 -21.73
C ASN E 145 -18.81 56.85 -20.28
N GLU E 146 -19.70 57.69 -19.80
CA GLU E 146 -20.16 57.59 -18.44
C GLU E 146 -21.27 56.55 -18.37
N CYS E 147 -21.94 56.33 -19.49
CA CYS E 147 -22.99 55.37 -19.57
C CYS E 147 -22.28 54.04 -19.54
N MET E 148 -21.19 53.95 -20.28
CA MET E 148 -20.40 52.72 -20.32
C MET E 148 -19.82 52.37 -18.95
N GLU E 149 -19.15 53.33 -18.30
CA GLU E 149 -18.59 53.08 -16.98
C GLU E 149 -19.66 52.65 -15.99
N SER E 150 -20.88 53.17 -16.11
CA SER E 150 -21.99 52.70 -15.29
C SER E 150 -22.28 51.23 -15.55
N VAL E 151 -22.40 50.85 -16.83
CA VAL E 151 -22.63 49.45 -17.18
C VAL E 151 -21.55 48.57 -16.53
N ARG E 152 -20.30 49.04 -16.56
CA ARG E 152 -19.20 48.25 -16.00
C ARG E 152 -19.32 48.12 -14.49
N ASN E 153 -19.27 49.24 -13.76
CA ASN E 153 -19.36 49.18 -12.30
C ASN E 153 -20.79 48.94 -11.80
N GLY E 154 -21.70 48.47 -12.67
CA GLY E 154 -22.97 47.92 -12.25
C GLY E 154 -24.07 48.91 -11.95
N THR E 155 -23.85 50.19 -12.14
CA THR E 155 -24.78 51.24 -11.70
C THR E 155 -25.59 51.82 -12.86
N TYR E 156 -26.15 50.96 -13.71
CA TYR E 156 -26.80 51.40 -14.94
C TYR E 156 -28.29 51.65 -14.68
N ASP E 157 -28.69 52.92 -14.72
CA ASP E 157 -30.07 53.34 -14.45
C ASP E 157 -30.92 53.02 -15.67
N TYR E 158 -31.73 51.96 -15.58
CA TYR E 158 -32.57 51.58 -16.72
C TYR E 158 -33.65 52.59 -17.04
N PRO E 159 -34.40 53.16 -16.07
CA PRO E 159 -35.40 54.19 -16.42
C PRO E 159 -34.88 55.28 -17.35
N GLN E 160 -33.72 55.86 -17.02
CA GLN E 160 -33.24 57.08 -17.66
C GLN E 160 -33.26 57.02 -19.18
N TYR E 161 -32.98 55.85 -19.76
CA TYR E 161 -32.86 55.75 -21.21
C TYR E 161 -34.02 55.02 -21.87
N SER E 162 -35.02 54.59 -21.09
CA SER E 162 -36.08 53.72 -21.62
C SER E 162 -36.72 54.35 -22.84
N GLU E 163 -37.30 55.53 -22.65
CA GLU E 163 -37.97 56.27 -23.73
C GLU E 163 -37.18 56.22 -25.02
N GLU E 164 -35.88 56.58 -24.96
CA GLU E 164 -35.16 56.73 -26.21
C GLU E 164 -34.95 55.38 -26.88
N ALA E 165 -34.57 54.38 -26.08
CA ALA E 165 -34.47 53.03 -26.62
C ALA E 165 -35.82 52.58 -27.13
N ARG E 166 -36.87 52.89 -26.36
CA ARG E 166 -38.24 52.56 -26.76
C ARG E 166 -38.50 52.97 -28.20
N LEU E 167 -37.85 54.03 -28.67
CA LEU E 167 -38.17 54.51 -30.01
C LEU E 167 -37.43 53.74 -31.11
N LYS E 168 -36.15 53.37 -30.94
CA LYS E 168 -35.58 52.76 -32.14
C LYS E 168 -35.83 51.27 -32.22
N ARG E 169 -36.26 50.65 -31.12
CA ARG E 169 -36.95 49.37 -31.24
C ARG E 169 -38.24 49.58 -32.00
N GLU E 170 -38.89 50.72 -31.73
CA GLU E 170 -40.03 51.22 -32.49
C GLU E 170 -39.78 51.16 -33.99
N GLU E 171 -38.73 51.84 -34.44
CA GLU E 171 -38.64 52.35 -35.81
C GLU E 171 -37.44 51.78 -36.58
N LEU F 1 -20.29 26.73 -11.25
CA LEU F 1 -21.26 27.63 -10.62
C LEU F 1 -22.34 28.11 -11.60
N PHE F 2 -23.59 28.05 -11.16
CA PHE F 2 -24.73 28.38 -12.02
C PHE F 2 -25.28 29.77 -11.74
N GLY F 3 -24.56 30.60 -10.99
CA GLY F 3 -24.85 32.01 -10.87
C GLY F 3 -26.17 32.38 -10.23
N ALA F 4 -26.87 31.43 -9.61
CA ALA F 4 -28.15 31.73 -8.98
C ALA F 4 -27.97 31.99 -7.48
N ILE F 5 -27.62 30.95 -6.72
CA ILE F 5 -27.41 31.12 -5.28
C ILE F 5 -26.21 32.03 -5.06
N ALA F 6 -26.42 33.09 -4.28
CA ALA F 6 -25.44 34.15 -4.06
C ALA F 6 -25.01 34.81 -5.37
N GLY F 7 -25.86 34.73 -6.39
CA GLY F 7 -25.60 35.33 -7.68
C GLY F 7 -26.63 36.39 -8.00
N PHE F 8 -27.50 36.15 -8.99
CA PHE F 8 -28.56 37.11 -9.23
C PHE F 8 -29.68 37.04 -8.20
N ILE F 9 -29.69 36.00 -7.34
CA ILE F 9 -30.55 35.95 -6.16
C ILE F 9 -29.68 36.26 -4.97
N GLU F 10 -29.65 37.54 -4.60
CA GLU F 10 -28.57 37.98 -3.73
C GLU F 10 -28.86 37.66 -2.26
N GLY F 11 -29.21 36.45 -1.91
CA GLY F 11 -29.43 36.09 -0.51
C GLY F 11 -30.54 35.07 -0.31
N GLY F 12 -30.42 34.28 0.76
CA GLY F 12 -31.46 33.36 1.15
C GLY F 12 -32.55 34.00 2.00
N TRP F 13 -33.58 33.21 2.29
CA TRP F 13 -34.76 33.68 3.01
C TRP F 13 -34.82 32.98 4.36
N GLN F 14 -34.59 33.74 5.43
CA GLN F 14 -34.82 33.23 6.78
C GLN F 14 -36.25 32.70 6.93
N GLY F 15 -37.19 33.22 6.15
CA GLY F 15 -38.60 32.95 6.33
C GLY F 15 -39.13 31.64 5.76
N MET F 16 -38.38 30.95 4.91
CA MET F 16 -38.89 29.73 4.26
C MET F 16 -38.38 28.52 5.04
N VAL F 17 -39.16 28.08 6.03
CA VAL F 17 -38.77 26.97 6.87
C VAL F 17 -39.13 25.60 6.32
N ASP F 18 -40.10 25.51 5.40
CA ASP F 18 -40.57 24.20 4.94
C ASP F 18 -39.59 23.49 4.01
N GLY F 19 -38.60 24.17 3.46
CA GLY F 19 -37.80 23.50 2.45
C GLY F 19 -36.59 24.30 2.03
N TRP F 20 -35.85 23.72 1.09
CA TRP F 20 -34.59 24.31 0.64
C TRP F 20 -34.83 25.39 -0.41
N TYR F 21 -35.75 25.16 -1.34
CA TYR F 21 -36.06 26.10 -2.40
C TYR F 21 -37.56 26.37 -2.41
N GLY F 22 -37.95 27.53 -2.96
CA GLY F 22 -39.37 27.80 -3.07
C GLY F 22 -39.65 29.22 -3.51
N TYR F 23 -40.87 29.67 -3.21
CA TYR F 23 -41.43 30.91 -3.72
C TYR F 23 -41.82 31.84 -2.58
N HIS F 24 -41.74 33.14 -2.86
CA HIS F 24 -42.29 34.18 -2.00
C HIS F 24 -43.20 35.06 -2.84
N HIS F 25 -44.48 35.12 -2.49
CA HIS F 25 -45.43 35.88 -3.28
C HIS F 25 -45.92 37.09 -2.50
N SER F 26 -46.41 38.09 -3.25
CA SER F 26 -46.99 39.29 -2.68
C SER F 26 -48.02 39.85 -3.65
N ASN F 27 -49.31 39.71 -3.30
CA ASN F 27 -50.42 40.31 -4.04
C ASN F 27 -51.29 41.10 -3.07
N GLU F 28 -52.47 41.53 -3.51
CA GLU F 28 -53.26 42.47 -2.71
C GLU F 28 -53.94 41.80 -1.53
N GLN F 29 -54.00 40.48 -1.49
CA GLN F 29 -54.44 39.76 -0.29
C GLN F 29 -53.29 39.43 0.67
N GLY F 30 -52.10 39.99 0.44
CA GLY F 30 -50.99 39.82 1.36
C GLY F 30 -49.83 39.09 0.70
N SER F 31 -49.01 38.44 1.53
CA SER F 31 -47.77 37.85 1.07
C SER F 31 -47.50 36.57 1.84
N GLY F 32 -46.55 35.80 1.34
CA GLY F 32 -46.19 34.57 2.04
C GLY F 32 -45.07 33.81 1.36
N TYR F 33 -44.68 32.72 2.02
CA TYR F 33 -43.64 31.81 1.56
C TYR F 33 -44.25 30.44 1.32
N ALA F 34 -43.77 29.75 0.29
CA ALA F 34 -44.19 28.38 0.02
C ALA F 34 -43.02 27.60 -0.56
N ALA F 35 -42.59 26.55 0.12
CA ALA F 35 -41.54 25.70 -0.41
C ALA F 35 -42.02 24.92 -1.62
N ASP F 36 -41.12 24.70 -2.58
CA ASP F 36 -41.41 23.88 -3.77
C ASP F 36 -41.09 22.43 -3.42
N ARG F 37 -42.14 21.67 -3.10
CA ARG F 37 -41.96 20.33 -2.53
C ARG F 37 -41.23 19.35 -3.45
N GLU F 38 -41.41 19.47 -4.77
CA GLU F 38 -40.88 18.42 -5.63
C GLU F 38 -39.39 18.62 -5.87
N SER F 39 -38.96 19.84 -6.10
CA SER F 39 -37.53 20.12 -6.27
C SER F 39 -36.77 20.12 -4.95
N THR F 40 -37.48 20.26 -3.83
CA THR F 40 -36.85 20.06 -2.52
C THR F 40 -36.68 18.58 -2.23
N GLN F 41 -37.71 17.77 -2.50
CA GLN F 41 -37.62 16.34 -2.26
C GLN F 41 -36.59 15.67 -3.16
N LYS F 42 -36.52 16.10 -4.43
CA LYS F 42 -35.50 15.54 -5.32
C LYS F 42 -34.09 15.81 -4.81
N ALA F 43 -33.87 17.02 -4.26
CA ALA F 43 -32.54 17.36 -3.80
C ALA F 43 -32.20 16.62 -2.52
N ILE F 44 -33.15 16.48 -1.60
CA ILE F 44 -32.84 15.75 -0.38
C ILE F 44 -32.65 14.26 -0.68
N ASP F 45 -33.37 13.74 -1.69
CA ASP F 45 -33.16 12.37 -2.12
C ASP F 45 -31.75 12.18 -2.66
N GLY F 46 -31.34 13.04 -3.61
CA GLY F 46 -30.03 12.89 -4.21
C GLY F 46 -28.90 13.11 -3.23
N VAL F 47 -29.13 13.94 -2.21
CA VAL F 47 -28.03 14.26 -1.29
C VAL F 47 -27.89 13.19 -0.22
N THR F 48 -29.00 12.63 0.27
CA THR F 48 -28.86 11.49 1.17
C THR F 48 -28.33 10.26 0.45
N ASN F 49 -28.66 10.13 -0.85
CA ASN F 49 -28.08 9.05 -1.63
C ASN F 49 -26.57 9.24 -1.83
N LYS F 50 -26.13 10.49 -2.03
CA LYS F 50 -24.69 10.75 -2.16
C LYS F 50 -23.95 10.48 -0.86
N VAL F 51 -24.55 10.85 0.28
CA VAL F 51 -23.91 10.59 1.58
C VAL F 51 -23.79 9.09 1.82
N ASN F 52 -24.88 8.35 1.59
CA ASN F 52 -24.83 6.90 1.72
C ASN F 52 -23.84 6.29 0.75
N SER F 53 -23.70 6.87 -0.45
CA SER F 53 -22.71 6.38 -1.40
C SER F 53 -21.30 6.52 -0.83
N ILE F 54 -20.99 7.67 -0.23
CA ILE F 54 -19.63 7.87 0.27
C ILE F 54 -19.33 6.91 1.43
N ILE F 55 -20.31 6.72 2.31
CA ILE F 55 -20.11 5.84 3.45
C ILE F 55 -19.97 4.39 2.99
N ASP F 56 -20.89 3.92 2.14
CA ASP F 56 -20.82 2.55 1.66
C ASP F 56 -19.55 2.30 0.84
N LYS F 57 -19.06 3.31 0.13
CA LYS F 57 -17.90 3.11 -0.74
C LYS F 57 -16.61 3.00 0.04
N MET F 58 -16.52 3.63 1.21
CA MET F 58 -15.34 3.40 2.04
C MET F 58 -15.59 2.40 3.15
N ASN F 59 -16.44 1.40 2.89
CA ASN F 59 -16.63 0.30 3.83
C ASN F 59 -15.39 -0.58 3.92
N THR F 60 -14.96 -1.13 2.78
CA THR F 60 -13.75 -1.95 2.75
C THR F 60 -12.56 -1.01 2.71
N GLN F 61 -11.93 -0.81 3.86
CA GLN F 61 -10.76 0.03 3.99
C GLN F 61 -9.58 -0.83 4.44
N PHE F 62 -8.73 -0.28 5.31
CA PHE F 62 -7.55 -0.96 5.82
C PHE F 62 -7.57 -0.94 7.34
N GLU F 63 -7.32 -2.11 7.94
CA GLU F 63 -7.19 -2.21 9.39
C GLU F 63 -5.77 -2.57 9.77
N ALA F 64 -5.16 -1.76 10.63
CA ALA F 64 -3.78 -1.99 11.06
C ALA F 64 -3.78 -3.06 12.14
N VAL F 65 -3.16 -4.20 11.85
CA VAL F 65 -2.99 -5.26 12.83
C VAL F 65 -1.69 -5.03 13.58
N GLY F 66 -1.67 -5.35 14.87
CA GLY F 66 -0.46 -5.25 15.65
C GLY F 66 0.47 -6.44 15.49
N ARG F 67 1.67 -6.20 14.96
CA ARG F 67 2.70 -7.21 14.83
C ARG F 67 3.92 -6.76 15.62
N GLU F 68 4.75 -7.72 16.02
CA GLU F 68 5.90 -7.40 16.87
C GLU F 68 7.15 -8.10 16.36
N PHE F 69 8.29 -7.40 16.49
CA PHE F 69 9.56 -7.84 15.95
C PHE F 69 10.65 -7.61 16.98
N ASN F 70 11.69 -8.45 16.96
CA ASN F 70 12.73 -8.36 17.97
C ASN F 70 13.89 -7.51 17.47
N ASN F 71 14.97 -7.46 18.25
CA ASN F 71 16.04 -6.49 18.04
C ASN F 71 16.85 -6.75 16.77
N LEU F 72 16.82 -7.97 16.24
CA LEU F 72 17.50 -8.27 14.99
C LEU F 72 16.52 -8.48 13.84
N GLU F 73 15.32 -7.91 13.96
CA GLU F 73 14.30 -7.92 12.92
C GLU F 73 13.88 -6.50 12.56
N ARG F 74 14.79 -5.53 12.76
CA ARG F 74 14.43 -4.13 12.61
C ARG F 74 14.11 -3.78 11.17
N ARG F 75 14.66 -4.52 10.20
CA ARG F 75 14.34 -4.27 8.80
C ARG F 75 12.86 -4.49 8.52
N ILE F 76 12.33 -5.67 8.88
CA ILE F 76 10.93 -5.89 8.58
C ILE F 76 10.01 -5.16 9.56
N GLU F 77 10.47 -4.85 10.77
CA GLU F 77 9.72 -3.92 11.62
C GLU F 77 9.50 -2.59 10.90
N ASN F 78 10.58 -2.05 10.33
CA ASN F 78 10.50 -0.80 9.58
C ASN F 78 9.61 -0.95 8.37
N LEU F 79 9.72 -2.08 7.66
CA LEU F 79 8.86 -2.35 6.52
C LEU F 79 7.39 -2.36 6.93
N ASN F 80 7.08 -3.07 8.01
CA ASN F 80 5.72 -3.17 8.51
C ASN F 80 5.15 -1.79 8.84
N LYS F 81 5.94 -0.95 9.52
CA LYS F 81 5.36 0.32 9.93
C LYS F 81 5.20 1.25 8.73
N LYS F 82 6.15 1.23 7.81
CA LYS F 82 5.97 2.08 6.63
C LYS F 82 4.80 1.59 5.78
N MET F 83 4.50 0.29 5.80
CA MET F 83 3.36 -0.23 5.06
C MET F 83 2.04 0.23 5.68
N GLU F 84 1.90 0.05 7.00
CA GLU F 84 0.64 0.46 7.64
C GLU F 84 0.45 1.97 7.57
N ASP F 85 1.52 2.74 7.81
CA ASP F 85 1.45 4.19 7.68
C ASP F 85 1.11 4.61 6.26
N GLY F 86 1.70 3.95 5.26
CA GLY F 86 1.37 4.25 3.88
C GLY F 86 -0.10 4.04 3.58
N PHE F 87 -0.66 2.91 4.01
CA PHE F 87 -2.05 2.64 3.71
C PHE F 87 -2.97 3.62 4.42
N LEU F 88 -2.60 4.08 5.61
CA LEU F 88 -3.49 5.02 6.27
C LEU F 88 -3.35 6.42 5.70
N ASP F 89 -2.13 6.85 5.34
CA ASP F 89 -1.97 8.10 4.61
C ASP F 89 -2.79 8.08 3.32
N VAL F 90 -2.77 6.95 2.61
CA VAL F 90 -3.52 6.82 1.36
C VAL F 90 -5.00 6.98 1.62
N TRP F 91 -5.53 6.23 2.60
CA TRP F 91 -6.97 6.27 2.81
C TRP F 91 -7.45 7.60 3.40
N THR F 92 -6.58 8.35 4.10
CA THR F 92 -7.02 9.66 4.56
C THR F 92 -6.93 10.71 3.46
N TYR F 93 -5.97 10.58 2.54
CA TYR F 93 -6.05 11.37 1.31
C TYR F 93 -7.37 11.09 0.62
N ASN F 94 -7.71 9.81 0.44
CA ASN F 94 -8.94 9.46 -0.26
C ASN F 94 -10.16 10.07 0.42
N ALA F 95 -10.22 9.99 1.75
CA ALA F 95 -11.41 10.49 2.46
C ALA F 95 -11.50 12.01 2.40
N GLU F 96 -10.45 12.71 2.83
CA GLU F 96 -10.46 14.17 2.80
C GLU F 96 -10.76 14.69 1.40
N LEU F 97 -10.11 14.10 0.38
CA LEU F 97 -10.24 14.59 -0.99
C LEU F 97 -11.64 14.35 -1.53
N LEU F 98 -12.21 13.16 -1.28
CA LEU F 98 -13.57 12.90 -1.73
C LEU F 98 -14.56 13.83 -1.06
N VAL F 99 -14.35 14.12 0.23
CA VAL F 99 -15.26 15.03 0.93
C VAL F 99 -15.19 16.43 0.31
N LEU F 100 -13.97 16.93 0.06
CA LEU F 100 -13.83 18.23 -0.57
C LEU F 100 -14.53 18.28 -1.93
N MET F 101 -14.28 17.27 -2.77
CA MET F 101 -14.81 17.31 -4.14
C MET F 101 -16.32 17.23 -4.15
N GLU F 102 -16.90 16.35 -3.34
CA GLU F 102 -18.35 16.25 -3.37
C GLU F 102 -19.03 17.32 -2.54
N ASN F 103 -18.31 18.02 -1.66
CA ASN F 103 -18.86 19.24 -1.08
C ASN F 103 -19.02 20.32 -2.14
N GLU F 104 -17.98 20.51 -2.95
CA GLU F 104 -18.07 21.44 -4.06
C GLU F 104 -19.24 21.07 -4.97
N ARG F 105 -19.35 19.78 -5.31
CA ARG F 105 -20.42 19.38 -6.21
C ARG F 105 -21.80 19.47 -5.57
N THR F 106 -21.89 19.39 -4.24
CA THR F 106 -23.18 19.53 -3.57
C THR F 106 -23.64 20.99 -3.57
N LEU F 107 -22.74 21.90 -3.22
CA LEU F 107 -23.07 23.32 -3.31
C LEU F 107 -23.54 23.69 -4.71
N ASP F 108 -22.81 23.24 -5.74
CA ASP F 108 -23.21 23.57 -7.10
C ASP F 108 -24.49 22.84 -7.52
N PHE F 109 -24.75 21.66 -6.95
CA PHE F 109 -26.03 20.98 -7.15
C PHE F 109 -27.19 21.85 -6.69
N HIS F 110 -27.10 22.36 -5.46
CA HIS F 110 -28.13 23.27 -4.95
C HIS F 110 -28.29 24.49 -5.86
N ASP F 111 -27.18 25.12 -6.23
CA ASP F 111 -27.20 26.23 -7.18
C ASP F 111 -28.01 25.88 -8.43
N SER F 112 -27.68 24.75 -9.07
CA SER F 112 -28.36 24.35 -10.29
C SER F 112 -29.86 24.17 -10.05
N ASN F 113 -30.23 23.52 -8.94
CA ASN F 113 -31.65 23.34 -8.66
C ASN F 113 -32.37 24.69 -8.56
N VAL F 114 -31.73 25.68 -7.94
CA VAL F 114 -32.36 26.99 -7.81
C VAL F 114 -32.55 27.64 -9.18
N LYS F 115 -31.49 27.62 -10.00
CA LYS F 115 -31.60 28.21 -11.34
C LYS F 115 -32.67 27.51 -12.17
N ASN F 116 -32.78 26.18 -12.02
CA ASN F 116 -33.78 25.45 -12.78
C ASN F 116 -35.19 25.79 -12.32
N LEU F 117 -35.38 26.11 -11.03
CA LEU F 117 -36.70 26.54 -10.58
C LEU F 117 -37.04 27.93 -11.12
N TYR F 118 -36.11 28.88 -10.98
CA TYR F 118 -36.31 30.20 -11.56
C TYR F 118 -36.69 30.09 -13.03
N ASP F 119 -35.96 29.27 -13.78
CA ASP F 119 -36.25 29.10 -15.20
C ASP F 119 -37.62 28.47 -15.43
N LYS F 120 -37.98 27.45 -14.67
CA LYS F 120 -39.26 26.80 -14.91
C LYS F 120 -40.42 27.77 -14.68
N VAL F 121 -40.24 28.77 -13.82
CA VAL F 121 -41.30 29.77 -13.67
C VAL F 121 -41.24 30.79 -14.80
N ARG F 122 -40.03 31.22 -15.17
CA ARG F 122 -39.83 32.11 -16.30
C ARG F 122 -40.52 31.59 -17.55
N LEU F 123 -40.37 30.30 -17.84
CA LEU F 123 -40.93 29.70 -19.04
C LEU F 123 -42.46 29.73 -19.01
N GLN F 124 -43.06 29.59 -17.83
CA GLN F 124 -44.51 29.69 -17.71
C GLN F 124 -44.98 31.12 -17.96
N LEU F 125 -44.24 32.10 -17.47
CA LEU F 125 -44.83 33.44 -17.46
C LEU F 125 -44.54 34.25 -18.72
N ARG F 126 -43.33 34.17 -19.27
CA ARG F 126 -42.99 34.85 -20.54
C ARG F 126 -43.13 36.35 -20.32
N ASP F 127 -43.83 37.08 -21.20
CA ASP F 127 -44.03 38.52 -21.06
C ASP F 127 -45.25 38.88 -20.23
N ASN F 128 -45.95 37.91 -19.65
CA ASN F 128 -46.99 38.21 -18.69
C ASN F 128 -46.45 38.88 -17.43
N ALA F 129 -45.16 38.71 -17.15
CA ALA F 129 -44.49 39.35 -16.03
C ALA F 129 -43.17 39.94 -16.50
N LYS F 130 -42.49 40.62 -15.58
CA LYS F 130 -41.27 41.34 -15.88
C LYS F 130 -40.16 40.79 -15.00
N GLU F 131 -39.11 40.24 -15.63
CA GLU F 131 -37.95 39.75 -14.90
C GLU F 131 -37.20 40.93 -14.30
N LEU F 132 -37.26 41.07 -12.98
CA LEU F 132 -36.50 42.11 -12.31
C LEU F 132 -35.01 41.79 -12.27
N GLY F 133 -34.61 40.56 -12.59
CA GLY F 133 -33.22 40.15 -12.50
C GLY F 133 -32.68 40.03 -11.10
N ASN F 134 -33.55 40.07 -10.09
CA ASN F 134 -33.16 39.84 -8.71
C ASN F 134 -33.70 38.52 -8.18
N GLY F 135 -34.28 37.70 -9.06
CA GLY F 135 -34.96 36.48 -8.67
C GLY F 135 -36.46 36.60 -8.63
N CYS F 136 -36.99 37.80 -8.85
CA CYS F 136 -38.42 38.07 -8.77
C CYS F 136 -38.97 38.35 -10.16
N PHE F 137 -40.28 38.10 -10.29
CA PHE F 137 -41.07 38.43 -11.46
C PHE F 137 -42.16 39.38 -10.99
N GLU F 138 -42.08 40.63 -11.46
CA GLU F 138 -43.11 41.64 -11.22
C GLU F 138 -44.21 41.43 -12.25
N PHE F 139 -45.36 40.93 -11.82
CA PHE F 139 -46.44 40.62 -12.74
C PHE F 139 -46.90 41.86 -13.51
N TYR F 140 -47.59 41.61 -14.63
CA TYR F 140 -48.23 42.67 -15.41
C TYR F 140 -49.76 42.63 -15.30
N HIS F 141 -50.31 41.84 -14.39
CA HIS F 141 -51.75 41.73 -14.25
C HIS F 141 -52.09 41.46 -12.79
N LYS F 142 -53.24 40.85 -12.53
CA LYS F 142 -53.70 40.71 -11.15
C LYS F 142 -53.61 39.20 -10.83
N CYS F 143 -52.61 38.86 -10.02
CA CYS F 143 -52.36 37.48 -9.63
C CYS F 143 -52.79 37.35 -8.18
N ASP F 144 -54.03 36.94 -8.01
CA ASP F 144 -54.49 36.72 -6.67
C ASP F 144 -53.94 35.38 -6.17
N ASN F 145 -54.37 34.92 -4.99
CA ASN F 145 -53.68 33.78 -4.37
C ASN F 145 -53.93 32.46 -5.11
N GLU F 146 -54.95 32.39 -5.95
CA GLU F 146 -55.22 31.16 -6.71
C GLU F 146 -54.27 31.10 -7.88
N CYS F 147 -54.10 32.25 -8.49
CA CYS F 147 -53.14 32.47 -9.57
C CYS F 147 -51.71 32.18 -9.11
N MET F 148 -51.36 32.68 -7.93
CA MET F 148 -50.06 32.34 -7.35
C MET F 148 -49.92 30.84 -7.17
N GLU F 149 -50.91 30.20 -6.54
CA GLU F 149 -50.86 28.75 -6.37
C GLU F 149 -50.72 28.03 -7.71
N SER F 150 -51.33 28.56 -8.77
CA SER F 150 -51.14 27.99 -10.10
C SER F 150 -49.67 28.08 -10.51
N VAL F 151 -49.08 29.28 -10.39
CA VAL F 151 -47.67 29.45 -10.72
C VAL F 151 -46.81 28.43 -9.97
N ARG F 152 -47.14 28.20 -8.70
CA ARG F 152 -46.37 27.26 -7.89
C ARG F 152 -46.52 25.84 -8.40
N ASN F 153 -47.75 25.30 -8.37
CA ASN F 153 -47.95 23.91 -8.82
C ASN F 153 -47.94 23.78 -10.36
N GLY F 154 -47.41 24.77 -11.07
CA GLY F 154 -47.06 24.62 -12.48
C GLY F 154 -48.19 24.77 -13.46
N THR F 155 -49.41 25.08 -13.01
CA THR F 155 -50.60 25.04 -13.87
C THR F 155 -51.03 26.44 -14.29
N TYR F 156 -50.10 27.27 -14.75
CA TYR F 156 -50.37 28.68 -15.02
C TYR F 156 -50.83 28.84 -16.47
N ASP F 157 -52.10 29.20 -16.65
CA ASP F 157 -52.70 29.37 -17.97
C ASP F 157 -52.26 30.71 -18.54
N TYR F 158 -51.32 30.68 -19.49
CA TYR F 158 -50.83 31.92 -20.09
C TYR F 158 -51.88 32.67 -20.91
N PRO F 159 -52.66 32.01 -21.78
CA PRO F 159 -53.71 32.77 -22.52
C PRO F 159 -54.57 33.66 -21.65
N GLN F 160 -55.10 33.12 -20.54
CA GLN F 160 -56.14 33.80 -19.75
C GLN F 160 -55.76 35.23 -19.37
N TYR F 161 -54.47 35.49 -19.13
CA TYR F 161 -54.04 36.80 -18.65
C TYR F 161 -53.33 37.62 -19.72
N SER F 162 -53.34 37.16 -20.98
CA SER F 162 -52.55 37.83 -22.01
C SER F 162 -52.98 39.29 -22.16
N GLU F 163 -54.24 39.52 -22.56
CA GLU F 163 -54.77 40.83 -22.84
C GLU F 163 -54.44 41.86 -21.76
N GLU F 164 -54.80 41.65 -20.48
CA GLU F 164 -54.59 42.81 -19.63
C GLU F 164 -53.11 43.03 -19.44
N ALA F 165 -52.30 41.96 -19.32
CA ALA F 165 -50.87 42.18 -19.28
C ALA F 165 -50.39 42.91 -20.53
N ARG F 166 -50.93 42.49 -21.69
CA ARG F 166 -50.60 43.12 -22.97
C ARG F 166 -50.73 44.63 -22.92
N LEU F 167 -51.67 45.15 -22.12
CA LEU F 167 -51.85 46.59 -22.16
C LEU F 167 -50.85 47.32 -21.28
N LYS F 168 -50.53 46.79 -20.10
CA LYS F 168 -49.70 47.59 -19.21
C LYS F 168 -48.23 47.47 -19.56
N ARG F 169 -47.89 46.55 -20.45
CA ARG F 169 -46.60 46.60 -21.12
C ARG F 169 -46.53 47.79 -22.08
N GLU F 170 -47.56 47.98 -22.90
CA GLU F 170 -47.67 49.18 -23.74
C GLU F 170 -47.58 50.45 -22.90
N GLU F 171 -48.32 50.53 -21.81
CA GLU F 171 -48.74 51.80 -21.22
C GLU F 171 -48.02 52.12 -19.91
#